data_2EWR
# 
_entry.id   2EWR 
# 
_audit_conform.dict_name       mmcif_pdbx.dic 
_audit_conform.dict_version    5.398 
_audit_conform.dict_location   http://mmcif.pdb.org/dictionaries/ascii/mmcif_pdbx.dic 
# 
loop_
_database_2.database_id 
_database_2.database_code 
_database_2.pdbx_database_accession 
_database_2.pdbx_DOI 
PDB   2EWR         pdb_00002ewr 10.2210/pdb2ewr/pdb 
RCSB  RCSB035187   ?            ?                   
WWPDB D_1000035187 ?            ?                   
# 
loop_
_pdbx_audit_revision_history.ordinal 
_pdbx_audit_revision_history.data_content_type 
_pdbx_audit_revision_history.major_revision 
_pdbx_audit_revision_history.minor_revision 
_pdbx_audit_revision_history.revision_date 
1 'Structure model' 1 0 2005-12-06 
2 'Structure model' 1 1 2008-05-01 
3 'Structure model' 1 2 2011-07-13 
4 'Structure model' 1 3 2023-01-25 
5 'Structure model' 1 4 2024-11-13 
# 
_pdbx_audit_revision_details.ordinal             1 
_pdbx_audit_revision_details.revision_ordinal    1 
_pdbx_audit_revision_details.data_content_type   'Structure model' 
_pdbx_audit_revision_details.provider            repository 
_pdbx_audit_revision_details.type                'Initial release' 
_pdbx_audit_revision_details.description         ? 
_pdbx_audit_revision_details.details             ? 
# 
loop_
_pdbx_audit_revision_group.ordinal 
_pdbx_audit_revision_group.revision_ordinal 
_pdbx_audit_revision_group.data_content_type 
_pdbx_audit_revision_group.group 
1 2 'Structure model' 'Version format compliance' 
2 3 'Structure model' Advisory                    
3 3 'Structure model' 'Version format compliance' 
4 4 'Structure model' 'Database references'       
5 4 'Structure model' 'Derived calculations'      
6 5 'Structure model' 'Data collection'           
7 5 'Structure model' 'Structure summary'         
# 
loop_
_pdbx_audit_revision_category.ordinal 
_pdbx_audit_revision_category.revision_ordinal 
_pdbx_audit_revision_category.data_content_type 
_pdbx_audit_revision_category.category 
1 4 'Structure model' database_2                
2 4 'Structure model' struct_conn               
3 4 'Structure model' struct_ref_seq_dif        
4 4 'Structure model' struct_site               
5 5 'Structure model' chem_comp_atom            
6 5 'Structure model' chem_comp_bond            
7 5 'Structure model' pdbx_entry_details        
8 5 'Structure model' pdbx_modification_feature 
# 
loop_
_pdbx_audit_revision_item.ordinal 
_pdbx_audit_revision_item.revision_ordinal 
_pdbx_audit_revision_item.data_content_type 
_pdbx_audit_revision_item.item 
1 4 'Structure model' '_database_2.pdbx_DOI'                
2 4 'Structure model' '_database_2.pdbx_database_accession' 
3 4 'Structure model' '_struct_conn.pdbx_leaving_atom_flag' 
4 4 'Structure model' '_struct_ref_seq_dif.details'         
5 4 'Structure model' '_struct_site.pdbx_auth_asym_id'      
6 4 'Structure model' '_struct_site.pdbx_auth_comp_id'      
7 4 'Structure model' '_struct_site.pdbx_auth_seq_id'       
# 
_pdbx_database_status.SG_entry                        Y 
_pdbx_database_status.entry_id                        2EWR 
_pdbx_database_status.deposit_site                    RCSB 
_pdbx_database_status.process_site                    RCSB 
_pdbx_database_status.recvd_initial_deposition_date   2005-11-05 
_pdbx_database_status.status_code                     REL 
_pdbx_database_status.status_code_sf                  REL 
_pdbx_database_status.status_code_mr                  ? 
_pdbx_database_status.pdb_format_compatible           Y 
_pdbx_database_status.status_code_cs                  ? 
_pdbx_database_status.status_code_nmr_data            ? 
_pdbx_database_status.methods_development_category    ? 
# 
_pdbx_database_related.db_name        TargetDB 
_pdbx_database_related.db_id          282879 
_pdbx_database_related.details        . 
_pdbx_database_related.content_type   unspecified 
# 
_audit_author.name           'Joint Center for Structural Genomics (JCSG)' 
_audit_author.pdbx_ordinal   1 
# 
_citation.id                        primary 
_citation.title                     
'Crystal structure of hypothetical protein (tm1012) from Thermotoga maritima at 1.60 A resolution' 
_citation.journal_abbrev            'To be published' 
_citation.journal_volume            ? 
_citation.page_first                ? 
_citation.page_last                 ? 
_citation.year                      ? 
_citation.journal_id_ASTM           ? 
_citation.country                   ? 
_citation.journal_id_ISSN           ? 
_citation.journal_id_CSD            0353 
_citation.book_publisher            ? 
_citation.pdbx_database_id_PubMed   ? 
_citation.pdbx_database_id_DOI      ? 
# 
_citation_author.citation_id        primary 
_citation_author.name               'Joint Center for Structural Genomics (JCSG)' 
_citation_author.ordinal            1 
_citation_author.identifier_ORCID   ? 
# 
loop_
_entity.id 
_entity.type 
_entity.src_method 
_entity.pdbx_description 
_entity.formula_weight 
_entity.pdbx_number_of_molecules 
_entity.pdbx_ec 
_entity.pdbx_mutation 
_entity.pdbx_fragment 
_entity.details 
1 polymer     man 'hypothetical protein TM1012' 20305.697 1   ? ? ? ? 
2 non-polymer syn 1,2-ETHANEDIOL                62.068    5   ? ? ? ? 
3 water       nat water                         18.015    220 ? ? ? ? 
# 
_entity_poly.entity_id                      1 
_entity_poly.type                           'polypeptide(L)' 
_entity_poly.nstd_linkage                   no 
_entity_poly.nstd_monomer                   yes 
_entity_poly.pdbx_seq_one_letter_code       
;(MSE)GSDKIHHHHHH(MSE)IRPEYLRVLRKIYDRLKNEKVNWVVTGSLSFALQGVPVEVHDIDIQTDEEGAYEIERIF
SEFVSKKVRFSSTEKICSHFGELIIDGIKVEI(MSE)GDIRKRLEDGTWEDPVDLNKYKRFVETHG(MSE)KIPVLSLEY
EYQAYLKLGRVEKAETLRKWLNERKG
;
_entity_poly.pdbx_seq_one_letter_code_can   
;MGSDKIHHHHHHMIRPEYLRVLRKIYDRLKNEKVNWVVTGSLSFALQGVPVEVHDIDIQTDEEGAYEIERIFSEFVSKKV
RFSSTEKICSHFGELIIDGIKVEIMGDIRKRLEDGTWEDPVDLNKYKRFVETHGMKIPVLSLEYEYQAYLKLGRVEKAET
LRKWLNERKG
;
_entity_poly.pdbx_strand_id                 A 
_entity_poly.pdbx_target_identifier         282879 
# 
loop_
_pdbx_entity_nonpoly.entity_id 
_pdbx_entity_nonpoly.name 
_pdbx_entity_nonpoly.comp_id 
2 1,2-ETHANEDIOL EDO 
3 water          HOH 
# 
loop_
_entity_poly_seq.entity_id 
_entity_poly_seq.num 
_entity_poly_seq.mon_id 
_entity_poly_seq.hetero 
1 1   MSE n 
1 2   GLY n 
1 3   SER n 
1 4   ASP n 
1 5   LYS n 
1 6   ILE n 
1 7   HIS n 
1 8   HIS n 
1 9   HIS n 
1 10  HIS n 
1 11  HIS n 
1 12  HIS n 
1 13  MSE n 
1 14  ILE n 
1 15  ARG n 
1 16  PRO n 
1 17  GLU n 
1 18  TYR n 
1 19  LEU n 
1 20  ARG n 
1 21  VAL n 
1 22  LEU n 
1 23  ARG n 
1 24  LYS n 
1 25  ILE n 
1 26  TYR n 
1 27  ASP n 
1 28  ARG n 
1 29  LEU n 
1 30  LYS n 
1 31  ASN n 
1 32  GLU n 
1 33  LYS n 
1 34  VAL n 
1 35  ASN n 
1 36  TRP n 
1 37  VAL n 
1 38  VAL n 
1 39  THR n 
1 40  GLY n 
1 41  SER n 
1 42  LEU n 
1 43  SER n 
1 44  PHE n 
1 45  ALA n 
1 46  LEU n 
1 47  GLN n 
1 48  GLY n 
1 49  VAL n 
1 50  PRO n 
1 51  VAL n 
1 52  GLU n 
1 53  VAL n 
1 54  HIS n 
1 55  ASP n 
1 56  ILE n 
1 57  ASP n 
1 58  ILE n 
1 59  GLN n 
1 60  THR n 
1 61  ASP n 
1 62  GLU n 
1 63  GLU n 
1 64  GLY n 
1 65  ALA n 
1 66  TYR n 
1 67  GLU n 
1 68  ILE n 
1 69  GLU n 
1 70  ARG n 
1 71  ILE n 
1 72  PHE n 
1 73  SER n 
1 74  GLU n 
1 75  PHE n 
1 76  VAL n 
1 77  SER n 
1 78  LYS n 
1 79  LYS n 
1 80  VAL n 
1 81  ARG n 
1 82  PHE n 
1 83  SER n 
1 84  SER n 
1 85  THR n 
1 86  GLU n 
1 87  LYS n 
1 88  ILE n 
1 89  CYS n 
1 90  SER n 
1 91  HIS n 
1 92  PHE n 
1 93  GLY n 
1 94  GLU n 
1 95  LEU n 
1 96  ILE n 
1 97  ILE n 
1 98  ASP n 
1 99  GLY n 
1 100 ILE n 
1 101 LYS n 
1 102 VAL n 
1 103 GLU n 
1 104 ILE n 
1 105 MSE n 
1 106 GLY n 
1 107 ASP n 
1 108 ILE n 
1 109 ARG n 
1 110 LYS n 
1 111 ARG n 
1 112 LEU n 
1 113 GLU n 
1 114 ASP n 
1 115 GLY n 
1 116 THR n 
1 117 TRP n 
1 118 GLU n 
1 119 ASP n 
1 120 PRO n 
1 121 VAL n 
1 122 ASP n 
1 123 LEU n 
1 124 ASN n 
1 125 LYS n 
1 126 TYR n 
1 127 LYS n 
1 128 ARG n 
1 129 PHE n 
1 130 VAL n 
1 131 GLU n 
1 132 THR n 
1 133 HIS n 
1 134 GLY n 
1 135 MSE n 
1 136 LYS n 
1 137 ILE n 
1 138 PRO n 
1 139 VAL n 
1 140 LEU n 
1 141 SER n 
1 142 LEU n 
1 143 GLU n 
1 144 TYR n 
1 145 GLU n 
1 146 TYR n 
1 147 GLN n 
1 148 ALA n 
1 149 TYR n 
1 150 LEU n 
1 151 LYS n 
1 152 LEU n 
1 153 GLY n 
1 154 ARG n 
1 155 VAL n 
1 156 GLU n 
1 157 LYS n 
1 158 ALA n 
1 159 GLU n 
1 160 THR n 
1 161 LEU n 
1 162 ARG n 
1 163 LYS n 
1 164 TRP n 
1 165 LEU n 
1 166 ASN n 
1 167 GLU n 
1 168 ARG n 
1 169 LYS n 
1 170 GLY n 
# 
_entity_src_gen.entity_id                          1 
_entity_src_gen.pdbx_src_id                        1 
_entity_src_gen.pdbx_alt_source_flag               sample 
_entity_src_gen.pdbx_seq_type                      ? 
_entity_src_gen.pdbx_beg_seq_num                   ? 
_entity_src_gen.pdbx_end_seq_num                   ? 
_entity_src_gen.gene_src_common_name               ? 
_entity_src_gen.gene_src_genus                     Thermotoga 
_entity_src_gen.pdbx_gene_src_gene                 tm1012 
_entity_src_gen.gene_src_species                   ? 
_entity_src_gen.gene_src_strain                    ? 
_entity_src_gen.gene_src_tissue                    ? 
_entity_src_gen.gene_src_tissue_fraction           ? 
_entity_src_gen.gene_src_details                   ? 
_entity_src_gen.pdbx_gene_src_fragment             ? 
_entity_src_gen.pdbx_gene_src_scientific_name      'Thermotoga maritima' 
_entity_src_gen.pdbx_gene_src_ncbi_taxonomy_id     2336 
_entity_src_gen.pdbx_gene_src_variant              ? 
_entity_src_gen.pdbx_gene_src_cell_line            ? 
_entity_src_gen.pdbx_gene_src_atcc                 ? 
_entity_src_gen.pdbx_gene_src_organ                ? 
_entity_src_gen.pdbx_gene_src_organelle            ? 
_entity_src_gen.pdbx_gene_src_cell                 ? 
_entity_src_gen.pdbx_gene_src_cellular_location    ? 
_entity_src_gen.host_org_common_name               ? 
_entity_src_gen.pdbx_host_org_scientific_name      'Escherichia coli' 
_entity_src_gen.pdbx_host_org_ncbi_taxonomy_id     562 
_entity_src_gen.host_org_genus                     Escherichia 
_entity_src_gen.pdbx_host_org_gene                 ? 
_entity_src_gen.pdbx_host_org_organ                ? 
_entity_src_gen.host_org_species                   ? 
_entity_src_gen.pdbx_host_org_tissue               ? 
_entity_src_gen.pdbx_host_org_tissue_fraction      ? 
_entity_src_gen.pdbx_host_org_strain               ? 
_entity_src_gen.pdbx_host_org_variant              ? 
_entity_src_gen.pdbx_host_org_cell_line            ? 
_entity_src_gen.pdbx_host_org_atcc                 ? 
_entity_src_gen.pdbx_host_org_culture_collection   ? 
_entity_src_gen.pdbx_host_org_cell                 ? 
_entity_src_gen.pdbx_host_org_organelle            ? 
_entity_src_gen.pdbx_host_org_cellular_location    ? 
_entity_src_gen.pdbx_host_org_vector_type          Plasmid 
_entity_src_gen.pdbx_host_org_vector               ? 
_entity_src_gen.host_org_details                   ? 
_entity_src_gen.expression_system_id               ? 
_entity_src_gen.plasmid_name                       ? 
_entity_src_gen.plasmid_details                    ? 
_entity_src_gen.pdbx_description                   ? 
# 
loop_
_chem_comp.id 
_chem_comp.type 
_chem_comp.mon_nstd_flag 
_chem_comp.name 
_chem_comp.pdbx_synonyms 
_chem_comp.formula 
_chem_comp.formula_weight 
ALA 'L-peptide linking' y ALANINE          ?                 'C3 H7 N O2'     89.093  
ARG 'L-peptide linking' y ARGININE         ?                 'C6 H15 N4 O2 1' 175.209 
ASN 'L-peptide linking' y ASPARAGINE       ?                 'C4 H8 N2 O3'    132.118 
ASP 'L-peptide linking' y 'ASPARTIC ACID'  ?                 'C4 H7 N O4'     133.103 
CYS 'L-peptide linking' y CYSTEINE         ?                 'C3 H7 N O2 S'   121.158 
EDO non-polymer         . 1,2-ETHANEDIOL   'ETHYLENE GLYCOL' 'C2 H6 O2'       62.068  
GLN 'L-peptide linking' y GLUTAMINE        ?                 'C5 H10 N2 O3'   146.144 
GLU 'L-peptide linking' y 'GLUTAMIC ACID'  ?                 'C5 H9 N O4'     147.129 
GLY 'peptide linking'   y GLYCINE          ?                 'C2 H5 N O2'     75.067  
HIS 'L-peptide linking' y HISTIDINE        ?                 'C6 H10 N3 O2 1' 156.162 
HOH non-polymer         . WATER            ?                 'H2 O'           18.015  
ILE 'L-peptide linking' y ISOLEUCINE       ?                 'C6 H13 N O2'    131.173 
LEU 'L-peptide linking' y LEUCINE          ?                 'C6 H13 N O2'    131.173 
LYS 'L-peptide linking' y LYSINE           ?                 'C6 H15 N2 O2 1' 147.195 
MET 'L-peptide linking' y METHIONINE       ?                 'C5 H11 N O2 S'  149.211 
MSE 'L-peptide linking' n SELENOMETHIONINE ?                 'C5 H11 N O2 Se' 196.106 
PHE 'L-peptide linking' y PHENYLALANINE    ?                 'C9 H11 N O2'    165.189 
PRO 'L-peptide linking' y PROLINE          ?                 'C5 H9 N O2'     115.130 
SER 'L-peptide linking' y SERINE           ?                 'C3 H7 N O3'     105.093 
THR 'L-peptide linking' y THREONINE        ?                 'C4 H9 N O3'     119.119 
TRP 'L-peptide linking' y TRYPTOPHAN       ?                 'C11 H12 N2 O2'  204.225 
TYR 'L-peptide linking' y TYROSINE         ?                 'C9 H11 N O3'    181.189 
VAL 'L-peptide linking' y VALINE           ?                 'C5 H11 N O2'    117.146 
# 
loop_
_pdbx_poly_seq_scheme.asym_id 
_pdbx_poly_seq_scheme.entity_id 
_pdbx_poly_seq_scheme.seq_id 
_pdbx_poly_seq_scheme.mon_id 
_pdbx_poly_seq_scheme.ndb_seq_num 
_pdbx_poly_seq_scheme.pdb_seq_num 
_pdbx_poly_seq_scheme.auth_seq_num 
_pdbx_poly_seq_scheme.pdb_mon_id 
_pdbx_poly_seq_scheme.auth_mon_id 
_pdbx_poly_seq_scheme.pdb_strand_id 
_pdbx_poly_seq_scheme.pdb_ins_code 
_pdbx_poly_seq_scheme.hetero 
A 1 1   MSE 1   -11 ?   ?   ?   A . n 
A 1 2   GLY 2   -10 ?   ?   ?   A . n 
A 1 3   SER 3   -9  ?   ?   ?   A . n 
A 1 4   ASP 4   -8  ?   ?   ?   A . n 
A 1 5   LYS 5   -7  ?   ?   ?   A . n 
A 1 6   ILE 6   -6  ?   ?   ?   A . n 
A 1 7   HIS 7   -5  ?   ?   ?   A . n 
A 1 8   HIS 8   -4  ?   ?   ?   A . n 
A 1 9   HIS 9   -3  ?   ?   ?   A . n 
A 1 10  HIS 10  -2  ?   ?   ?   A . n 
A 1 11  HIS 11  -1  ?   ?   ?   A . n 
A 1 12  HIS 12  0   ?   ?   ?   A . n 
A 1 13  MSE 13  1   ?   ?   ?   A . n 
A 1 14  ILE 14  2   2   ILE ILE A . n 
A 1 15  ARG 15  3   3   ARG ARG A . n 
A 1 16  PRO 16  4   4   PRO PRO A . n 
A 1 17  GLU 17  5   5   GLU GLU A . n 
A 1 18  TYR 18  6   6   TYR TYR A . n 
A 1 19  LEU 19  7   7   LEU LEU A . n 
A 1 20  ARG 20  8   8   ARG ARG A . n 
A 1 21  VAL 21  9   9   VAL VAL A . n 
A 1 22  LEU 22  10  10  LEU LEU A . n 
A 1 23  ARG 23  11  11  ARG ARG A . n 
A 1 24  LYS 24  12  12  LYS LYS A . n 
A 1 25  ILE 25  13  13  ILE ILE A . n 
A 1 26  TYR 26  14  14  TYR TYR A . n 
A 1 27  ASP 27  15  15  ASP ASP A . n 
A 1 28  ARG 28  16  16  ARG ARG A . n 
A 1 29  LEU 29  17  17  LEU LEU A . n 
A 1 30  LYS 30  18  18  LYS LYS A . n 
A 1 31  ASN 31  19  19  ASN ASN A . n 
A 1 32  GLU 32  20  20  GLU GLU A . n 
A 1 33  LYS 33  21  21  LYS LYS A . n 
A 1 34  VAL 34  22  22  VAL VAL A . n 
A 1 35  ASN 35  23  23  ASN ASN A . n 
A 1 36  TRP 36  24  24  TRP TRP A . n 
A 1 37  VAL 37  25  25  VAL VAL A . n 
A 1 38  VAL 38  26  26  VAL VAL A . n 
A 1 39  THR 39  27  27  THR THR A . n 
A 1 40  GLY 40  28  28  GLY GLY A . n 
A 1 41  SER 41  29  29  SER SER A . n 
A 1 42  LEU 42  30  30  LEU LEU A . n 
A 1 43  SER 43  31  31  SER SER A . n 
A 1 44  PHE 44  32  32  PHE PHE A . n 
A 1 45  ALA 45  33  33  ALA ALA A . n 
A 1 46  LEU 46  34  34  LEU LEU A . n 
A 1 47  GLN 47  35  35  GLN GLN A . n 
A 1 48  GLY 48  36  36  GLY GLY A . n 
A 1 49  VAL 49  37  37  VAL VAL A . n 
A 1 50  PRO 50  38  38  PRO PRO A . n 
A 1 51  VAL 51  39  39  VAL VAL A . n 
A 1 52  GLU 52  40  40  GLU GLU A . n 
A 1 53  VAL 53  41  41  VAL VAL A . n 
A 1 54  HIS 54  42  42  HIS HIS A . n 
A 1 55  ASP 55  43  43  ASP ASP A . n 
A 1 56  ILE 56  44  44  ILE ILE A . n 
A 1 57  ASP 57  45  45  ASP ASP A . n 
A 1 58  ILE 58  46  46  ILE ILE A . n 
A 1 59  GLN 59  47  47  GLN GLN A . n 
A 1 60  THR 60  48  48  THR THR A . n 
A 1 61  ASP 61  49  49  ASP ASP A . n 
A 1 62  GLU 62  50  50  GLU GLU A . n 
A 1 63  GLU 63  51  51  GLU GLU A . n 
A 1 64  GLY 64  52  52  GLY GLY A . n 
A 1 65  ALA 65  53  53  ALA ALA A . n 
A 1 66  TYR 66  54  54  TYR TYR A . n 
A 1 67  GLU 67  55  55  GLU GLU A . n 
A 1 68  ILE 68  56  56  ILE ILE A . n 
A 1 69  GLU 69  57  57  GLU GLU A . n 
A 1 70  ARG 70  58  58  ARG ARG A . n 
A 1 71  ILE 71  59  59  ILE ILE A . n 
A 1 72  PHE 72  60  60  PHE PHE A . n 
A 1 73  SER 73  61  61  SER SER A . n 
A 1 74  GLU 74  62  62  GLU GLU A . n 
A 1 75  PHE 75  63  63  PHE PHE A . n 
A 1 76  VAL 76  64  64  VAL VAL A . n 
A 1 77  SER 77  65  65  SER SER A . n 
A 1 78  LYS 78  66  66  LYS LYS A . n 
A 1 79  LYS 79  67  67  LYS LYS A . n 
A 1 80  VAL 80  68  68  VAL VAL A . n 
A 1 81  ARG 81  69  69  ARG ARG A . n 
A 1 82  PHE 82  70  70  PHE PHE A . n 
A 1 83  SER 83  71  71  SER SER A . n 
A 1 84  SER 84  72  72  SER SER A . n 
A 1 85  THR 85  73  73  THR THR A . n 
A 1 86  GLU 86  74  74  GLU GLU A . n 
A 1 87  LYS 87  75  75  LYS LYS A . n 
A 1 88  ILE 88  76  76  ILE ILE A . n 
A 1 89  CYS 89  77  77  CYS CYS A . n 
A 1 90  SER 90  78  78  SER SER A . n 
A 1 91  HIS 91  79  79  HIS HIS A . n 
A 1 92  PHE 92  80  80  PHE PHE A . n 
A 1 93  GLY 93  81  81  GLY GLY A . n 
A 1 94  GLU 94  82  82  GLU GLU A . n 
A 1 95  LEU 95  83  83  LEU LEU A . n 
A 1 96  ILE 96  84  84  ILE ILE A . n 
A 1 97  ILE 97  85  85  ILE ILE A . n 
A 1 98  ASP 98  86  86  ASP ASP A . n 
A 1 99  GLY 99  87  87  GLY GLY A . n 
A 1 100 ILE 100 88  88  ILE ILE A . n 
A 1 101 LYS 101 89  89  LYS LYS A . n 
A 1 102 VAL 102 90  90  VAL VAL A . n 
A 1 103 GLU 103 91  91  GLU GLU A . n 
A 1 104 ILE 104 92  92  ILE ILE A . n 
A 1 105 MSE 105 93  93  MSE MSE A . n 
A 1 106 GLY 106 94  94  GLY GLY A . n 
A 1 107 ASP 107 95  95  ASP ASP A . n 
A 1 108 ILE 108 96  96  ILE ILE A . n 
A 1 109 ARG 109 97  97  ARG ARG A . n 
A 1 110 LYS 110 98  98  LYS LYS A . n 
A 1 111 ARG 111 99  99  ARG ARG A . n 
A 1 112 LEU 112 100 100 LEU LEU A . n 
A 1 113 GLU 113 101 101 GLU GLU A . n 
A 1 114 ASP 114 102 102 ASP ASP A . n 
A 1 115 GLY 115 103 103 GLY GLY A . n 
A 1 116 THR 116 104 104 THR THR A . n 
A 1 117 TRP 117 105 105 TRP TRP A . n 
A 1 118 GLU 118 106 106 GLU GLU A . n 
A 1 119 ASP 119 107 107 ASP ASP A . n 
A 1 120 PRO 120 108 108 PRO PRO A . n 
A 1 121 VAL 121 109 109 VAL VAL A . n 
A 1 122 ASP 122 110 110 ASP ASP A . n 
A 1 123 LEU 123 111 111 LEU LEU A . n 
A 1 124 ASN 124 112 112 ASN ASN A . n 
A 1 125 LYS 125 113 113 LYS LYS A . n 
A 1 126 TYR 126 114 114 TYR TYR A . n 
A 1 127 LYS 127 115 115 LYS LYS A . n 
A 1 128 ARG 128 116 116 ARG ARG A . n 
A 1 129 PHE 129 117 117 PHE PHE A . n 
A 1 130 VAL 130 118 118 VAL VAL A . n 
A 1 131 GLU 131 119 119 GLU GLU A . n 
A 1 132 THR 132 120 120 THR THR A . n 
A 1 133 HIS 133 121 121 HIS HIS A . n 
A 1 134 GLY 134 122 122 GLY GLY A . n 
A 1 135 MSE 135 123 123 MSE MSE A . n 
A 1 136 LYS 136 124 124 LYS LYS A . n 
A 1 137 ILE 137 125 125 ILE ILE A . n 
A 1 138 PRO 138 126 126 PRO PRO A . n 
A 1 139 VAL 139 127 127 VAL VAL A . n 
A 1 140 LEU 140 128 128 LEU LEU A . n 
A 1 141 SER 141 129 129 SER SER A . n 
A 1 142 LEU 142 130 130 LEU LEU A . n 
A 1 143 GLU 143 131 131 GLU GLU A . n 
A 1 144 TYR 144 132 132 TYR TYR A . n 
A 1 145 GLU 145 133 133 GLU GLU A . n 
A 1 146 TYR 146 134 134 TYR TYR A . n 
A 1 147 GLN 147 135 135 GLN GLN A . n 
A 1 148 ALA 148 136 136 ALA ALA A . n 
A 1 149 TYR 149 137 137 TYR TYR A . n 
A 1 150 LEU 150 138 138 LEU LEU A . n 
A 1 151 LYS 151 139 139 LYS LYS A . n 
A 1 152 LEU 152 140 140 LEU LEU A . n 
A 1 153 GLY 153 141 141 GLY GLY A . n 
A 1 154 ARG 154 142 142 ARG ARG A . n 
A 1 155 VAL 155 143 143 VAL VAL A . n 
A 1 156 GLU 156 144 144 GLU GLU A . n 
A 1 157 LYS 157 145 145 LYS LYS A . n 
A 1 158 ALA 158 146 146 ALA ALA A . n 
A 1 159 GLU 159 147 147 GLU GLU A . n 
A 1 160 THR 160 148 148 THR THR A . n 
A 1 161 LEU 161 149 149 LEU LEU A . n 
A 1 162 ARG 162 150 150 ARG ARG A . n 
A 1 163 LYS 163 151 151 LYS LYS A . n 
A 1 164 TRP 164 152 152 TRP TRP A . n 
A 1 165 LEU 165 153 153 LEU LEU A . n 
A 1 166 ASN 166 154 154 ASN ASN A . n 
A 1 167 GLU 167 155 155 GLU GLU A . n 
A 1 168 ARG 168 156 156 ARG ARG A . n 
A 1 169 LYS 169 157 157 LYS LYS A . n 
A 1 170 GLY 170 158 ?   ?   ?   A . n 
# 
loop_
_pdbx_nonpoly_scheme.asym_id 
_pdbx_nonpoly_scheme.entity_id 
_pdbx_nonpoly_scheme.mon_id 
_pdbx_nonpoly_scheme.ndb_seq_num 
_pdbx_nonpoly_scheme.pdb_seq_num 
_pdbx_nonpoly_scheme.auth_seq_num 
_pdbx_nonpoly_scheme.pdb_mon_id 
_pdbx_nonpoly_scheme.auth_mon_id 
_pdbx_nonpoly_scheme.pdb_strand_id 
_pdbx_nonpoly_scheme.pdb_ins_code 
B 2 EDO 1   159 1   EDO EDO A . 
C 2 EDO 1   160 2   EDO EDO A . 
D 2 EDO 1   161 3   EDO EDO A . 
E 2 EDO 1   162 4   EDO EDO A . 
F 2 EDO 1   163 5   EDO EDO A . 
G 3 HOH 1   164 6   HOH HOH A . 
G 3 HOH 2   165 7   HOH HOH A . 
G 3 HOH 3   166 8   HOH HOH A . 
G 3 HOH 4   167 9   HOH HOH A . 
G 3 HOH 5   168 10  HOH HOH A . 
G 3 HOH 6   169 11  HOH HOH A . 
G 3 HOH 7   170 12  HOH HOH A . 
G 3 HOH 8   171 13  HOH HOH A . 
G 3 HOH 9   172 14  HOH HOH A . 
G 3 HOH 10  173 15  HOH HOH A . 
G 3 HOH 11  174 16  HOH HOH A . 
G 3 HOH 12  175 17  HOH HOH A . 
G 3 HOH 13  176 18  HOH HOH A . 
G 3 HOH 14  177 19  HOH HOH A . 
G 3 HOH 15  178 20  HOH HOH A . 
G 3 HOH 16  179 21  HOH HOH A . 
G 3 HOH 17  180 22  HOH HOH A . 
G 3 HOH 18  181 23  HOH HOH A . 
G 3 HOH 19  182 24  HOH HOH A . 
G 3 HOH 20  183 25  HOH HOH A . 
G 3 HOH 21  184 26  HOH HOH A . 
G 3 HOH 22  185 27  HOH HOH A . 
G 3 HOH 23  186 28  HOH HOH A . 
G 3 HOH 24  187 29  HOH HOH A . 
G 3 HOH 25  188 30  HOH HOH A . 
G 3 HOH 26  189 31  HOH HOH A . 
G 3 HOH 27  190 32  HOH HOH A . 
G 3 HOH 28  191 33  HOH HOH A . 
G 3 HOH 29  192 34  HOH HOH A . 
G 3 HOH 30  193 35  HOH HOH A . 
G 3 HOH 31  194 36  HOH HOH A . 
G 3 HOH 32  195 37  HOH HOH A . 
G 3 HOH 33  196 38  HOH HOH A . 
G 3 HOH 34  197 39  HOH HOH A . 
G 3 HOH 35  198 40  HOH HOH A . 
G 3 HOH 36  199 41  HOH HOH A . 
G 3 HOH 37  200 42  HOH HOH A . 
G 3 HOH 38  201 43  HOH HOH A . 
G 3 HOH 39  202 44  HOH HOH A . 
G 3 HOH 40  203 45  HOH HOH A . 
G 3 HOH 41  204 46  HOH HOH A . 
G 3 HOH 42  205 47  HOH HOH A . 
G 3 HOH 43  206 48  HOH HOH A . 
G 3 HOH 44  207 49  HOH HOH A . 
G 3 HOH 45  208 50  HOH HOH A . 
G 3 HOH 46  209 51  HOH HOH A . 
G 3 HOH 47  210 52  HOH HOH A . 
G 3 HOH 48  211 53  HOH HOH A . 
G 3 HOH 49  212 54  HOH HOH A . 
G 3 HOH 50  213 55  HOH HOH A . 
G 3 HOH 51  214 56  HOH HOH A . 
G 3 HOH 52  215 57  HOH HOH A . 
G 3 HOH 53  216 58  HOH HOH A . 
G 3 HOH 54  217 59  HOH HOH A . 
G 3 HOH 55  218 60  HOH HOH A . 
G 3 HOH 56  219 61  HOH HOH A . 
G 3 HOH 57  220 62  HOH HOH A . 
G 3 HOH 58  221 63  HOH HOH A . 
G 3 HOH 59  222 64  HOH HOH A . 
G 3 HOH 60  223 65  HOH HOH A . 
G 3 HOH 61  224 66  HOH HOH A . 
G 3 HOH 62  225 67  HOH HOH A . 
G 3 HOH 63  226 68  HOH HOH A . 
G 3 HOH 64  227 69  HOH HOH A . 
G 3 HOH 65  228 70  HOH HOH A . 
G 3 HOH 66  229 71  HOH HOH A . 
G 3 HOH 67  230 72  HOH HOH A . 
G 3 HOH 68  231 73  HOH HOH A . 
G 3 HOH 69  232 74  HOH HOH A . 
G 3 HOH 70  233 75  HOH HOH A . 
G 3 HOH 71  234 76  HOH HOH A . 
G 3 HOH 72  235 77  HOH HOH A . 
G 3 HOH 73  236 78  HOH HOH A . 
G 3 HOH 74  237 79  HOH HOH A . 
G 3 HOH 75  238 80  HOH HOH A . 
G 3 HOH 76  239 81  HOH HOH A . 
G 3 HOH 77  240 82  HOH HOH A . 
G 3 HOH 78  241 83  HOH HOH A . 
G 3 HOH 79  242 84  HOH HOH A . 
G 3 HOH 80  243 85  HOH HOH A . 
G 3 HOH 81  244 86  HOH HOH A . 
G 3 HOH 82  245 87  HOH HOH A . 
G 3 HOH 83  246 88  HOH HOH A . 
G 3 HOH 84  247 89  HOH HOH A . 
G 3 HOH 85  248 90  HOH HOH A . 
G 3 HOH 86  249 91  HOH HOH A . 
G 3 HOH 87  250 92  HOH HOH A . 
G 3 HOH 88  251 93  HOH HOH A . 
G 3 HOH 89  252 94  HOH HOH A . 
G 3 HOH 90  253 95  HOH HOH A . 
G 3 HOH 91  254 96  HOH HOH A . 
G 3 HOH 92  255 97  HOH HOH A . 
G 3 HOH 93  256 98  HOH HOH A . 
G 3 HOH 94  257 99  HOH HOH A . 
G 3 HOH 95  258 100 HOH HOH A . 
G 3 HOH 96  259 101 HOH HOH A . 
G 3 HOH 97  260 102 HOH HOH A . 
G 3 HOH 98  261 103 HOH HOH A . 
G 3 HOH 99  262 104 HOH HOH A . 
G 3 HOH 100 263 105 HOH HOH A . 
G 3 HOH 101 264 106 HOH HOH A . 
G 3 HOH 102 265 107 HOH HOH A . 
G 3 HOH 103 266 108 HOH HOH A . 
G 3 HOH 104 267 109 HOH HOH A . 
G 3 HOH 105 268 110 HOH HOH A . 
G 3 HOH 106 269 111 HOH HOH A . 
G 3 HOH 107 270 112 HOH HOH A . 
G 3 HOH 108 271 113 HOH HOH A . 
G 3 HOH 109 272 114 HOH HOH A . 
G 3 HOH 110 273 115 HOH HOH A . 
G 3 HOH 111 274 116 HOH HOH A . 
G 3 HOH 112 275 117 HOH HOH A . 
G 3 HOH 113 276 118 HOH HOH A . 
G 3 HOH 114 277 119 HOH HOH A . 
G 3 HOH 115 278 120 HOH HOH A . 
G 3 HOH 116 279 121 HOH HOH A . 
G 3 HOH 117 280 122 HOH HOH A . 
G 3 HOH 118 281 123 HOH HOH A . 
G 3 HOH 119 282 124 HOH HOH A . 
G 3 HOH 120 283 125 HOH HOH A . 
G 3 HOH 121 284 126 HOH HOH A . 
G 3 HOH 122 285 127 HOH HOH A . 
G 3 HOH 123 286 128 HOH HOH A . 
G 3 HOH 124 287 129 HOH HOH A . 
G 3 HOH 125 288 130 HOH HOH A . 
G 3 HOH 126 289 131 HOH HOH A . 
G 3 HOH 127 290 132 HOH HOH A . 
G 3 HOH 128 291 133 HOH HOH A . 
G 3 HOH 129 292 134 HOH HOH A . 
G 3 HOH 130 293 135 HOH HOH A . 
G 3 HOH 131 294 136 HOH HOH A . 
G 3 HOH 132 295 137 HOH HOH A . 
G 3 HOH 133 296 138 HOH HOH A . 
G 3 HOH 134 297 139 HOH HOH A . 
G 3 HOH 135 298 140 HOH HOH A . 
G 3 HOH 136 299 141 HOH HOH A . 
G 3 HOH 137 300 142 HOH HOH A . 
G 3 HOH 138 301 143 HOH HOH A . 
G 3 HOH 139 302 144 HOH HOH A . 
G 3 HOH 140 303 145 HOH HOH A . 
G 3 HOH 141 304 146 HOH HOH A . 
G 3 HOH 142 305 147 HOH HOH A . 
G 3 HOH 143 306 148 HOH HOH A . 
G 3 HOH 144 307 149 HOH HOH A . 
G 3 HOH 145 308 150 HOH HOH A . 
G 3 HOH 146 309 151 HOH HOH A . 
G 3 HOH 147 310 152 HOH HOH A . 
G 3 HOH 148 311 153 HOH HOH A . 
G 3 HOH 149 312 154 HOH HOH A . 
G 3 HOH 150 313 155 HOH HOH A . 
G 3 HOH 151 314 156 HOH HOH A . 
G 3 HOH 152 315 157 HOH HOH A . 
G 3 HOH 153 316 158 HOH HOH A . 
G 3 HOH 154 317 159 HOH HOH A . 
G 3 HOH 155 318 160 HOH HOH A . 
G 3 HOH 156 319 161 HOH HOH A . 
G 3 HOH 157 320 162 HOH HOH A . 
G 3 HOH 158 321 163 HOH HOH A . 
G 3 HOH 159 322 164 HOH HOH A . 
G 3 HOH 160 323 165 HOH HOH A . 
G 3 HOH 161 324 166 HOH HOH A . 
G 3 HOH 162 325 167 HOH HOH A . 
G 3 HOH 163 326 168 HOH HOH A . 
G 3 HOH 164 327 169 HOH HOH A . 
G 3 HOH 165 328 170 HOH HOH A . 
G 3 HOH 166 329 171 HOH HOH A . 
G 3 HOH 167 330 172 HOH HOH A . 
G 3 HOH 168 331 173 HOH HOH A . 
G 3 HOH 169 332 174 HOH HOH A . 
G 3 HOH 170 333 175 HOH HOH A . 
G 3 HOH 171 334 176 HOH HOH A . 
G 3 HOH 172 335 177 HOH HOH A . 
G 3 HOH 173 336 178 HOH HOH A . 
G 3 HOH 174 337 179 HOH HOH A . 
G 3 HOH 175 338 180 HOH HOH A . 
G 3 HOH 176 339 181 HOH HOH A . 
G 3 HOH 177 340 182 HOH HOH A . 
G 3 HOH 178 341 183 HOH HOH A . 
G 3 HOH 179 342 184 HOH HOH A . 
G 3 HOH 180 343 185 HOH HOH A . 
G 3 HOH 181 344 186 HOH HOH A . 
G 3 HOH 182 345 187 HOH HOH A . 
G 3 HOH 183 346 188 HOH HOH A . 
G 3 HOH 184 347 189 HOH HOH A . 
G 3 HOH 185 348 190 HOH HOH A . 
G 3 HOH 186 349 191 HOH HOH A . 
G 3 HOH 187 350 192 HOH HOH A . 
G 3 HOH 188 351 193 HOH HOH A . 
G 3 HOH 189 352 194 HOH HOH A . 
G 3 HOH 190 353 195 HOH HOH A . 
G 3 HOH 191 354 196 HOH HOH A . 
G 3 HOH 192 355 197 HOH HOH A . 
G 3 HOH 193 356 198 HOH HOH A . 
G 3 HOH 194 357 199 HOH HOH A . 
G 3 HOH 195 358 200 HOH HOH A . 
G 3 HOH 196 359 201 HOH HOH A . 
G 3 HOH 197 360 202 HOH HOH A . 
G 3 HOH 198 361 203 HOH HOH A . 
G 3 HOH 199 362 204 HOH HOH A . 
G 3 HOH 200 363 205 HOH HOH A . 
G 3 HOH 201 364 206 HOH HOH A . 
G 3 HOH 202 365 207 HOH HOH A . 
G 3 HOH 203 366 208 HOH HOH A . 
G 3 HOH 204 367 209 HOH HOH A . 
G 3 HOH 205 368 210 HOH HOH A . 
G 3 HOH 206 369 211 HOH HOH A . 
G 3 HOH 207 370 212 HOH HOH A . 
G 3 HOH 208 371 213 HOH HOH A . 
G 3 HOH 209 372 214 HOH HOH A . 
G 3 HOH 210 373 215 HOH HOH A . 
G 3 HOH 211 374 216 HOH HOH A . 
G 3 HOH 212 375 217 HOH HOH A . 
G 3 HOH 213 376 218 HOH HOH A . 
G 3 HOH 214 377 219 HOH HOH A . 
G 3 HOH 215 378 220 HOH HOH A . 
G 3 HOH 216 379 221 HOH HOH A . 
G 3 HOH 217 380 222 HOH HOH A . 
G 3 HOH 218 381 223 HOH HOH A . 
G 3 HOH 219 382 224 HOH HOH A . 
G 3 HOH 220 383 225 HOH HOH A . 
# 
loop_
_pdbx_unobs_or_zero_occ_atoms.id 
_pdbx_unobs_or_zero_occ_atoms.PDB_model_num 
_pdbx_unobs_or_zero_occ_atoms.polymer_flag 
_pdbx_unobs_or_zero_occ_atoms.occupancy_flag 
_pdbx_unobs_or_zero_occ_atoms.auth_asym_id 
_pdbx_unobs_or_zero_occ_atoms.auth_comp_id 
_pdbx_unobs_or_zero_occ_atoms.auth_seq_id 
_pdbx_unobs_or_zero_occ_atoms.PDB_ins_code 
_pdbx_unobs_or_zero_occ_atoms.auth_atom_id 
_pdbx_unobs_or_zero_occ_atoms.label_alt_id 
_pdbx_unobs_or_zero_occ_atoms.label_asym_id 
_pdbx_unobs_or_zero_occ_atoms.label_comp_id 
_pdbx_unobs_or_zero_occ_atoms.label_seq_id 
_pdbx_unobs_or_zero_occ_atoms.label_atom_id 
1  1 Y 1 A ARG 3   ? NE  ? A ARG 15  NE  
2  1 Y 1 A ARG 3   ? CZ  ? A ARG 15  CZ  
3  1 Y 1 A ARG 3   ? NH1 ? A ARG 15  NH1 
4  1 Y 1 A ARG 3   ? NH2 ? A ARG 15  NH2 
5  1 Y 1 A LYS 21  ? NZ  ? A LYS 33  NZ  
6  1 Y 1 A GLU 40  ? CD  ? A GLU 52  CD  
7  1 Y 1 A GLU 40  ? OE1 ? A GLU 52  OE1 
8  1 Y 1 A GLU 40  ? OE2 ? A GLU 52  OE2 
9  1 Y 1 A GLU 51  ? CD  ? A GLU 63  CD  
10 1 Y 1 A GLU 51  ? OE1 ? A GLU 63  OE1 
11 1 Y 1 A GLU 51  ? OE2 ? A GLU 63  OE2 
12 1 Y 1 A LYS 89  ? CE  ? A LYS 101 CE  
13 1 Y 1 A LYS 89  ? NZ  ? A LYS 101 NZ  
14 1 Y 1 A LYS 124 ? CE  ? A LYS 136 CE  
15 1 Y 1 A LYS 124 ? NZ  ? A LYS 136 NZ  
16 1 Y 1 A LYS 157 ? CE  ? A LYS 169 CE  
17 1 Y 1 A LYS 157 ? NZ  ? A LYS 169 NZ  
# 
loop_
_software.name 
_software.version 
_software.date 
_software.type 
_software.contact_author 
_software.contact_author_email 
_software.classification 
_software.location 
_software.language 
_software.citation_id 
_software.pdbx_ordinal 
REFMAC      5.2.0005 ?               ?       'Murshudov, G.N.' ccp4@dl.ac.uk            refinement        
http://www.ccp4.ac.uk/main.html                                    Fortran ? 1 
XSCALE      .        ?               ?       'Wolfgang Kabsch' ?                        'data scaling'    
http://www.mpimf-heidelberg.mpg.de/~kabsch/xds/xscale_program.html ?       ? 2 
PDB_EXTRACT 1.601    'Jan. 30, 2005' package PDB               sw-help@rcsb.rutgers.edu 'data extraction' 
http://pdb.rutgers.edu/software/                                   C++     ? 3 
XDS         .        ?               ?       ?                 ?                        'data reduction'  ? ?       ? 4 
SOLVE       .        ?               ?       ?                 ?                        phasing           ? ?       ? 5 
# 
_cell.length_a           32.560 
_cell.length_b           36.210 
_cell.length_c           39.280 
_cell.angle_alpha        74.110 
_cell.angle_beta         86.380 
_cell.angle_gamma        79.690 
_cell.entry_id           2EWR 
_cell.pdbx_unique_axis   ? 
_cell.Z_PDB              1 
# 
_symmetry.Int_Tables_number                1 
_symmetry.space_group_name_H-M             'P 1' 
_symmetry.entry_id                         2EWR 
_symmetry.pdbx_full_space_group_name_H-M   ? 
_symmetry.cell_setting                     ? 
_symmetry.space_group_name_Hall            ? 
# 
_exptl.crystals_number   1 
_exptl.method            'X-RAY DIFFRACTION' 
_exptl.entry_id          2EWR 
# 
_exptl_crystal.id                    1 
_exptl_crystal.density_percent_sol   42.99 
_exptl_crystal.density_Matthews      2.16 
_exptl_crystal.description           ? 
_exptl_crystal.density_meas          ? 
_exptl_crystal.F_000                 ? 
_exptl_crystal.preparation           ? 
# 
_exptl_crystal_grow.crystal_id      1 
_exptl_crystal_grow.method          'VAPOR DIFFUSION, SITTING DROP, NANODROP' 
_exptl_crystal_grow.pH              6.9 
_exptl_crystal_grow.temp            277 
_exptl_crystal_grow.pdbx_details    
'0.2M KCl, 20.0% PEG-3350, No Buffer, pH 6.9, VAPOR DIFFUSION, SITTING DROP, NANODROP, temperature 277K' 
_exptl_crystal_grow.temp_details    ? 
_exptl_crystal_grow.pdbx_pH_range   . 
# 
_diffrn.id                     1 
_diffrn.ambient_temp           100 
_diffrn.ambient_temp_details   ? 
_diffrn.crystal_id             1 
# 
_diffrn_detector.diffrn_id              1 
_diffrn_detector.detector               CCD 
_diffrn_detector.type                   'MARMOSAIC 300 mm CCD' 
_diffrn_detector.details                'Adjustable focusing mirrors in K-B geometry' 
_diffrn_detector.pdbx_collection_date   2005-08-04 
# 
_diffrn_radiation.diffrn_id                        1 
_diffrn_radiation.wavelength_id                    1 
_diffrn_radiation.pdbx_diffrn_protocol             MAD 
_diffrn_radiation.monochromator                    'DOUBLE CRYSTAL, SI(111)' 
_diffrn_radiation.pdbx_monochromatic_or_laue_m_l   M 
_diffrn_radiation.pdbx_scattering_type             x-ray 
# 
loop_
_diffrn_radiation_wavelength.id 
_diffrn_radiation_wavelength.wavelength 
_diffrn_radiation_wavelength.wt 
1 0.95372 1.0 
2 0.97960 1.0 
3 0.97942 1.0 
# 
_diffrn_source.diffrn_id                   1 
_diffrn_source.source                      SYNCHROTRON 
_diffrn_source.pdbx_synchrotron_beamline   23-ID-D 
_diffrn_source.type                        'APS BEAMLINE 23-ID-D' 
_diffrn_source.pdbx_wavelength             ? 
_diffrn_source.pdbx_wavelength_list        '0.95372, 0.97960, 0.97942' 
_diffrn_source.pdbx_synchrotron_site       APS 
# 
_reflns.entry_id                     2EWR 
_reflns.d_resolution_low             29.643 
_reflns.d_resolution_high            1.60 
_reflns.number_obs                   20185 
_reflns.percent_possible_obs         88.800 
_reflns.pdbx_Rmerge_I_obs            0.028 
_reflns.pdbx_chi_squared             ? 
_reflns.pdbx_redundancy              3.75 
_reflns.pdbx_scaling_rejects         ? 
_reflns.pdbx_netI_over_sigmaI        18.430 
_reflns.pdbx_Rsym_value              ? 
_reflns.observed_criterion_sigma_F   ? 
_reflns.observed_criterion_sigma_I   ? 
_reflns.number_all                   ? 
_reflns.B_iso_Wilson_estimate        ? 
_reflns.R_free_details               ? 
_reflns.limit_h_max                  ? 
_reflns.limit_h_min                  ? 
_reflns.limit_k_max                  ? 
_reflns.limit_k_min                  ? 
_reflns.limit_l_max                  ? 
_reflns.limit_l_min                  ? 
_reflns.observed_criterion_F_max     ? 
_reflns.observed_criterion_F_min     ? 
_reflns.pdbx_ordinal                 1 
_reflns.pdbx_diffrn_id               1 
# 
loop_
_reflns_shell.d_res_low 
_reflns_shell.d_res_high 
_reflns_shell.number_measured_obs 
_reflns_shell.percent_possible_obs 
_reflns_shell.Rmerge_I_obs 
_reflns_shell.pdbx_chi_squared 
_reflns_shell.pdbx_redundancy 
_reflns_shell.number_unique_obs 
_reflns_shell.meanI_over_sigI_obs 
_reflns_shell.pdbx_Rsym_value 
_reflns_shell.percent_possible_all 
_reflns_shell.number_unique_all 
_reflns_shell.number_measured_all 
_reflns_shell.pdbx_ordinal 
_reflns_shell.pdbx_diffrn_id 
1.66 1.60 3969 50.400 0.095 ? ? 2364 6.960  ? 50.400 ? ? 1  1 
1.72 1.66 4785 71.100 0.134 ? ? 2938 7.890  ? ?      ? ? 2  1 
1.80 1.72 7015 93.500 0.134 ? ? 4248 9.590  ? ?      ? ? 3  1 
1.90 1.80 8537 94.100 0.134 ? ? 4493 12.640 ? ?      ? ? 4  1 
2.02 1.90 8545 95.200 0.134 ? ? 4278 17.070 ? ?      ? ? 5  1 
2.17 2.02 8257 96.300 0.134 ? ? 4132 20.090 ? ?      ? ? 6  1 
2.39 2.17 8621 96.100 0.134 ? ? 4325 21.110 ? ?      ? ? 7  1 
2.73 2.39 8552 97.100 0.134 ? ? 4290 23.090 ? ?      ? ? 8  1 
3.44 2.73 8742 97.300 0.134 ? ? 4392 26.210 ? ?      ? ? 9  1 
?    3.44 8667 96.600 0.134 ? ? 4384 30.940 ? ?      ? ? 10 1 
# 
_refine.ls_d_res_high                            1.600 
_refine.ls_d_res_low                             29.660 
_refine.ls_percent_reflns_obs                    90.080 
_refine.ls_number_reflns_obs                     19130 
_refine.pdbx_ls_cross_valid_method               THROUGHOUT 
_refine.pdbx_R_Free_selection_details            RANDOM 
_refine.ls_R_factor_all                          0.147 
_refine.ls_R_factor_R_work                       0.145 
_refine.ls_R_factor_R_free                       0.18 
_refine.ls_percent_reflns_R_free                 5.200 
_refine.ls_number_reflns_R_free                  1055 
_refine.B_iso_mean                               9.142 
_refine.aniso_B[1][1]                            -0.310 
_refine.aniso_B[2][2]                            -0.190 
_refine.aniso_B[3][3]                            0.390 
_refine.aniso_B[1][2]                            0.200 
_refine.aniso_B[1][3]                            0.030 
_refine.aniso_B[2][3]                            0.050 
_refine.correlation_coeff_Fo_to_Fc               0.964 
_refine.correlation_coeff_Fo_to_Fc_free          0.938 
_refine.pdbx_overall_ESU_R                       0.085 
_refine.pdbx_overall_ESU_R_Free                  0.087 
_refine.overall_SU_ML                            0.043 
_refine.overall_SU_B                             2.357 
_refine.solvent_model_details                    MASK 
_refine.pdbx_solvent_vdw_probe_radii             1.200 
_refine.pdbx_solvent_ion_probe_radii             0.800 
_refine.pdbx_solvent_shrinkage_radii             0.800 
_refine.pdbx_stereochemistry_target_values       'MAXIMUM LIKELIHOOD WITH PHASES' 
_refine.pdbx_method_to_determine_struct          MAD 
_refine.entry_id                                 2EWR 
_refine.pdbx_ls_sigma_F                          ? 
_refine.pdbx_ls_sigma_I                          ? 
_refine.ls_number_reflns_all                     ? 
_refine.ls_R_factor_obs                          0.14658 
_refine.ls_redundancy_reflns_obs                 ? 
_refine.pdbx_data_cutoff_high_absF               ? 
_refine.pdbx_data_cutoff_low_absF                ? 
_refine.ls_number_parameters                     ? 
_refine.ls_number_restraints                     ? 
_refine.ls_R_factor_R_free_error                 ? 
_refine.ls_R_factor_R_free_error_details         ? 
_refine.pdbx_starting_model                      ? 
_refine.pdbx_stereochem_target_val_spec_case     ? 
_refine.solvent_model_param_bsol                 ? 
_refine.solvent_model_param_ksol                 ? 
_refine.occupancy_max                            ? 
_refine.occupancy_min                            ? 
_refine.pdbx_isotropic_thermal_model             ? 
_refine.details                                  
;1. HYDROGENS HAVE BEEN ADDED IN THE RIDING POSITIONS. 2. A MET-INHIBITION PROTOCOL WAS USED FOR SELENOMETHIONINE INCOROPRATION DURING PROTEIN EXPRESSION. THE OCCUPANCY OF THE SE ATOMS IN THE MSE RESIDUES WAS REDUCED TO 0.75 TO ACCOUNT FOR THE REDUCED SCATTERING POWER DUE TO PARTIAL S-MET INCORPORATION.
;
_refine.B_iso_min                                ? 
_refine.B_iso_max                                ? 
_refine.overall_SU_R_Cruickshank_DPI             ? 
_refine.overall_SU_R_free                        ? 
_refine.pdbx_data_cutoff_high_rms_absF           ? 
_refine.ls_wR_factor_R_free                      ? 
_refine.ls_wR_factor_R_work                      ? 
_refine.overall_FOM_free_R_set                   ? 
_refine.overall_FOM_work_R_set                   ? 
_refine.pdbx_refine_id                           'X-RAY DIFFRACTION' 
_refine.pdbx_TLS_residual_ADP_flag               'LIKELY RESIDUAL' 
_refine.pdbx_diffrn_id                           1 
_refine.pdbx_overall_phase_error                 ? 
_refine.pdbx_overall_SU_R_free_Cruickshank_DPI   ? 
_refine.pdbx_overall_SU_R_Blow_DPI               ? 
_refine.pdbx_overall_SU_R_free_Blow_DPI          ? 
# 
_refine_hist.pdbx_refine_id                   'X-RAY DIFFRACTION' 
_refine_hist.cycle_id                         LAST 
_refine_hist.pdbx_number_atoms_protein        1284 
_refine_hist.pdbx_number_atoms_nucleic_acid   0 
_refine_hist.pdbx_number_atoms_ligand         20 
_refine_hist.number_atoms_solvent             220 
_refine_hist.number_atoms_total               1524 
_refine_hist.d_res_high                       1.600 
_refine_hist.d_res_low                        29.660 
# 
loop_
_refine_ls_restr.type 
_refine_ls_restr.number 
_refine_ls_restr.dev_ideal 
_refine_ls_restr.dev_ideal_target 
_refine_ls_restr.weight 
_refine_ls_restr.pdbx_refine_id 
_refine_ls_restr.pdbx_restraint_function 
r_bond_refined_d         1372 0.017  0.022  ? 'X-RAY DIFFRACTION' ? 
r_bond_other_d           1305 0.001  0.020  ? 'X-RAY DIFFRACTION' ? 
r_angle_refined_deg      1849 1.486  1.968  ? 'X-RAY DIFFRACTION' ? 
r_angle_other_deg        3036 0.822  3.000  ? 'X-RAY DIFFRACTION' ? 
r_dihedral_angle_1_deg   167  5.902  5.000  ? 'X-RAY DIFFRACTION' ? 
r_dihedral_angle_2_deg   66   31.229 23.333 ? 'X-RAY DIFFRACTION' ? 
r_dihedral_angle_3_deg   265  11.438 15.000 ? 'X-RAY DIFFRACTION' ? 
r_dihedral_angle_4_deg   12   18.261 15.000 ? 'X-RAY DIFFRACTION' ? 
r_chiral_restr           206  0.093  0.200  ? 'X-RAY DIFFRACTION' ? 
r_gen_planes_refined     1479 0.007  0.020  ? 'X-RAY DIFFRACTION' ? 
r_gen_planes_other       286  0.001  0.020  ? 'X-RAY DIFFRACTION' ? 
r_nbd_refined            251  0.226  0.200  ? 'X-RAY DIFFRACTION' ? 
r_nbd_other              1368 0.190  0.200  ? 'X-RAY DIFFRACTION' ? 
r_nbtor_refined          686  0.183  0.200  ? 'X-RAY DIFFRACTION' ? 
r_nbtor_other            826  0.082  0.200  ? 'X-RAY DIFFRACTION' ? 
r_xyhbond_nbd_refined    152  0.153  0.200  ? 'X-RAY DIFFRACTION' ? 
r_symmetry_vdw_refined   5    0.186  0.200  ? 'X-RAY DIFFRACTION' ? 
r_symmetry_vdw_other     28   0.194  0.200  ? 'X-RAY DIFFRACTION' ? 
r_symmetry_hbond_refined 31   0.191  0.200  ? 'X-RAY DIFFRACTION' ? 
r_mcbond_it              848  2.077  3.000  ? 'X-RAY DIFFRACTION' ? 
r_mcbond_other           325  0.451  3.000  ? 'X-RAY DIFFRACTION' ? 
r_mcangle_it             1303 2.543  5.000  ? 'X-RAY DIFFRACTION' ? 
r_scbond_it              633  4.343  8.000  ? 'X-RAY DIFFRACTION' ? 
r_scangle_it             538  6.283  11.000 ? 'X-RAY DIFFRACTION' ? 
# 
_refine_ls_shell.d_res_high                       1.600 
_refine_ls_shell.d_res_low                        1.642 
_refine_ls_shell.pdbx_total_number_of_bins_used   20 
_refine_ls_shell.percent_reflns_obs               51.500 
_refine_ls_shell.number_reflns_R_work             823 
_refine_ls_shell.R_factor_R_work                  0.138 
_refine_ls_shell.R_factor_R_free                  0.185 
_refine_ls_shell.percent_reflns_R_free            ? 
_refine_ls_shell.number_reflns_R_free             50 
_refine_ls_shell.R_factor_R_free_error            ? 
_refine_ls_shell.number_reflns_obs                ? 
_refine_ls_shell.redundancy_reflns_obs            ? 
_refine_ls_shell.number_reflns_all                ? 
_refine_ls_shell.R_factor_all                     ? 
_refine_ls_shell.pdbx_refine_id                   'X-RAY DIFFRACTION' 
# 
_struct.entry_id                  2EWR 
_struct.title                     
'Crystal structure of a putative nucleotidyltransferase (tm1012) from Thermotoga maritima at 1.60 A resolution' 
_struct.pdbx_model_details        ? 
_struct.pdbx_CASP_flag            ? 
_struct.pdbx_model_type_details   ? 
# 
_struct_keywords.text            
;PUTATIVE NUCLEOTIDYLTRANSFERASE, STRUCTURAL GENOMICS, JOINT CENTER FOR STRUCTURAL GENOMICS, JCSG, PROTEIN STRUCTURE INITIATIVE, PSI-2, TRANSFERASE
;
_struct_keywords.pdbx_keywords   TRANSFERASE 
_struct_keywords.entry_id        2EWR 
# 
loop_
_struct_asym.id 
_struct_asym.pdbx_blank_PDB_chainid_flag 
_struct_asym.pdbx_modified 
_struct_asym.entity_id 
_struct_asym.details 
A N N 1 ? 
B N N 2 ? 
C N N 2 ? 
D N N 2 ? 
E N N 2 ? 
F N N 2 ? 
G N N 3 ? 
# 
_struct_ref.id                         1 
_struct_ref.db_name                    UNP 
_struct_ref.db_code                    Q9X0A5_THEMA 
_struct_ref.pdbx_db_accession          Q9X0A5 
_struct_ref.entity_id                  1 
_struct_ref.pdbx_seq_one_letter_code   
;MIRPEYLRVLRKIYDRLKNEKVNWVVTGSLSFALQGVPVEVHDIDIQTDEEGAYEIERIFSEFVSKKVRFSSTEKICSHF
GELIIDGIKVEIMGDIRKRLEDGTWEDPVDLNKYKRFVETHGMKIPVLSLEYEYQAYLKLGRVEKAETLRKWLNERKG
;
_struct_ref.pdbx_align_begin           1 
_struct_ref.pdbx_db_isoform            ? 
# 
_struct_ref_seq.align_id                      1 
_struct_ref_seq.ref_id                        1 
_struct_ref_seq.pdbx_PDB_id_code              2EWR 
_struct_ref_seq.pdbx_strand_id                A 
_struct_ref_seq.seq_align_beg                 13 
_struct_ref_seq.pdbx_seq_align_beg_ins_code   ? 
_struct_ref_seq.seq_align_end                 170 
_struct_ref_seq.pdbx_seq_align_end_ins_code   ? 
_struct_ref_seq.pdbx_db_accession             Q9X0A5 
_struct_ref_seq.db_align_beg                  1 
_struct_ref_seq.pdbx_db_align_beg_ins_code    ? 
_struct_ref_seq.db_align_end                  158 
_struct_ref_seq.pdbx_db_align_end_ins_code    ? 
_struct_ref_seq.pdbx_auth_seq_align_beg       1 
_struct_ref_seq.pdbx_auth_seq_align_end       158 
# 
loop_
_struct_ref_seq_dif.align_id 
_struct_ref_seq_dif.pdbx_pdb_id_code 
_struct_ref_seq_dif.mon_id 
_struct_ref_seq_dif.pdbx_pdb_strand_id 
_struct_ref_seq_dif.seq_num 
_struct_ref_seq_dif.pdbx_pdb_ins_code 
_struct_ref_seq_dif.pdbx_seq_db_name 
_struct_ref_seq_dif.pdbx_seq_db_accession_code 
_struct_ref_seq_dif.db_mon_id 
_struct_ref_seq_dif.pdbx_seq_db_seq_num 
_struct_ref_seq_dif.details 
_struct_ref_seq_dif.pdbx_auth_seq_num 
_struct_ref_seq_dif.pdbx_ordinal 
1 2EWR MSE A 1   ? UNP Q9X0A5 ?   ?   'expression tag'   -11 1  
1 2EWR GLY A 2   ? UNP Q9X0A5 ?   ?   'expression tag'   -10 2  
1 2EWR SER A 3   ? UNP Q9X0A5 ?   ?   'expression tag'   -9  3  
1 2EWR ASP A 4   ? UNP Q9X0A5 ?   ?   'expression tag'   -8  4  
1 2EWR LYS A 5   ? UNP Q9X0A5 ?   ?   'expression tag'   -7  5  
1 2EWR ILE A 6   ? UNP Q9X0A5 ?   ?   'expression tag'   -6  6  
1 2EWR HIS A 7   ? UNP Q9X0A5 ?   ?   'expression tag'   -5  7  
1 2EWR HIS A 8   ? UNP Q9X0A5 ?   ?   'expression tag'   -4  8  
1 2EWR HIS A 9   ? UNP Q9X0A5 ?   ?   'expression tag'   -3  9  
1 2EWR HIS A 10  ? UNP Q9X0A5 ?   ?   'expression tag'   -2  10 
1 2EWR HIS A 11  ? UNP Q9X0A5 ?   ?   'expression tag'   -1  11 
1 2EWR HIS A 12  ? UNP Q9X0A5 ?   ?   'expression tag'   0   12 
1 2EWR MSE A 13  ? UNP Q9X0A5 MET 1   'modified residue' 1   13 
1 2EWR MSE A 105 ? UNP Q9X0A5 MET 93  'modified residue' 93  14 
1 2EWR MSE A 135 ? UNP Q9X0A5 MET 123 'modified residue' 123 15 
# 
_pdbx_struct_assembly.id                   1 
_pdbx_struct_assembly.details              author_defined_assembly 
_pdbx_struct_assembly.method_details       ? 
_pdbx_struct_assembly.oligomeric_details   monomeric 
_pdbx_struct_assembly.oligomeric_count     1 
# 
_pdbx_struct_assembly_gen.assembly_id       1 
_pdbx_struct_assembly_gen.oper_expression   1 
_pdbx_struct_assembly_gen.asym_id_list      A,B,C,D,E,F,G 
# 
_pdbx_struct_oper_list.id                   1 
_pdbx_struct_oper_list.type                 'identity operation' 
_pdbx_struct_oper_list.name                 1_555 
_pdbx_struct_oper_list.symmetry_operation   x,y,z 
_pdbx_struct_oper_list.matrix[1][1]         1.0000000000 
_pdbx_struct_oper_list.matrix[1][2]         0.0000000000 
_pdbx_struct_oper_list.matrix[1][3]         0.0000000000 
_pdbx_struct_oper_list.vector[1]            0.0000000000 
_pdbx_struct_oper_list.matrix[2][1]         0.0000000000 
_pdbx_struct_oper_list.matrix[2][2]         1.0000000000 
_pdbx_struct_oper_list.matrix[2][3]         0.0000000000 
_pdbx_struct_oper_list.vector[2]            0.0000000000 
_pdbx_struct_oper_list.matrix[3][1]         0.0000000000 
_pdbx_struct_oper_list.matrix[3][2]         0.0000000000 
_pdbx_struct_oper_list.matrix[3][3]         1.0000000000 
_pdbx_struct_oper_list.vector[3]            0.0000000000 
# 
_struct_biol.id   1 
# 
loop_
_struct_conf.conf_type_id 
_struct_conf.id 
_struct_conf.pdbx_PDB_helix_id 
_struct_conf.beg_label_comp_id 
_struct_conf.beg_label_asym_id 
_struct_conf.beg_label_seq_id 
_struct_conf.pdbx_beg_PDB_ins_code 
_struct_conf.end_label_comp_id 
_struct_conf.end_label_asym_id 
_struct_conf.end_label_seq_id 
_struct_conf.pdbx_end_PDB_ins_code 
_struct_conf.beg_auth_comp_id 
_struct_conf.beg_auth_asym_id 
_struct_conf.beg_auth_seq_id 
_struct_conf.end_auth_comp_id 
_struct_conf.end_auth_asym_id 
_struct_conf.end_auth_seq_id 
_struct_conf.pdbx_PDB_helix_class 
_struct_conf.details 
_struct_conf.pdbx_PDB_helix_length 
HELX_P HELX_P1 1 ARG A 15  ? LYS A 30  ? ARG A 3   LYS A 18  1 ? 16 
HELX_P HELX_P2 2 GLY A 40  ? GLN A 47  ? GLY A 28  GLN A 35  1 ? 8  
HELX_P HELX_P3 3 ASP A 61  ? PHE A 72  ? ASP A 49  PHE A 60  1 ? 12 
HELX_P HELX_P4 4 ASP A 122 ? TYR A 126 ? ASP A 110 TYR A 114 1 ? 5  
HELX_P HELX_P5 5 SER A 141 ? GLY A 153 ? SER A 129 GLY A 141 1 ? 13 
HELX_P HELX_P6 6 ARG A 154 ? ARG A 168 ? ARG A 142 ARG A 156 1 ? 15 
# 
_struct_conf_type.id          HELX_P 
_struct_conf_type.criteria    ? 
_struct_conf_type.reference   ? 
# 
loop_
_struct_conn.id 
_struct_conn.conn_type_id 
_struct_conn.pdbx_leaving_atom_flag 
_struct_conn.pdbx_PDB_id 
_struct_conn.ptnr1_label_asym_id 
_struct_conn.ptnr1_label_comp_id 
_struct_conn.ptnr1_label_seq_id 
_struct_conn.ptnr1_label_atom_id 
_struct_conn.pdbx_ptnr1_label_alt_id 
_struct_conn.pdbx_ptnr1_PDB_ins_code 
_struct_conn.pdbx_ptnr1_standard_comp_id 
_struct_conn.ptnr1_symmetry 
_struct_conn.ptnr2_label_asym_id 
_struct_conn.ptnr2_label_comp_id 
_struct_conn.ptnr2_label_seq_id 
_struct_conn.ptnr2_label_atom_id 
_struct_conn.pdbx_ptnr2_label_alt_id 
_struct_conn.pdbx_ptnr2_PDB_ins_code 
_struct_conn.ptnr1_auth_asym_id 
_struct_conn.ptnr1_auth_comp_id 
_struct_conn.ptnr1_auth_seq_id 
_struct_conn.ptnr2_auth_asym_id 
_struct_conn.ptnr2_auth_comp_id 
_struct_conn.ptnr2_auth_seq_id 
_struct_conn.ptnr2_symmetry 
_struct_conn.pdbx_ptnr3_label_atom_id 
_struct_conn.pdbx_ptnr3_label_seq_id 
_struct_conn.pdbx_ptnr3_label_comp_id 
_struct_conn.pdbx_ptnr3_label_asym_id 
_struct_conn.pdbx_ptnr3_label_alt_id 
_struct_conn.pdbx_ptnr3_PDB_ins_code 
_struct_conn.details 
_struct_conn.pdbx_dist_value 
_struct_conn.pdbx_value_order 
_struct_conn.pdbx_role 
covale1 covale both ? A ILE 104 C ? ? ? 1_555 A MSE 105 N ? ? A ILE 92  A MSE 93  1_555 ? ? ? ? ? ? ? 1.329 ? ? 
covale2 covale both ? A MSE 105 C ? ? ? 1_555 A GLY 106 N ? ? A MSE 93  A GLY 94  1_555 ? ? ? ? ? ? ? 1.327 ? ? 
covale3 covale both ? A GLY 134 C ? ? ? 1_555 A MSE 135 N ? ? A GLY 122 A MSE 123 1_555 ? ? ? ? ? ? ? 1.330 ? ? 
covale4 covale both ? A MSE 135 C ? ? ? 1_555 A LYS 136 N ? ? A MSE 123 A LYS 124 1_555 ? ? ? ? ? ? ? 1.309 ? ? 
# 
_struct_conn_type.id          covale 
_struct_conn_type.criteria    ? 
_struct_conn_type.reference   ? 
# 
loop_
_pdbx_modification_feature.ordinal 
_pdbx_modification_feature.label_comp_id 
_pdbx_modification_feature.label_asym_id 
_pdbx_modification_feature.label_seq_id 
_pdbx_modification_feature.label_alt_id 
_pdbx_modification_feature.modified_residue_label_comp_id 
_pdbx_modification_feature.modified_residue_label_asym_id 
_pdbx_modification_feature.modified_residue_label_seq_id 
_pdbx_modification_feature.modified_residue_label_alt_id 
_pdbx_modification_feature.auth_comp_id 
_pdbx_modification_feature.auth_asym_id 
_pdbx_modification_feature.auth_seq_id 
_pdbx_modification_feature.PDB_ins_code 
_pdbx_modification_feature.symmetry 
_pdbx_modification_feature.modified_residue_auth_comp_id 
_pdbx_modification_feature.modified_residue_auth_asym_id 
_pdbx_modification_feature.modified_residue_auth_seq_id 
_pdbx_modification_feature.modified_residue_PDB_ins_code 
_pdbx_modification_feature.modified_residue_symmetry 
_pdbx_modification_feature.comp_id_linking_atom 
_pdbx_modification_feature.modified_residue_id_linking_atom 
_pdbx_modification_feature.modified_residue_id 
_pdbx_modification_feature.ref_pcm_id 
_pdbx_modification_feature.ref_comp_id 
_pdbx_modification_feature.type 
_pdbx_modification_feature.category 
1 MSE A 105 ? . . . . MSE A 93  ? 1_555 . . . . . . . MET 1 MSE Selenomethionine 'Named protein modification' 
2 MSE A 135 ? . . . . MSE A 123 ? 1_555 . . . . . . . MET 1 MSE Selenomethionine 'Named protein modification' 
# 
loop_
_struct_sheet.id 
_struct_sheet.type 
_struct_sheet.number_strands 
_struct_sheet.details 
A ? 5 ? 
B ? 2 ? 
# 
loop_
_struct_sheet_order.sheet_id 
_struct_sheet_order.range_id_1 
_struct_sheet_order.range_id_2 
_struct_sheet_order.offset 
_struct_sheet_order.sense 
A 1 2 ? anti-parallel 
A 2 3 ? parallel      
A 3 4 ? anti-parallel 
A 4 5 ? anti-parallel 
B 1 2 ? anti-parallel 
# 
loop_
_struct_sheet_range.sheet_id 
_struct_sheet_range.id 
_struct_sheet_range.beg_label_comp_id 
_struct_sheet_range.beg_label_asym_id 
_struct_sheet_range.beg_label_seq_id 
_struct_sheet_range.pdbx_beg_PDB_ins_code 
_struct_sheet_range.end_label_comp_id 
_struct_sheet_range.end_label_asym_id 
_struct_sheet_range.end_label_seq_id 
_struct_sheet_range.pdbx_end_PDB_ins_code 
_struct_sheet_range.beg_auth_comp_id 
_struct_sheet_range.beg_auth_asym_id 
_struct_sheet_range.beg_auth_seq_id 
_struct_sheet_range.end_auth_comp_id 
_struct_sheet_range.end_auth_asym_id 
_struct_sheet_range.end_auth_seq_id 
A 1 TRP A 36  ? THR A 39  ? TRP A 24  THR A 27  
A 2 ILE A 56  ? THR A 60  ? ILE A 44  THR A 48  
A 3 ILE A 100 ? LYS A 110 ? ILE A 88  LYS A 98  
A 4 ILE A 88  ? ILE A 97  ? ILE A 76  ILE A 85  
A 5 VAL A 76  ? SER A 84  ? VAL A 64  SER A 72  
B 1 LYS A 127 ? THR A 132 ? LYS A 115 THR A 120 
B 2 MSE A 135 ? LEU A 140 ? MSE A 123 LEU A 128 
# 
loop_
_pdbx_struct_sheet_hbond.sheet_id 
_pdbx_struct_sheet_hbond.range_id_1 
_pdbx_struct_sheet_hbond.range_id_2 
_pdbx_struct_sheet_hbond.range_1_label_atom_id 
_pdbx_struct_sheet_hbond.range_1_label_comp_id 
_pdbx_struct_sheet_hbond.range_1_label_asym_id 
_pdbx_struct_sheet_hbond.range_1_label_seq_id 
_pdbx_struct_sheet_hbond.range_1_PDB_ins_code 
_pdbx_struct_sheet_hbond.range_1_auth_atom_id 
_pdbx_struct_sheet_hbond.range_1_auth_comp_id 
_pdbx_struct_sheet_hbond.range_1_auth_asym_id 
_pdbx_struct_sheet_hbond.range_1_auth_seq_id 
_pdbx_struct_sheet_hbond.range_2_label_atom_id 
_pdbx_struct_sheet_hbond.range_2_label_comp_id 
_pdbx_struct_sheet_hbond.range_2_label_asym_id 
_pdbx_struct_sheet_hbond.range_2_label_seq_id 
_pdbx_struct_sheet_hbond.range_2_PDB_ins_code 
_pdbx_struct_sheet_hbond.range_2_auth_atom_id 
_pdbx_struct_sheet_hbond.range_2_auth_comp_id 
_pdbx_struct_sheet_hbond.range_2_auth_asym_id 
_pdbx_struct_sheet_hbond.range_2_auth_seq_id 
A 1 2 N VAL A 37  ? N VAL A 25  O GLN A 59  ? O GLN A 47  
A 2 3 N ILE A 58  ? N ILE A 46  O GLU A 103 ? O GLU A 91  
A 3 4 O VAL A 102 ? O VAL A 90  N LEU A 95  ? N LEU A 83  
A 4 5 O SER A 90  ? O SER A 78  N SER A 83  ? N SER A 71  
B 1 2 N VAL A 130 ? N VAL A 118 O ILE A 137 ? O ILE A 125 
# 
loop_
_struct_site.id 
_struct_site.pdbx_evidence_code 
_struct_site.pdbx_auth_asym_id 
_struct_site.pdbx_auth_comp_id 
_struct_site.pdbx_auth_seq_id 
_struct_site.pdbx_auth_ins_code 
_struct_site.pdbx_num_residues 
_struct_site.details 
AC1 Software A EDO 159 ? 5 'BINDING SITE FOR RESIDUE EDO A 159' 
AC2 Software A EDO 160 ? 8 'BINDING SITE FOR RESIDUE EDO A 160' 
AC3 Software A EDO 161 ? 6 'BINDING SITE FOR RESIDUE EDO A 161' 
AC4 Software A EDO 162 ? 6 'BINDING SITE FOR RESIDUE EDO A 162' 
AC5 Software A EDO 163 ? 5 'BINDING SITE FOR RESIDUE EDO A 163' 
# 
loop_
_struct_site_gen.id 
_struct_site_gen.site_id 
_struct_site_gen.pdbx_num_res 
_struct_site_gen.label_comp_id 
_struct_site_gen.label_asym_id 
_struct_site_gen.label_seq_id 
_struct_site_gen.pdbx_auth_ins_code 
_struct_site_gen.auth_comp_id 
_struct_site_gen.auth_asym_id 
_struct_site_gen.auth_seq_id 
_struct_site_gen.label_atom_id 
_struct_site_gen.label_alt_id 
_struct_site_gen.symmetry 
_struct_site_gen.details 
1  AC1 5 SER A 83  ? SER A 71  . ? 1_555 ? 
2  AC1 5 SER A 84  ? SER A 72  . ? 1_555 ? 
3  AC1 5 THR A 85  ? THR A 73  . ? 1_555 ? 
4  AC1 5 SER A 90  ? SER A 78  . ? 1_555 ? 
5  AC1 5 HOH G .   ? HOH A 350 . ? 1_555 ? 
6  AC2 8 GLN A 59  ? GLN A 47  . ? 1_555 ? 
7  AC2 8 ILE A 108 ? ILE A 96  . ? 1_555 ? 
8  AC2 8 LYS A 110 ? LYS A 98  . ? 1_555 ? 
9  AC2 8 GLU A 118 ? GLU A 106 . ? 1_555 ? 
10 AC2 8 TYR A 144 ? TYR A 132 . ? 1_555 ? 
11 AC2 8 ALA A 148 ? ALA A 136 . ? 1_555 ? 
12 AC2 8 HOH G .   ? HOH A 182 . ? 1_555 ? 
13 AC2 8 HOH G .   ? HOH A 204 . ? 1_555 ? 
14 AC3 6 ILE A 88  ? ILE A 76  . ? 1_555 ? 
15 AC3 6 ARG A 154 ? ARG A 142 . ? 1_555 ? 
16 AC3 6 HOH G .   ? HOH A 204 . ? 1_555 ? 
17 AC3 6 HOH G .   ? HOH A 218 . ? 1_555 ? 
18 AC3 6 HOH G .   ? HOH A 325 . ? 1_555 ? 
19 AC3 6 HOH G .   ? HOH A 358 . ? 1_555 ? 
20 AC4 6 LYS A 30  ? LYS A 18  . ? 1_555 ? 
21 AC4 6 LYS A 136 ? LYS A 124 . ? 1_555 ? 
22 AC4 6 VAL A 155 ? VAL A 143 . ? 1_565 ? 
23 AC4 6 EDO F .   ? EDO A 163 . ? 1_555 ? 
24 AC4 6 HOH G .   ? HOH A 224 . ? 1_565 ? 
25 AC4 6 HOH G .   ? HOH A 228 . ? 1_555 ? 
26 AC5 5 TRP A 36  ? TRP A 24  . ? 1_555 ? 
27 AC5 5 LYS A 127 ? LYS A 115 . ? 1_555 ? 
28 AC5 5 EDO E .   ? EDO A 162 . ? 1_555 ? 
29 AC5 5 HOH G .   ? HOH A 225 . ? 1_555 ? 
30 AC5 5 HOH G .   ? HOH A 367 . ? 1_555 ? 
# 
_pdbx_entry_details.entry_id                   2EWR 
_pdbx_entry_details.compound_details           ? 
_pdbx_entry_details.source_details             ? 
_pdbx_entry_details.nonpolymer_details         ? 
_pdbx_entry_details.sequence_details           ? 
_pdbx_entry_details.has_ligand_of_interest     ? 
_pdbx_entry_details.has_protein_modification   Y 
# 
_pdbx_SG_project.project_name          'PSI, Protein Structure Initiative' 
_pdbx_SG_project.full_name_of_center   'Joint Center for Structural Genomics' 
_pdbx_SG_project.id                    1 
_pdbx_SG_project.initial_of_center     JCSG 
# 
loop_
_pdbx_struct_mod_residue.id 
_pdbx_struct_mod_residue.label_asym_id 
_pdbx_struct_mod_residue.label_comp_id 
_pdbx_struct_mod_residue.label_seq_id 
_pdbx_struct_mod_residue.auth_asym_id 
_pdbx_struct_mod_residue.auth_comp_id 
_pdbx_struct_mod_residue.auth_seq_id 
_pdbx_struct_mod_residue.PDB_ins_code 
_pdbx_struct_mod_residue.parent_comp_id 
_pdbx_struct_mod_residue.details 
1 A MSE 105 A MSE 93  ? MET SELENOMETHIONINE 
2 A MSE 135 A MSE 123 ? MET SELENOMETHIONINE 
# 
loop_
_pdbx_refine_tls.id 
_pdbx_refine_tls.details 
_pdbx_refine_tls.method 
_pdbx_refine_tls.origin_x 
_pdbx_refine_tls.origin_y 
_pdbx_refine_tls.origin_z 
_pdbx_refine_tls.T[1][1] 
_pdbx_refine_tls.T[2][2] 
_pdbx_refine_tls.T[3][3] 
_pdbx_refine_tls.T[1][2] 
_pdbx_refine_tls.T[1][3] 
_pdbx_refine_tls.T[2][3] 
_pdbx_refine_tls.L[1][1] 
_pdbx_refine_tls.L[2][2] 
_pdbx_refine_tls.L[3][3] 
_pdbx_refine_tls.L[1][2] 
_pdbx_refine_tls.L[1][3] 
_pdbx_refine_tls.L[2][3] 
_pdbx_refine_tls.S[1][1] 
_pdbx_refine_tls.S[2][2] 
_pdbx_refine_tls.S[3][3] 
_pdbx_refine_tls.S[1][2] 
_pdbx_refine_tls.S[1][3] 
_pdbx_refine_tls.S[2][3] 
_pdbx_refine_tls.S[2][1] 
_pdbx_refine_tls.S[3][1] 
_pdbx_refine_tls.S[3][2] 
_pdbx_refine_tls.pdbx_refine_id 
1 ? refined -1.7542 7.3282  4.5389 0.0349  0.0062 0.0296 -0.0121 0.0008 -0.0037 1.5715 1.1417 0.7440 -0.7380 -0.1853 0.1935  -0.0381 0.0367  0.0012  -0.0017 0.0358 -0.0498 0.0097 -0.0363 -0.0152 'X-RAY DIFFRACTION' 
2 ? refined -9.5749 -0.5259 4.4446 0.0049  0.0097 0.0097 -0.0134 0.0004 0.0005  1.6340 0.6886 0.4675 -0.7281 0.2599  -0.1840 -0.0172 -0.0071 0.0243  0.0133  0.0109 0.0059  0.0265 0.0261  -0.0372 'X-RAY DIFFRACTION' 
3 ? refined 3.3525  4.7968  0.6154 -0.0006 0.0094 0.0371 -0.0112 0.0015 0.0036  0.4608 1.1099 1.2973 -0.1727 -0.1133 0.4279  0.0035  0.0316  -0.0351 0.0316  0.0377 -0.0092 0.0211 0.0321  0.0226  'X-RAY DIFFRACTION' 
# 
loop_
_pdbx_refine_tls_group.id 
_pdbx_refine_tls_group.refine_tls_id 
_pdbx_refine_tls_group.beg_label_asym_id 
_pdbx_refine_tls_group.beg_label_seq_id 
_pdbx_refine_tls_group.end_label_asym_id 
_pdbx_refine_tls_group.end_label_seq_id 
_pdbx_refine_tls_group.selection 
_pdbx_refine_tls_group.beg_auth_asym_id 
_pdbx_refine_tls_group.beg_auth_seq_id 
_pdbx_refine_tls_group.end_auth_asym_id 
_pdbx_refine_tls_group.end_auth_seq_id 
_pdbx_refine_tls_group.pdbx_refine_id 
_pdbx_refine_tls_group.selection_details 
1 1 A 14  A 55  all A 2   A 43  'X-RAY DIFFRACTION' ? 
2 2 A 56  A 118 all A 44  A 106 'X-RAY DIFFRACTION' ? 
3 3 A 119 A 169 all A 107 A 157 'X-RAY DIFFRACTION' ? 
# 
_phasing.method   MAD 
# 
loop_
_pdbx_unobs_or_zero_occ_residues.id 
_pdbx_unobs_or_zero_occ_residues.PDB_model_num 
_pdbx_unobs_or_zero_occ_residues.polymer_flag 
_pdbx_unobs_or_zero_occ_residues.occupancy_flag 
_pdbx_unobs_or_zero_occ_residues.auth_asym_id 
_pdbx_unobs_or_zero_occ_residues.auth_comp_id 
_pdbx_unobs_or_zero_occ_residues.auth_seq_id 
_pdbx_unobs_or_zero_occ_residues.PDB_ins_code 
_pdbx_unobs_or_zero_occ_residues.label_asym_id 
_pdbx_unobs_or_zero_occ_residues.label_comp_id 
_pdbx_unobs_or_zero_occ_residues.label_seq_id 
1  1 Y 1 A MSE -11 ? A MSE 1   
2  1 Y 1 A GLY -10 ? A GLY 2   
3  1 Y 1 A SER -9  ? A SER 3   
4  1 Y 1 A ASP -8  ? A ASP 4   
5  1 Y 1 A LYS -7  ? A LYS 5   
6  1 Y 1 A ILE -6  ? A ILE 6   
7  1 Y 1 A HIS -5  ? A HIS 7   
8  1 Y 1 A HIS -4  ? A HIS 8   
9  1 Y 1 A HIS -3  ? A HIS 9   
10 1 Y 1 A HIS -2  ? A HIS 10  
11 1 Y 1 A HIS -1  ? A HIS 11  
12 1 Y 1 A HIS 0   ? A HIS 12  
13 1 Y 1 A MSE 1   ? A MSE 13  
14 1 Y 1 A GLY 158 ? A GLY 170 
# 
loop_
_chem_comp_atom.comp_id 
_chem_comp_atom.atom_id 
_chem_comp_atom.type_symbol 
_chem_comp_atom.pdbx_aromatic_flag 
_chem_comp_atom.pdbx_stereo_config 
_chem_comp_atom.pdbx_ordinal 
ALA N    N  N N 1   
ALA CA   C  N S 2   
ALA C    C  N N 3   
ALA O    O  N N 4   
ALA CB   C  N N 5   
ALA OXT  O  N N 6   
ALA H    H  N N 7   
ALA H2   H  N N 8   
ALA HA   H  N N 9   
ALA HB1  H  N N 10  
ALA HB2  H  N N 11  
ALA HB3  H  N N 12  
ALA HXT  H  N N 13  
ARG N    N  N N 14  
ARG CA   C  N S 15  
ARG C    C  N N 16  
ARG O    O  N N 17  
ARG CB   C  N N 18  
ARG CG   C  N N 19  
ARG CD   C  N N 20  
ARG NE   N  N N 21  
ARG CZ   C  N N 22  
ARG NH1  N  N N 23  
ARG NH2  N  N N 24  
ARG OXT  O  N N 25  
ARG H    H  N N 26  
ARG H2   H  N N 27  
ARG HA   H  N N 28  
ARG HB2  H  N N 29  
ARG HB3  H  N N 30  
ARG HG2  H  N N 31  
ARG HG3  H  N N 32  
ARG HD2  H  N N 33  
ARG HD3  H  N N 34  
ARG HE   H  N N 35  
ARG HH11 H  N N 36  
ARG HH12 H  N N 37  
ARG HH21 H  N N 38  
ARG HH22 H  N N 39  
ARG HXT  H  N N 40  
ASN N    N  N N 41  
ASN CA   C  N S 42  
ASN C    C  N N 43  
ASN O    O  N N 44  
ASN CB   C  N N 45  
ASN CG   C  N N 46  
ASN OD1  O  N N 47  
ASN ND2  N  N N 48  
ASN OXT  O  N N 49  
ASN H    H  N N 50  
ASN H2   H  N N 51  
ASN HA   H  N N 52  
ASN HB2  H  N N 53  
ASN HB3  H  N N 54  
ASN HD21 H  N N 55  
ASN HD22 H  N N 56  
ASN HXT  H  N N 57  
ASP N    N  N N 58  
ASP CA   C  N S 59  
ASP C    C  N N 60  
ASP O    O  N N 61  
ASP CB   C  N N 62  
ASP CG   C  N N 63  
ASP OD1  O  N N 64  
ASP OD2  O  N N 65  
ASP OXT  O  N N 66  
ASP H    H  N N 67  
ASP H2   H  N N 68  
ASP HA   H  N N 69  
ASP HB2  H  N N 70  
ASP HB3  H  N N 71  
ASP HD2  H  N N 72  
ASP HXT  H  N N 73  
CYS N    N  N N 74  
CYS CA   C  N R 75  
CYS C    C  N N 76  
CYS O    O  N N 77  
CYS CB   C  N N 78  
CYS SG   S  N N 79  
CYS OXT  O  N N 80  
CYS H    H  N N 81  
CYS H2   H  N N 82  
CYS HA   H  N N 83  
CYS HB2  H  N N 84  
CYS HB3  H  N N 85  
CYS HG   H  N N 86  
CYS HXT  H  N N 87  
EDO C1   C  N N 88  
EDO O1   O  N N 89  
EDO C2   C  N N 90  
EDO O2   O  N N 91  
EDO H11  H  N N 92  
EDO H12  H  N N 93  
EDO HO1  H  N N 94  
EDO H21  H  N N 95  
EDO H22  H  N N 96  
EDO HO2  H  N N 97  
GLN N    N  N N 98  
GLN CA   C  N S 99  
GLN C    C  N N 100 
GLN O    O  N N 101 
GLN CB   C  N N 102 
GLN CG   C  N N 103 
GLN CD   C  N N 104 
GLN OE1  O  N N 105 
GLN NE2  N  N N 106 
GLN OXT  O  N N 107 
GLN H    H  N N 108 
GLN H2   H  N N 109 
GLN HA   H  N N 110 
GLN HB2  H  N N 111 
GLN HB3  H  N N 112 
GLN HG2  H  N N 113 
GLN HG3  H  N N 114 
GLN HE21 H  N N 115 
GLN HE22 H  N N 116 
GLN HXT  H  N N 117 
GLU N    N  N N 118 
GLU CA   C  N S 119 
GLU C    C  N N 120 
GLU O    O  N N 121 
GLU CB   C  N N 122 
GLU CG   C  N N 123 
GLU CD   C  N N 124 
GLU OE1  O  N N 125 
GLU OE2  O  N N 126 
GLU OXT  O  N N 127 
GLU H    H  N N 128 
GLU H2   H  N N 129 
GLU HA   H  N N 130 
GLU HB2  H  N N 131 
GLU HB3  H  N N 132 
GLU HG2  H  N N 133 
GLU HG3  H  N N 134 
GLU HE2  H  N N 135 
GLU HXT  H  N N 136 
GLY N    N  N N 137 
GLY CA   C  N N 138 
GLY C    C  N N 139 
GLY O    O  N N 140 
GLY OXT  O  N N 141 
GLY H    H  N N 142 
GLY H2   H  N N 143 
GLY HA2  H  N N 144 
GLY HA3  H  N N 145 
GLY HXT  H  N N 146 
HIS N    N  N N 147 
HIS CA   C  N S 148 
HIS C    C  N N 149 
HIS O    O  N N 150 
HIS CB   C  N N 151 
HIS CG   C  Y N 152 
HIS ND1  N  Y N 153 
HIS CD2  C  Y N 154 
HIS CE1  C  Y N 155 
HIS NE2  N  Y N 156 
HIS OXT  O  N N 157 
HIS H    H  N N 158 
HIS H2   H  N N 159 
HIS HA   H  N N 160 
HIS HB2  H  N N 161 
HIS HB3  H  N N 162 
HIS HD1  H  N N 163 
HIS HD2  H  N N 164 
HIS HE1  H  N N 165 
HIS HE2  H  N N 166 
HIS HXT  H  N N 167 
HOH O    O  N N 168 
HOH H1   H  N N 169 
HOH H2   H  N N 170 
ILE N    N  N N 171 
ILE CA   C  N S 172 
ILE C    C  N N 173 
ILE O    O  N N 174 
ILE CB   C  N S 175 
ILE CG1  C  N N 176 
ILE CG2  C  N N 177 
ILE CD1  C  N N 178 
ILE OXT  O  N N 179 
ILE H    H  N N 180 
ILE H2   H  N N 181 
ILE HA   H  N N 182 
ILE HB   H  N N 183 
ILE HG12 H  N N 184 
ILE HG13 H  N N 185 
ILE HG21 H  N N 186 
ILE HG22 H  N N 187 
ILE HG23 H  N N 188 
ILE HD11 H  N N 189 
ILE HD12 H  N N 190 
ILE HD13 H  N N 191 
ILE HXT  H  N N 192 
LEU N    N  N N 193 
LEU CA   C  N S 194 
LEU C    C  N N 195 
LEU O    O  N N 196 
LEU CB   C  N N 197 
LEU CG   C  N N 198 
LEU CD1  C  N N 199 
LEU CD2  C  N N 200 
LEU OXT  O  N N 201 
LEU H    H  N N 202 
LEU H2   H  N N 203 
LEU HA   H  N N 204 
LEU HB2  H  N N 205 
LEU HB3  H  N N 206 
LEU HG   H  N N 207 
LEU HD11 H  N N 208 
LEU HD12 H  N N 209 
LEU HD13 H  N N 210 
LEU HD21 H  N N 211 
LEU HD22 H  N N 212 
LEU HD23 H  N N 213 
LEU HXT  H  N N 214 
LYS N    N  N N 215 
LYS CA   C  N S 216 
LYS C    C  N N 217 
LYS O    O  N N 218 
LYS CB   C  N N 219 
LYS CG   C  N N 220 
LYS CD   C  N N 221 
LYS CE   C  N N 222 
LYS NZ   N  N N 223 
LYS OXT  O  N N 224 
LYS H    H  N N 225 
LYS H2   H  N N 226 
LYS HA   H  N N 227 
LYS HB2  H  N N 228 
LYS HB3  H  N N 229 
LYS HG2  H  N N 230 
LYS HG3  H  N N 231 
LYS HD2  H  N N 232 
LYS HD3  H  N N 233 
LYS HE2  H  N N 234 
LYS HE3  H  N N 235 
LYS HZ1  H  N N 236 
LYS HZ2  H  N N 237 
LYS HZ3  H  N N 238 
LYS HXT  H  N N 239 
MET N    N  N N 240 
MET CA   C  N S 241 
MET C    C  N N 242 
MET O    O  N N 243 
MET CB   C  N N 244 
MET CG   C  N N 245 
MET SD   S  N N 246 
MET CE   C  N N 247 
MET OXT  O  N N 248 
MET H    H  N N 249 
MET H2   H  N N 250 
MET HA   H  N N 251 
MET HB2  H  N N 252 
MET HB3  H  N N 253 
MET HG2  H  N N 254 
MET HG3  H  N N 255 
MET HE1  H  N N 256 
MET HE2  H  N N 257 
MET HE3  H  N N 258 
MET HXT  H  N N 259 
MSE N    N  N N 260 
MSE CA   C  N S 261 
MSE C    C  N N 262 
MSE O    O  N N 263 
MSE OXT  O  N N 264 
MSE CB   C  N N 265 
MSE CG   C  N N 266 
MSE SE   SE N N 267 
MSE CE   C  N N 268 
MSE H    H  N N 269 
MSE H2   H  N N 270 
MSE HA   H  N N 271 
MSE HXT  H  N N 272 
MSE HB2  H  N N 273 
MSE HB3  H  N N 274 
MSE HG2  H  N N 275 
MSE HG3  H  N N 276 
MSE HE1  H  N N 277 
MSE HE2  H  N N 278 
MSE HE3  H  N N 279 
PHE N    N  N N 280 
PHE CA   C  N S 281 
PHE C    C  N N 282 
PHE O    O  N N 283 
PHE CB   C  N N 284 
PHE CG   C  Y N 285 
PHE CD1  C  Y N 286 
PHE CD2  C  Y N 287 
PHE CE1  C  Y N 288 
PHE CE2  C  Y N 289 
PHE CZ   C  Y N 290 
PHE OXT  O  N N 291 
PHE H    H  N N 292 
PHE H2   H  N N 293 
PHE HA   H  N N 294 
PHE HB2  H  N N 295 
PHE HB3  H  N N 296 
PHE HD1  H  N N 297 
PHE HD2  H  N N 298 
PHE HE1  H  N N 299 
PHE HE2  H  N N 300 
PHE HZ   H  N N 301 
PHE HXT  H  N N 302 
PRO N    N  N N 303 
PRO CA   C  N S 304 
PRO C    C  N N 305 
PRO O    O  N N 306 
PRO CB   C  N N 307 
PRO CG   C  N N 308 
PRO CD   C  N N 309 
PRO OXT  O  N N 310 
PRO H    H  N N 311 
PRO HA   H  N N 312 
PRO HB2  H  N N 313 
PRO HB3  H  N N 314 
PRO HG2  H  N N 315 
PRO HG3  H  N N 316 
PRO HD2  H  N N 317 
PRO HD3  H  N N 318 
PRO HXT  H  N N 319 
SER N    N  N N 320 
SER CA   C  N S 321 
SER C    C  N N 322 
SER O    O  N N 323 
SER CB   C  N N 324 
SER OG   O  N N 325 
SER OXT  O  N N 326 
SER H    H  N N 327 
SER H2   H  N N 328 
SER HA   H  N N 329 
SER HB2  H  N N 330 
SER HB3  H  N N 331 
SER HG   H  N N 332 
SER HXT  H  N N 333 
THR N    N  N N 334 
THR CA   C  N S 335 
THR C    C  N N 336 
THR O    O  N N 337 
THR CB   C  N R 338 
THR OG1  O  N N 339 
THR CG2  C  N N 340 
THR OXT  O  N N 341 
THR H    H  N N 342 
THR H2   H  N N 343 
THR HA   H  N N 344 
THR HB   H  N N 345 
THR HG1  H  N N 346 
THR HG21 H  N N 347 
THR HG22 H  N N 348 
THR HG23 H  N N 349 
THR HXT  H  N N 350 
TRP N    N  N N 351 
TRP CA   C  N S 352 
TRP C    C  N N 353 
TRP O    O  N N 354 
TRP CB   C  N N 355 
TRP CG   C  Y N 356 
TRP CD1  C  Y N 357 
TRP CD2  C  Y N 358 
TRP NE1  N  Y N 359 
TRP CE2  C  Y N 360 
TRP CE3  C  Y N 361 
TRP CZ2  C  Y N 362 
TRP CZ3  C  Y N 363 
TRP CH2  C  Y N 364 
TRP OXT  O  N N 365 
TRP H    H  N N 366 
TRP H2   H  N N 367 
TRP HA   H  N N 368 
TRP HB2  H  N N 369 
TRP HB3  H  N N 370 
TRP HD1  H  N N 371 
TRP HE1  H  N N 372 
TRP HE3  H  N N 373 
TRP HZ2  H  N N 374 
TRP HZ3  H  N N 375 
TRP HH2  H  N N 376 
TRP HXT  H  N N 377 
TYR N    N  N N 378 
TYR CA   C  N S 379 
TYR C    C  N N 380 
TYR O    O  N N 381 
TYR CB   C  N N 382 
TYR CG   C  Y N 383 
TYR CD1  C  Y N 384 
TYR CD2  C  Y N 385 
TYR CE1  C  Y N 386 
TYR CE2  C  Y N 387 
TYR CZ   C  Y N 388 
TYR OH   O  N N 389 
TYR OXT  O  N N 390 
TYR H    H  N N 391 
TYR H2   H  N N 392 
TYR HA   H  N N 393 
TYR HB2  H  N N 394 
TYR HB3  H  N N 395 
TYR HD1  H  N N 396 
TYR HD2  H  N N 397 
TYR HE1  H  N N 398 
TYR HE2  H  N N 399 
TYR HH   H  N N 400 
TYR HXT  H  N N 401 
VAL N    N  N N 402 
VAL CA   C  N S 403 
VAL C    C  N N 404 
VAL O    O  N N 405 
VAL CB   C  N N 406 
VAL CG1  C  N N 407 
VAL CG2  C  N N 408 
VAL OXT  O  N N 409 
VAL H    H  N N 410 
VAL H2   H  N N 411 
VAL HA   H  N N 412 
VAL HB   H  N N 413 
VAL HG11 H  N N 414 
VAL HG12 H  N N 415 
VAL HG13 H  N N 416 
VAL HG21 H  N N 417 
VAL HG22 H  N N 418 
VAL HG23 H  N N 419 
VAL HXT  H  N N 420 
# 
loop_
_chem_comp_bond.comp_id 
_chem_comp_bond.atom_id_1 
_chem_comp_bond.atom_id_2 
_chem_comp_bond.value_order 
_chem_comp_bond.pdbx_aromatic_flag 
_chem_comp_bond.pdbx_stereo_config 
_chem_comp_bond.pdbx_ordinal 
ALA N   CA   sing N N 1   
ALA N   H    sing N N 2   
ALA N   H2   sing N N 3   
ALA CA  C    sing N N 4   
ALA CA  CB   sing N N 5   
ALA CA  HA   sing N N 6   
ALA C   O    doub N N 7   
ALA C   OXT  sing N N 8   
ALA CB  HB1  sing N N 9   
ALA CB  HB2  sing N N 10  
ALA CB  HB3  sing N N 11  
ALA OXT HXT  sing N N 12  
ARG N   CA   sing N N 13  
ARG N   H    sing N N 14  
ARG N   H2   sing N N 15  
ARG CA  C    sing N N 16  
ARG CA  CB   sing N N 17  
ARG CA  HA   sing N N 18  
ARG C   O    doub N N 19  
ARG C   OXT  sing N N 20  
ARG CB  CG   sing N N 21  
ARG CB  HB2  sing N N 22  
ARG CB  HB3  sing N N 23  
ARG CG  CD   sing N N 24  
ARG CG  HG2  sing N N 25  
ARG CG  HG3  sing N N 26  
ARG CD  NE   sing N N 27  
ARG CD  HD2  sing N N 28  
ARG CD  HD3  sing N N 29  
ARG NE  CZ   sing N N 30  
ARG NE  HE   sing N N 31  
ARG CZ  NH1  sing N N 32  
ARG CZ  NH2  doub N N 33  
ARG NH1 HH11 sing N N 34  
ARG NH1 HH12 sing N N 35  
ARG NH2 HH21 sing N N 36  
ARG NH2 HH22 sing N N 37  
ARG OXT HXT  sing N N 38  
ASN N   CA   sing N N 39  
ASN N   H    sing N N 40  
ASN N   H2   sing N N 41  
ASN CA  C    sing N N 42  
ASN CA  CB   sing N N 43  
ASN CA  HA   sing N N 44  
ASN C   O    doub N N 45  
ASN C   OXT  sing N N 46  
ASN CB  CG   sing N N 47  
ASN CB  HB2  sing N N 48  
ASN CB  HB3  sing N N 49  
ASN CG  OD1  doub N N 50  
ASN CG  ND2  sing N N 51  
ASN ND2 HD21 sing N N 52  
ASN ND2 HD22 sing N N 53  
ASN OXT HXT  sing N N 54  
ASP N   CA   sing N N 55  
ASP N   H    sing N N 56  
ASP N   H2   sing N N 57  
ASP CA  C    sing N N 58  
ASP CA  CB   sing N N 59  
ASP CA  HA   sing N N 60  
ASP C   O    doub N N 61  
ASP C   OXT  sing N N 62  
ASP CB  CG   sing N N 63  
ASP CB  HB2  sing N N 64  
ASP CB  HB3  sing N N 65  
ASP CG  OD1  doub N N 66  
ASP CG  OD2  sing N N 67  
ASP OD2 HD2  sing N N 68  
ASP OXT HXT  sing N N 69  
CYS N   CA   sing N N 70  
CYS N   H    sing N N 71  
CYS N   H2   sing N N 72  
CYS CA  C    sing N N 73  
CYS CA  CB   sing N N 74  
CYS CA  HA   sing N N 75  
CYS C   O    doub N N 76  
CYS C   OXT  sing N N 77  
CYS CB  SG   sing N N 78  
CYS CB  HB2  sing N N 79  
CYS CB  HB3  sing N N 80  
CYS SG  HG   sing N N 81  
CYS OXT HXT  sing N N 82  
EDO C1  O1   sing N N 83  
EDO C1  C2   sing N N 84  
EDO C1  H11  sing N N 85  
EDO C1  H12  sing N N 86  
EDO O1  HO1  sing N N 87  
EDO C2  O2   sing N N 88  
EDO C2  H21  sing N N 89  
EDO C2  H22  sing N N 90  
EDO O2  HO2  sing N N 91  
GLN N   CA   sing N N 92  
GLN N   H    sing N N 93  
GLN N   H2   sing N N 94  
GLN CA  C    sing N N 95  
GLN CA  CB   sing N N 96  
GLN CA  HA   sing N N 97  
GLN C   O    doub N N 98  
GLN C   OXT  sing N N 99  
GLN CB  CG   sing N N 100 
GLN CB  HB2  sing N N 101 
GLN CB  HB3  sing N N 102 
GLN CG  CD   sing N N 103 
GLN CG  HG2  sing N N 104 
GLN CG  HG3  sing N N 105 
GLN CD  OE1  doub N N 106 
GLN CD  NE2  sing N N 107 
GLN NE2 HE21 sing N N 108 
GLN NE2 HE22 sing N N 109 
GLN OXT HXT  sing N N 110 
GLU N   CA   sing N N 111 
GLU N   H    sing N N 112 
GLU N   H2   sing N N 113 
GLU CA  C    sing N N 114 
GLU CA  CB   sing N N 115 
GLU CA  HA   sing N N 116 
GLU C   O    doub N N 117 
GLU C   OXT  sing N N 118 
GLU CB  CG   sing N N 119 
GLU CB  HB2  sing N N 120 
GLU CB  HB3  sing N N 121 
GLU CG  CD   sing N N 122 
GLU CG  HG2  sing N N 123 
GLU CG  HG3  sing N N 124 
GLU CD  OE1  doub N N 125 
GLU CD  OE2  sing N N 126 
GLU OE2 HE2  sing N N 127 
GLU OXT HXT  sing N N 128 
GLY N   CA   sing N N 129 
GLY N   H    sing N N 130 
GLY N   H2   sing N N 131 
GLY CA  C    sing N N 132 
GLY CA  HA2  sing N N 133 
GLY CA  HA3  sing N N 134 
GLY C   O    doub N N 135 
GLY C   OXT  sing N N 136 
GLY OXT HXT  sing N N 137 
HIS N   CA   sing N N 138 
HIS N   H    sing N N 139 
HIS N   H2   sing N N 140 
HIS CA  C    sing N N 141 
HIS CA  CB   sing N N 142 
HIS CA  HA   sing N N 143 
HIS C   O    doub N N 144 
HIS C   OXT  sing N N 145 
HIS CB  CG   sing N N 146 
HIS CB  HB2  sing N N 147 
HIS CB  HB3  sing N N 148 
HIS CG  ND1  sing Y N 149 
HIS CG  CD2  doub Y N 150 
HIS ND1 CE1  doub Y N 151 
HIS ND1 HD1  sing N N 152 
HIS CD2 NE2  sing Y N 153 
HIS CD2 HD2  sing N N 154 
HIS CE1 NE2  sing Y N 155 
HIS CE1 HE1  sing N N 156 
HIS NE2 HE2  sing N N 157 
HIS OXT HXT  sing N N 158 
HOH O   H1   sing N N 159 
HOH O   H2   sing N N 160 
ILE N   CA   sing N N 161 
ILE N   H    sing N N 162 
ILE N   H2   sing N N 163 
ILE CA  C    sing N N 164 
ILE CA  CB   sing N N 165 
ILE CA  HA   sing N N 166 
ILE C   O    doub N N 167 
ILE C   OXT  sing N N 168 
ILE CB  CG1  sing N N 169 
ILE CB  CG2  sing N N 170 
ILE CB  HB   sing N N 171 
ILE CG1 CD1  sing N N 172 
ILE CG1 HG12 sing N N 173 
ILE CG1 HG13 sing N N 174 
ILE CG2 HG21 sing N N 175 
ILE CG2 HG22 sing N N 176 
ILE CG2 HG23 sing N N 177 
ILE CD1 HD11 sing N N 178 
ILE CD1 HD12 sing N N 179 
ILE CD1 HD13 sing N N 180 
ILE OXT HXT  sing N N 181 
LEU N   CA   sing N N 182 
LEU N   H    sing N N 183 
LEU N   H2   sing N N 184 
LEU CA  C    sing N N 185 
LEU CA  CB   sing N N 186 
LEU CA  HA   sing N N 187 
LEU C   O    doub N N 188 
LEU C   OXT  sing N N 189 
LEU CB  CG   sing N N 190 
LEU CB  HB2  sing N N 191 
LEU CB  HB3  sing N N 192 
LEU CG  CD1  sing N N 193 
LEU CG  CD2  sing N N 194 
LEU CG  HG   sing N N 195 
LEU CD1 HD11 sing N N 196 
LEU CD1 HD12 sing N N 197 
LEU CD1 HD13 sing N N 198 
LEU CD2 HD21 sing N N 199 
LEU CD2 HD22 sing N N 200 
LEU CD2 HD23 sing N N 201 
LEU OXT HXT  sing N N 202 
LYS N   CA   sing N N 203 
LYS N   H    sing N N 204 
LYS N   H2   sing N N 205 
LYS CA  C    sing N N 206 
LYS CA  CB   sing N N 207 
LYS CA  HA   sing N N 208 
LYS C   O    doub N N 209 
LYS C   OXT  sing N N 210 
LYS CB  CG   sing N N 211 
LYS CB  HB2  sing N N 212 
LYS CB  HB3  sing N N 213 
LYS CG  CD   sing N N 214 
LYS CG  HG2  sing N N 215 
LYS CG  HG3  sing N N 216 
LYS CD  CE   sing N N 217 
LYS CD  HD2  sing N N 218 
LYS CD  HD3  sing N N 219 
LYS CE  NZ   sing N N 220 
LYS CE  HE2  sing N N 221 
LYS CE  HE3  sing N N 222 
LYS NZ  HZ1  sing N N 223 
LYS NZ  HZ2  sing N N 224 
LYS NZ  HZ3  sing N N 225 
LYS OXT HXT  sing N N 226 
MET N   CA   sing N N 227 
MET N   H    sing N N 228 
MET N   H2   sing N N 229 
MET CA  C    sing N N 230 
MET CA  CB   sing N N 231 
MET CA  HA   sing N N 232 
MET C   O    doub N N 233 
MET C   OXT  sing N N 234 
MET CB  CG   sing N N 235 
MET CB  HB2  sing N N 236 
MET CB  HB3  sing N N 237 
MET CG  SD   sing N N 238 
MET CG  HG2  sing N N 239 
MET CG  HG3  sing N N 240 
MET SD  CE   sing N N 241 
MET CE  HE1  sing N N 242 
MET CE  HE2  sing N N 243 
MET CE  HE3  sing N N 244 
MET OXT HXT  sing N N 245 
MSE N   CA   sing N N 246 
MSE N   H    sing N N 247 
MSE N   H2   sing N N 248 
MSE CA  C    sing N N 249 
MSE CA  CB   sing N N 250 
MSE CA  HA   sing N N 251 
MSE C   O    doub N N 252 
MSE C   OXT  sing N N 253 
MSE OXT HXT  sing N N 254 
MSE CB  CG   sing N N 255 
MSE CB  HB2  sing N N 256 
MSE CB  HB3  sing N N 257 
MSE CG  SE   sing N N 258 
MSE CG  HG2  sing N N 259 
MSE CG  HG3  sing N N 260 
MSE SE  CE   sing N N 261 
MSE CE  HE1  sing N N 262 
MSE CE  HE2  sing N N 263 
MSE CE  HE3  sing N N 264 
PHE N   CA   sing N N 265 
PHE N   H    sing N N 266 
PHE N   H2   sing N N 267 
PHE CA  C    sing N N 268 
PHE CA  CB   sing N N 269 
PHE CA  HA   sing N N 270 
PHE C   O    doub N N 271 
PHE C   OXT  sing N N 272 
PHE CB  CG   sing N N 273 
PHE CB  HB2  sing N N 274 
PHE CB  HB3  sing N N 275 
PHE CG  CD1  doub Y N 276 
PHE CG  CD2  sing Y N 277 
PHE CD1 CE1  sing Y N 278 
PHE CD1 HD1  sing N N 279 
PHE CD2 CE2  doub Y N 280 
PHE CD2 HD2  sing N N 281 
PHE CE1 CZ   doub Y N 282 
PHE CE1 HE1  sing N N 283 
PHE CE2 CZ   sing Y N 284 
PHE CE2 HE2  sing N N 285 
PHE CZ  HZ   sing N N 286 
PHE OXT HXT  sing N N 287 
PRO N   CA   sing N N 288 
PRO N   CD   sing N N 289 
PRO N   H    sing N N 290 
PRO CA  C    sing N N 291 
PRO CA  CB   sing N N 292 
PRO CA  HA   sing N N 293 
PRO C   O    doub N N 294 
PRO C   OXT  sing N N 295 
PRO CB  CG   sing N N 296 
PRO CB  HB2  sing N N 297 
PRO CB  HB3  sing N N 298 
PRO CG  CD   sing N N 299 
PRO CG  HG2  sing N N 300 
PRO CG  HG3  sing N N 301 
PRO CD  HD2  sing N N 302 
PRO CD  HD3  sing N N 303 
PRO OXT HXT  sing N N 304 
SER N   CA   sing N N 305 
SER N   H    sing N N 306 
SER N   H2   sing N N 307 
SER CA  C    sing N N 308 
SER CA  CB   sing N N 309 
SER CA  HA   sing N N 310 
SER C   O    doub N N 311 
SER C   OXT  sing N N 312 
SER CB  OG   sing N N 313 
SER CB  HB2  sing N N 314 
SER CB  HB3  sing N N 315 
SER OG  HG   sing N N 316 
SER OXT HXT  sing N N 317 
THR N   CA   sing N N 318 
THR N   H    sing N N 319 
THR N   H2   sing N N 320 
THR CA  C    sing N N 321 
THR CA  CB   sing N N 322 
THR CA  HA   sing N N 323 
THR C   O    doub N N 324 
THR C   OXT  sing N N 325 
THR CB  OG1  sing N N 326 
THR CB  CG2  sing N N 327 
THR CB  HB   sing N N 328 
THR OG1 HG1  sing N N 329 
THR CG2 HG21 sing N N 330 
THR CG2 HG22 sing N N 331 
THR CG2 HG23 sing N N 332 
THR OXT HXT  sing N N 333 
TRP N   CA   sing N N 334 
TRP N   H    sing N N 335 
TRP N   H2   sing N N 336 
TRP CA  C    sing N N 337 
TRP CA  CB   sing N N 338 
TRP CA  HA   sing N N 339 
TRP C   O    doub N N 340 
TRP C   OXT  sing N N 341 
TRP CB  CG   sing N N 342 
TRP CB  HB2  sing N N 343 
TRP CB  HB3  sing N N 344 
TRP CG  CD1  doub Y N 345 
TRP CG  CD2  sing Y N 346 
TRP CD1 NE1  sing Y N 347 
TRP CD1 HD1  sing N N 348 
TRP CD2 CE2  doub Y N 349 
TRP CD2 CE3  sing Y N 350 
TRP NE1 CE2  sing Y N 351 
TRP NE1 HE1  sing N N 352 
TRP CE2 CZ2  sing Y N 353 
TRP CE3 CZ3  doub Y N 354 
TRP CE3 HE3  sing N N 355 
TRP CZ2 CH2  doub Y N 356 
TRP CZ2 HZ2  sing N N 357 
TRP CZ3 CH2  sing Y N 358 
TRP CZ3 HZ3  sing N N 359 
TRP CH2 HH2  sing N N 360 
TRP OXT HXT  sing N N 361 
TYR N   CA   sing N N 362 
TYR N   H    sing N N 363 
TYR N   H2   sing N N 364 
TYR CA  C    sing N N 365 
TYR CA  CB   sing N N 366 
TYR CA  HA   sing N N 367 
TYR C   O    doub N N 368 
TYR C   OXT  sing N N 369 
TYR CB  CG   sing N N 370 
TYR CB  HB2  sing N N 371 
TYR CB  HB3  sing N N 372 
TYR CG  CD1  doub Y N 373 
TYR CG  CD2  sing Y N 374 
TYR CD1 CE1  sing Y N 375 
TYR CD1 HD1  sing N N 376 
TYR CD2 CE2  doub Y N 377 
TYR CD2 HD2  sing N N 378 
TYR CE1 CZ   doub Y N 379 
TYR CE1 HE1  sing N N 380 
TYR CE2 CZ   sing Y N 381 
TYR CE2 HE2  sing N N 382 
TYR CZ  OH   sing N N 383 
TYR OH  HH   sing N N 384 
TYR OXT HXT  sing N N 385 
VAL N   CA   sing N N 386 
VAL N   H    sing N N 387 
VAL N   H2   sing N N 388 
VAL CA  C    sing N N 389 
VAL CA  CB   sing N N 390 
VAL CA  HA   sing N N 391 
VAL C   O    doub N N 392 
VAL C   OXT  sing N N 393 
VAL CB  CG1  sing N N 394 
VAL CB  CG2  sing N N 395 
VAL CB  HB   sing N N 396 
VAL CG1 HG11 sing N N 397 
VAL CG1 HG12 sing N N 398 
VAL CG1 HG13 sing N N 399 
VAL CG2 HG21 sing N N 400 
VAL CG2 HG22 sing N N 401 
VAL CG2 HG23 sing N N 402 
VAL OXT HXT  sing N N 403 
# 
_atom_sites.entry_id                    2EWR 
_atom_sites.fract_transf_matrix[1][1]   0.02638177 
_atom_sites.fract_transf_matrix[1][2]   0.01659436 
_atom_sites.fract_transf_matrix[1][3]   -0.00175810 
_atom_sites.fract_transf_matrix[2][1]   -0.01653046 
_atom_sites.fract_transf_matrix[2][2]   0.01865895 
_atom_sites.fract_transf_matrix[2][3]   0.01507304 
_atom_sites.fract_transf_matrix[3][1]   0.01082496 
_atom_sites.fract_transf_matrix[3][2]   -0.01604637 
_atom_sites.fract_transf_matrix[3][3]   0.01805533 
_atom_sites.fract_transf_vector[1]      0.928784 
_atom_sites.fract_transf_vector[2]      0.628719 
_atom_sites.fract_transf_vector[3]      0.276540 
# 
loop_
_atom_type.symbol 
C  
N  
O  
S  
SE 
# 
loop_
_atom_site.group_PDB 
_atom_site.id 
_atom_site.type_symbol 
_atom_site.label_atom_id 
_atom_site.label_alt_id 
_atom_site.label_comp_id 
_atom_site.label_asym_id 
_atom_site.label_entity_id 
_atom_site.label_seq_id 
_atom_site.pdbx_PDB_ins_code 
_atom_site.Cartn_x 
_atom_site.Cartn_y 
_atom_site.Cartn_z 
_atom_site.occupancy 
_atom_site.B_iso_or_equiv 
_atom_site.pdbx_formal_charge 
_atom_site.auth_seq_id 
_atom_site.auth_comp_id 
_atom_site.auth_asym_id 
_atom_site.auth_atom_id 
_atom_site.pdbx_PDB_model_num 
ATOM   1    N  N   . ILE A 1 14  ? -2.642  12.168  -10.877 1.00 20.69 ? 2   ILE A N   1 
ATOM   2    C  CA  . ILE A 1 14  ? -3.571  11.009  -10.758 1.00 17.40 ? 2   ILE A CA  1 
ATOM   3    C  C   . ILE A 1 14  ? -4.959  11.421  -11.254 1.00 13.14 ? 2   ILE A C   1 
ATOM   4    O  O   . ILE A 1 14  ? -5.290  12.603  -11.258 1.00 14.08 ? 2   ILE A O   1 
ATOM   5    C  CB  . ILE A 1 14  ? -3.584  10.430  -9.320  1.00 18.97 ? 2   ILE A CB  1 
ATOM   6    C  CG1 . ILE A 1 14  ? -4.283  11.344  -8.324  1.00 18.50 ? 2   ILE A CG1 1 
ATOM   7    C  CG2 . ILE A 1 14  ? -2.122  10.179  -8.846  1.00 18.49 ? 2   ILE A CG2 1 
ATOM   8    C  CD1 . ILE A 1 14  ? -4.391  10.762  -6.904  1.00 20.14 ? 2   ILE A CD1 1 
ATOM   9    N  N   . ARG A 1 15  ? -5.759  10.453  -11.678 1.00 9.91  ? 3   ARG A N   1 
ATOM   10   C  CA  . ARG A 1 15  ? -7.111  10.743  -12.137 1.00 8.59  ? 3   ARG A CA  1 
ATOM   11   C  C   . ARG A 1 15  ? -7.951  11.244  -10.965 1.00 6.20  ? 3   ARG A C   1 
ATOM   12   O  O   . ARG A 1 15  ? -7.787  10.812  -9.821  1.00 7.41  ? 3   ARG A O   1 
ATOM   13   C  CB  . ARG A 1 15  ? -7.761  9.524   -12.775 1.00 10.11 ? 3   ARG A CB  1 
ATOM   14   C  CG  . ARG A 1 15  ? -7.058  9.050   -14.053 1.00 11.56 ? 3   ARG A CG  1 
ATOM   15   C  CD  . ARG A 1 15  ? -7.775  7.856   -14.690 1.00 18.61 ? 3   ARG A CD  1 
ATOM   16   N  N   . PRO A 1 16  ? -8.850  12.182  -11.229 1.00 5.44  ? 4   PRO A N   1 
ATOM   17   C  CA  . PRO A 1 16  ? -9.626  12.791  -10.164 1.00 3.47  ? 4   PRO A CA  1 
ATOM   18   C  C   . PRO A 1 16  ? -10.395 11.819  -9.291  1.00 3.41  ? 4   PRO A C   1 
ATOM   19   O  O   . PRO A 1 16  ? -10.497 12.020  -8.078  1.00 4.56  ? 4   PRO A O   1 
ATOM   20   C  CB  . PRO A 1 16  ? -10.613 13.691  -10.911 1.00 6.30  ? 4   PRO A CB  1 
ATOM   21   C  CG  . PRO A 1 16  ? -10.083 13.858  -12.205 1.00 9.85  ? 4   PRO A CG  1 
ATOM   22   C  CD  . PRO A 1 16  ? -9.118  12.802  -12.532 1.00 8.02  ? 4   PRO A CD  1 
ATOM   23   N  N   . GLU A 1 17  ? -10.931 10.754  -9.873  1.00 3.63  ? 5   GLU A N   1 
ATOM   24   C  CA  . GLU A 1 17  ? -11.660 9.797   -9.045  1.00 4.95  ? 5   GLU A CA  1 
ATOM   25   C  C   . GLU A 1 17  ? -10.782 9.136   -7.984  1.00 3.69  ? 5   GLU A C   1 
ATOM   26   O  O   . GLU A 1 17  ? -11.236 8.846   -6.875  1.00 3.62  ? 5   GLU A O   1 
ATOM   27   C  CB  . GLU A 1 17  ? -12.357 8.718   -9.881  1.00 5.76  ? 5   GLU A CB  1 
ATOM   28   C  CG  . GLU A 1 17  ? -11.446 7.856   -10.686 1.00 10.61 ? 5   GLU A CG  1 
ATOM   29   C  CD  . GLU A 1 17  ? -11.117 8.429   -12.080 1.00 19.79 ? 5   GLU A CD  1 
ATOM   30   O  OE1 . GLU A 1 17  ? -11.263 9.671   -12.326 1.00 12.90 ? 5   GLU A OE1 1 
ATOM   31   O  OE2 . GLU A 1 17  ? -10.715 7.604   -12.940 1.00 23.57 ? 5   GLU A OE2 1 
ATOM   32   N  N   . TYR A 1 18  ? -9.501  8.936   -8.293  1.00 2.92  ? 6   TYR A N   1 
ATOM   33   C  CA  . TYR A 1 18  ? -8.564  8.421   -7.294  1.00 4.10  ? 6   TYR A CA  1 
ATOM   34   C  C   . TYR A 1 18  ? -8.205  9.448   -6.247  1.00 3.61  ? 6   TYR A C   1 
ATOM   35   O  O   . TYR A 1 18  ? -8.043  9.121   -5.058  1.00 6.02  ? 6   TYR A O   1 
ATOM   36   C  CB  . TYR A 1 18  ? -7.316  7.852   -7.949  1.00 5.62  ? 6   TYR A CB  1 
ATOM   37   C  CG  . TYR A 1 18  ? -7.602  6.499   -8.513  1.00 5.05  ? 6   TYR A CG  1 
ATOM   38   C  CD1 . TYR A 1 18  ? -8.180  6.357   -9.746  1.00 7.51  ? 6   TYR A CD1 1 
ATOM   39   C  CD2 . TYR A 1 18  ? -7.403  5.372   -7.733  1.00 8.25  ? 6   TYR A CD2 1 
ATOM   40   C  CE1 . TYR A 1 18  ? -8.537  5.070   -10.234 1.00 11.03 ? 6   TYR A CE1 1 
ATOM   41   C  CE2 . TYR A 1 18  ? -7.715  4.135   -8.194  1.00 11.32 ? 6   TYR A CE2 1 
ATOM   42   C  CZ  . TYR A 1 18  ? -8.264  3.980   -9.421  1.00 8.67  ? 6   TYR A CZ  1 
ATOM   43   O  OH  . TYR A 1 18  ? -8.586  2.708   -9.853  1.00 14.57 ? 6   TYR A OH  1 
ATOM   44   N  N   . LEU A 1 19  ? -8.057  10.703  -6.653  1.00 3.97  ? 7   LEU A N   1 
ATOM   45   C  CA  . LEU A 1 19  ? -7.795  11.764  -5.697  1.00 3.93  ? 7   LEU A CA  1 
ATOM   46   C  C   . LEU A 1 19  ? -8.961  11.892  -4.707  1.00 5.35  ? 7   LEU A C   1 
ATOM   47   O  O   . LEU A 1 19  ? -8.768  12.080  -3.496  1.00 4.00  ? 7   LEU A O   1 
ATOM   48   C  CB  . LEU A 1 19  ? -7.597  13.093  -6.405  1.00 4.26  ? 7   LEU A CB  1 
ATOM   49   C  CG  . LEU A 1 19  ? -7.237  14.270  -5.514  1.00 6.08  ? 7   LEU A CG  1 
ATOM   50   C  CD1 . LEU A 1 19  ? -5.890  14.027  -4.783  1.00 11.30 ? 7   LEU A CD1 1 
ATOM   51   C  CD2 . LEU A 1 19  ? -7.163  15.513  -6.328  1.00 9.33  ? 7   LEU A CD2 1 
ATOM   52   N  N   . ARG A 1 20  ? -10.182 11.806  -5.226  1.00 4.03  ? 8   ARG A N   1 
ATOM   53   C  CA  . ARG A 1 20  ? -11.341 11.900  -4.352  1.00 2.00  ? 8   ARG A CA  1 
ATOM   54   C  C   . ARG A 1 20  ? -11.444 10.754  -3.331  1.00 2.00  ? 8   ARG A C   1 
ATOM   55   O  O   . ARG A 1 20  ? -11.800 10.963  -2.181  1.00 3.77  ? 8   ARG A O   1 
ATOM   56   C  CB  . ARG A 1 20  ? -12.629 12.026  -5.142  1.00 4.16  ? 8   ARG A CB  1 
ATOM   57   C  CG  . ARG A 1 20  ? -12.720 13.315  -5.952  1.00 4.02  ? 8   ARG A CG  1 
ATOM   58   C  CD  . ARG A 1 20  ? -14.130 13.502  -6.523  1.00 7.35  ? 8   ARG A CD  1 
ATOM   59   N  NE  . ARG A 1 20  ? -14.631 12.344  -7.266  1.00 10.68 ? 8   ARG A NE  1 
ATOM   60   C  CZ  . ARG A 1 20  ? -14.534 12.165  -8.578  1.00 12.56 ? 8   ARG A CZ  1 
ATOM   61   N  NH1 . ARG A 1 20  ? -13.918 13.057  -9.359  1.00 13.39 ? 8   ARG A NH1 1 
ATOM   62   N  NH2 . ARG A 1 20  ? -15.057 11.063  -9.124  1.00 9.86  ? 8   ARG A NH2 1 
ATOM   63   N  N   . VAL A 1 21  ? -11.155 9.526   -3.760  1.00 2.43  ? 9   VAL A N   1 
ATOM   64   C  CA  . VAL A 1 21  ? -11.163 8.414   -2.812  1.00 4.01  ? 9   VAL A CA  1 
ATOM   65   C  C   . VAL A 1 21  ? -9.990  8.547   -1.818  1.00 3.37  ? 9   VAL A C   1 
ATOM   66   O  O   . VAL A 1 21  ? -10.130 8.311   -0.622  1.00 3.69  ? 9   VAL A O   1 
ATOM   67   C  CB  . VAL A 1 21  ? -11.189 7.080   -3.537  1.00 2.98  ? 9   VAL A CB  1 
ATOM   68   C  CG1 . VAL A 1 21  ? -10.883 5.889   -2.592  1.00 3.69  ? 9   VAL A CG1 1 
ATOM   69   C  CG2 . VAL A 1 21  ? -12.531 6.864   -4.189  1.00 6.04  ? 9   VAL A CG2 1 
ATOM   70   N  N   . LEU A 1 22  ? -8.822  8.966   -2.299  1.00 3.39  ? 10  LEU A N   1 
ATOM   71   C  CA  . LEU A 1 22  ? -7.719  9.222   -1.403  1.00 3.52  ? 10  LEU A CA  1 
ATOM   72   C  C   . LEU A 1 22  ? -8.075  10.240  -0.308  1.00 4.26  ? 10  LEU A C   1 
ATOM   73   O  O   . LEU A 1 22  ? -7.781  10.016  0.857   1.00 3.34  ? 10  LEU A O   1 
ATOM   74   C  CB  . LEU A 1 22  ? -6.493  9.710   -2.173  1.00 4.24  ? 10  LEU A CB  1 
ATOM   75   C  CG  . LEU A 1 22  ? -5.248  10.024  -1.373  1.00 6.04  ? 10  LEU A CG  1 
ATOM   76   C  CD1 . LEU A 1 22  ? -4.773  8.806   -0.586  1.00 8.24  ? 10  LEU A CD1 1 
ATOM   77   C  CD2 . LEU A 1 22  ? -4.139  10.557  -2.266  1.00 8.29  ? 10  LEU A CD2 1 
ATOM   78   N  N   . ARG A 1 23  ? -8.763  11.318  -0.682  1.00 4.23  ? 11  ARG A N   1 
ATOM   79   C  CA  . ARG A 1 23  ? -9.274  12.262  0.288   1.00 4.50  ? 11  ARG A CA  1 
ATOM   80   C  C   . ARG A 1 23  ? -10.242 11.634  1.270   1.00 3.97  ? 11  ARG A C   1 
ATOM   81   O  O   . ARG A 1 23  ? -10.161 11.877  2.469   1.00 5.06  ? 11  ARG A O   1 
ATOM   82   C  CB  . ARG A 1 23  ? -9.908  13.462  -0.426  1.00 5.44  ? 11  ARG A CB  1 
ATOM   83   C  CG  . ARG A 1 23  ? -10.710 14.388  0.496   1.00 4.16  ? 11  ARG A CG  1 
ATOM   84   C  CD  . ARG A 1 23  ? -9.923  14.959  1.637   1.00 5.45  ? 11  ARG A CD  1 
ATOM   85   N  NE  . ARG A 1 23  ? -9.044  16.048  1.227   1.00 6.01  ? 11  ARG A NE  1 
ATOM   86   C  CZ  . ARG A 1 23  ? -8.407  16.856  2.065   1.00 7.79  ? 11  ARG A CZ  1 
ATOM   87   N  NH1 . ARG A 1 23  ? -8.494  16.650  3.378   1.00 8.42  ? 11  ARG A NH1 1 
ATOM   88   N  NH2 . ARG A 1 23  ? -7.656  17.836  1.618   1.00 6.63  ? 11  ARG A NH2 1 
ATOM   89   N  N   . LYS A 1 24  ? -11.167 10.803  0.803   1.00 3.76  ? 12  LYS A N   1 
ATOM   90   C  CA  . LYS A 1 24  ? -12.059 10.122  1.743   1.00 4.30  ? 12  LYS A CA  1 
ATOM   91   C  C   . LYS A 1 24  ? -11.321 9.229   2.741   1.00 4.09  ? 12  LYS A C   1 
ATOM   92   O  O   . LYS A 1 24  ? -11.672 9.193   3.916   1.00 5.78  ? 12  LYS A O   1 
ATOM   93   C  CB  . LYS A 1 24  ? -13.126 9.323   0.990   1.00 3.16  ? 12  LYS A CB  1 
ATOM   94   C  CG  . LYS A 1 24  ? -14.098 10.157  0.221   1.00 6.00  ? 12  LYS A CG  1 
ATOM   95   C  CD  . LYS A 1 24  ? -15.201 9.335   -0.403  1.00 4.25  ? 12  LYS A CD  1 
ATOM   96   C  CE  . LYS A 1 24  ? -16.264 10.244  -0.953  1.00 9.74  ? 12  LYS A CE  1 
ATOM   97   N  NZ  . LYS A 1 24  ? -17.498 9.538   -1.422  1.00 8.97  ? 12  LYS A NZ  1 
ATOM   98   N  N   . ILE A 1 25  ? -10.303 8.493   2.282   1.00 3.63  ? 13  ILE A N   1 
ATOM   99   C  CA  . ILE A 1 25  ? -9.470  7.695   3.144   1.00 3.36  ? 13  ILE A CA  1 
ATOM   100  C  C   . ILE A 1 25  ? -8.695  8.544   4.151   1.00 3.24  ? 13  ILE A C   1 
ATOM   101  O  O   . ILE A 1 25  ? -8.727  8.303   5.359   1.00 4.82  ? 13  ILE A O   1 
ATOM   102  C  CB  . ILE A 1 25  ? -8.477  6.843   2.292   1.00 3.78  ? 13  ILE A CB  1 
ATOM   103  C  CG1 . ILE A 1 25  ? -9.225  5.795   1.475   1.00 4.85  ? 13  ILE A CG1 1 
ATOM   104  C  CG2 . ILE A 1 25  ? -7.483  6.171   3.159   1.00 6.04  ? 13  ILE A CG2 1 
ATOM   105  C  CD1 . ILE A 1 25  ? -8.449  5.164   0.408   1.00 5.94  ? 13  ILE A CD1 1 
ATOM   106  N  N   . TYR A 1 26  ? -7.997  9.532   3.631   1.00 4.21  ? 14  TYR A N   1 
ATOM   107  C  CA  . TYR A 1 26  ? -7.200  10.409  4.459   1.00 4.13  ? 14  TYR A CA  1 
ATOM   108  C  C   . TYR A 1 26  ? -8.050  11.070  5.535   1.00 3.41  ? 14  TYR A C   1 
ATOM   109  O  O   . TYR A 1 26  ? -7.635  11.141  6.695   1.00 4.58  ? 14  TYR A O   1 
ATOM   110  C  CB  . TYR A 1 26  ? -6.537  11.449  3.575   1.00 6.64  ? 14  TYR A CB  1 
ATOM   111  C  CG  . TYR A 1 26  ? -5.713  12.483  4.316   1.00 5.80  ? 14  TYR A CG  1 
ATOM   112  C  CD1 . TYR A 1 26  ? -4.437  12.164  4.762   1.00 6.80  ? 14  TYR A CD1 1 
ATOM   113  C  CD2 . TYR A 1 26  ? -6.177  13.774  4.478   1.00 8.67  ? 14  TYR A CD2 1 
ATOM   114  C  CE1 . TYR A 1 26  ? -3.648  13.104  5.416   1.00 9.08  ? 14  TYR A CE1 1 
ATOM   115  C  CE2 . TYR A 1 26  ? -5.380  14.711  5.115   1.00 6.87  ? 14  TYR A CE2 1 
ATOM   116  C  CZ  . TYR A 1 26  ? -4.119  14.345  5.582   1.00 8.09  ? 14  TYR A CZ  1 
ATOM   117  O  OH  . TYR A 1 26  ? -3.287  15.281  6.209   1.00 11.69 ? 14  TYR A OH  1 
ATOM   118  N  N   . ASP A 1 27  ? -9.239  11.582  5.188   1.00 3.99  ? 15  ASP A N   1 
ATOM   119  C  CA  . ASP A 1 27  ? -10.031 12.267  6.173   1.00 5.58  ? 15  ASP A CA  1 
ATOM   120  C  C   . ASP A 1 27  ? -10.377 11.373  7.353   1.00 4.70  ? 15  ASP A C   1 
ATOM   121  O  O   . ASP A 1 27  ? -10.480 11.844  8.488   1.00 6.60  ? 15  ASP A O   1 
ATOM   122  C  CB  . ASP A 1 27  ? -11.280 12.870  5.559   1.00 5.18  ? 15  ASP A CB  1 
ATOM   123  C  CG  . ASP A 1 27  ? -11.025 14.196  4.900   1.00 6.30  ? 15  ASP A CG  1 
ATOM   124  O  OD1 . ASP A 1 27  ? -9.929  14.804  5.067   1.00 7.68  ? 15  ASP A OD1 1 
ATOM   125  O  OD2 . ASP A 1 27  ? -11.967 14.666  4.185   1.00 10.45 ? 15  ASP A OD2 1 
ATOM   126  N  N   . ARG A 1 28  ? -10.617 10.092  7.098   1.00 3.38  ? 16  ARG A N   1 
ATOM   127  C  CA  . ARG A 1 28  ? -10.906 9.172   8.213   1.00 3.83  ? 16  ARG A CA  1 
ATOM   128  C  C   . ARG A 1 28  ? -9.704  8.686   8.995   1.00 4.91  ? 16  ARG A C   1 
ATOM   129  O  O   . ARG A 1 28  ? -9.848  8.203   10.118  1.00 6.24  ? 16  ARG A O   1 
ATOM   130  C  CB  . ARG A 1 28  ? -11.706 7.986   7.725   1.00 4.99  ? 16  ARG A CB  1 
ATOM   131  C  CG  . ARG A 1 28  ? -13.100 8.381   7.303   1.00 7.90  ? 16  ARG A CG  1 
ATOM   132  C  CD  . ARG A 1 28  ? -14.054 7.290   7.541   1.00 6.58  ? 16  ARG A CD  1 
ATOM   133  N  NE  . ARG A 1 28  ? -15.394 7.702   7.107   1.00 6.07  ? 16  ARG A NE  1 
ATOM   134  C  CZ  . ARG A 1 28  ? -16.429 6.868   6.987   1.00 7.98  ? 16  ARG A CZ  1 
ATOM   135  N  NH1 . ARG A 1 28  ? -16.311 5.585   7.283   1.00 4.81  ? 16  ARG A NH1 1 
ATOM   136  N  NH2 . ARG A 1 28  ? -17.600 7.350   6.572   1.00 7.68  ? 16  ARG A NH2 1 
ATOM   137  N  N   . LEU A 1 29  ? -8.503  8.698   8.386   1.00 4.02  ? 17  LEU A N   1 
ATOM   138  C  CA  . LEU A 1 29  ? -7.320  8.219   9.076   1.00 3.76  ? 17  LEU A CA  1 
ATOM   139  C  C   . LEU A 1 29  ? -6.433  9.306   9.673   1.00 3.29  ? 17  LEU A C   1 
ATOM   140  O  O   . LEU A 1 29  ? -5.603  8.991   10.546  1.00 4.26  ? 17  LEU A O   1 
ATOM   141  C  CB  . LEU A 1 29  ? -6.461  7.388   8.133   1.00 4.50  ? 17  LEU A CB  1 
ATOM   142  C  CG  . LEU A 1 29  ? -7.094  6.052   7.744   1.00 5.70  ? 17  LEU A CG  1 
ATOM   143  C  CD1 . LEU A 1 29  ? -6.175  5.285   6.785   1.00 5.28  ? 17  LEU A CD1 1 
ATOM   144  C  CD2 . LEU A 1 29  ? -7.406  5.232   8.980   1.00 7.88  ? 17  LEU A CD2 1 
ATOM   145  N  N   . LYS A 1 30  ? -6.549  10.541  9.179   1.00 4.62  ? 18  LYS A N   1 
ATOM   146  C  CA  . LYS A 1 30  ? -5.571  11.598  9.488   1.00 2.65  ? 18  LYS A CA  1 
ATOM   147  C  C   . LYS A 1 30  ? -5.478  11.938  10.981  1.00 4.62  ? 18  LYS A C   1 
ATOM   148  O  O   . LYS A 1 30  ? -4.461  12.464  11.397  1.00 4.92  ? 18  LYS A O   1 
ATOM   149  C  CB  . LYS A 1 30  ? -5.842  12.834  8.636   1.00 4.49  ? 18  LYS A CB  1 
ATOM   150  C  CG  . LYS A 1 30  ? -7.114  13.537  8.997   1.00 6.35  ? 18  LYS A CG  1 
ATOM   151  C  CD  . LYS A 1 30  ? -7.472  14.580  8.000   1.00 6.38  ? 18  LYS A CD  1 
ATOM   152  C  CE  . LYS A 1 30  ? -8.797  15.227  8.344   1.00 5.52  ? 18  LYS A CE  1 
ATOM   153  N  NZ  . LYS A 1 30  ? -9.253  16.260  7.316   1.00 8.45  ? 18  LYS A NZ  1 
ATOM   154  N  N   . ASN A 1 31  ? -6.550  11.730  11.747  1.00 3.48  ? 19  ASN A N   1 
ATOM   155  C  CA  . ASN A 1 31  ? -6.506  11.974  13.192  1.00 3.99  ? 19  ASN A CA  1 
ATOM   156  C  C   . ASN A 1 31  ? -6.731  10.707  14.036  1.00 4.21  ? 19  ASN A C   1 
ATOM   157  O  O   . ASN A 1 31  ? -7.090  10.766  15.220  1.00 6.86  ? 19  ASN A O   1 
ATOM   158  C  CB  . ASN A 1 31  ? -7.471  13.077  13.550  1.00 3.79  ? 19  ASN A CB  1 
ATOM   159  C  CG  . ASN A 1 31  ? -6.983  14.412  13.111  1.00 2.20  ? 19  ASN A CG  1 
ATOM   160  O  OD1 . ASN A 1 31  ? -5.883  14.809  13.485  1.00 4.21  ? 19  ASN A OD1 1 
ATOM   161  N  ND2 . ASN A 1 31  ? -7.781  15.121  12.289  1.00 4.96  ? 19  ASN A ND2 1 
ATOM   162  N  N   . GLU A 1 32  ? -6.496  9.556   13.415  1.00 3.36  ? 20  GLU A N   1 
ATOM   163  C  CA  . GLU A 1 32  ? -6.551  8.268   14.093  1.00 4.07  ? 20  GLU A CA  1 
ATOM   164  C  C   . GLU A 1 32  ? -5.136  7.695   14.265  1.00 3.97  ? 20  GLU A C   1 
ATOM   165  O  O   . GLU A 1 32  ? -4.240  7.934   13.447  1.00 4.29  ? 20  GLU A O   1 
ATOM   166  C  CB  . GLU A 1 32  ? -7.421  7.274   13.305  1.00 4.85  ? 20  GLU A CB  1 
ATOM   167  C  CG  . GLU A 1 32  ? -8.874  7.682   13.154  1.00 5.98  ? 20  GLU A CG  1 
ATOM   168  C  CD  . GLU A 1 32  ? -9.662  7.626   14.454  1.00 20.74 ? 20  GLU A CD  1 
ATOM   169  O  OE1 . GLU A 1 32  ? -9.322  6.800   15.335  1.00 13.43 ? 20  GLU A OE1 1 
ATOM   170  O  OE2 . GLU A 1 32  ? -10.617 8.424   14.600  1.00 23.40 ? 20  GLU A OE2 1 
ATOM   171  N  N   . LYS A 1 33  ? -4.959  6.996   15.399  1.00 5.29  ? 21  LYS A N   1 
ATOM   172  C  CA  . LYS A 1 33  ? -3.675  6.394   15.757  1.00 5.41  ? 21  LYS A CA  1 
ATOM   173  C  C   . LYS A 1 33  ? -3.494  5.066   15.011  1.00 5.22  ? 21  LYS A C   1 
ATOM   174  O  O   . LYS A 1 33  ? -3.692  3.993   15.570  1.00 7.91  ? 21  LYS A O   1 
ATOM   175  C  CB  . LYS A 1 33  ? -3.556  6.217   17.283  1.00 6.47  ? 21  LYS A CB  1 
ATOM   176  C  CG  . LYS A 1 33  ? -2.162  6.054   17.755  1.00 6.80  ? 21  LYS A CG  1 
ATOM   177  C  CD  . LYS A 1 33  ? -2.045  6.102   19.309  1.00 8.47  ? 21  LYS A CD  1 
ATOM   178  C  CE  . LYS A 1 33  ? -0.585  6.190   19.748  1.00 20.42 ? 21  LYS A CE  1 
ATOM   179  N  N   . VAL A 1 34  ? -3.254  5.206   13.714  1.00 3.62  ? 22  VAL A N   1 
ATOM   180  C  CA  . VAL A 1 34  ? -3.081  4.076   12.768  1.00 3.64  ? 22  VAL A CA  1 
ATOM   181  C  C   . VAL A 1 34  ? -1.787  4.283   11.988  1.00 4.21  ? 22  VAL A C   1 
ATOM   182  O  O   . VAL A 1 34  ? -1.529  5.400   11.481  1.00 6.40  ? 22  VAL A O   1 
ATOM   183  C  CB  . VAL A 1 34  ? -4.244  4.008   11.771  1.00 4.32  ? 22  VAL A CB  1 
ATOM   184  C  CG1 . VAL A 1 34  ? -3.994  2.932   10.682  1.00 6.62  ? 22  VAL A CG1 1 
ATOM   185  C  CG2 . VAL A 1 34  ? -5.527  3.695   12.482  1.00 7.58  ? 22  VAL A CG2 1 
ATOM   186  N  N   . ASN A 1 35  ? -0.970  3.241   11.964  1.00 2.38  ? 23  ASN A N   1 
ATOM   187  C  CA  . ASN A 1 35  ? 0.306   3.241   11.248  1.00 2.83  ? 23  ASN A CA  1 
ATOM   188  C  C   . ASN A 1 35  ? 0.027   2.720   9.863   1.00 4.37  ? 23  ASN A C   1 
ATOM   189  O  O   . ASN A 1 35  ? -0.182  1.533   9.719   1.00 5.67  ? 23  ASN A O   1 
ATOM   190  C  CB  . ASN A 1 35  ? 1.257   2.346   12.008  1.00 5.32  ? 23  ASN A CB  1 
ATOM   191  C  CG  . ASN A 1 35  ? 2.505   2.016   11.276  1.00 13.61 ? 23  ASN A CG  1 
ATOM   192  O  OD1 . ASN A 1 35  ? 2.948   2.750   10.374  1.00 12.91 ? 23  ASN A OD1 1 
ATOM   193  N  ND2 . ASN A 1 35  ? 3.088   0.851   11.641  1.00 16.02 ? 23  ASN A ND2 1 
ATOM   194  N  N   . TRP A 1 36  ? -0.068  3.608   8.878   1.00 2.57  ? 24  TRP A N   1 
ATOM   195  C  CA  . TRP A 1 36  ? -0.461  3.234   7.506   1.00 4.23  ? 24  TRP A CA  1 
ATOM   196  C  C   . TRP A 1 36  ? 0.441   3.902   6.484   1.00 2.82  ? 24  TRP A C   1 
ATOM   197  O  O   . TRP A 1 36  ? 1.054   4.985   6.710   1.00 4.08  ? 24  TRP A O   1 
ATOM   198  C  CB  . TRP A 1 36  ? -1.923  3.571   7.220   1.00 4.88  ? 24  TRP A CB  1 
ATOM   199  C  CG  . TRP A 1 36  ? -2.296  5.031   7.215   1.00 4.95  ? 24  TRP A CG  1 
ATOM   200  C  CD1 . TRP A 1 36  ? -2.406  5.864   8.306   1.00 4.41  ? 24  TRP A CD1 1 
ATOM   201  C  CD2 . TRP A 1 36  ? -2.668  5.833   6.088   1.00 3.95  ? 24  TRP A CD2 1 
ATOM   202  N  NE1 . TRP A 1 36  ? -2.764  7.126   7.915   1.00 5.50  ? 24  TRP A NE1 1 
ATOM   203  C  CE2 . TRP A 1 36  ? -2.977  7.134   6.572   1.00 4.99  ? 24  TRP A CE2 1 
ATOM   204  C  CE3 . TRP A 1 36  ? -2.807  5.580   4.719   1.00 6.90  ? 24  TRP A CE3 1 
ATOM   205  C  CZ2 . TRP A 1 36  ? -3.366  8.184   5.731   1.00 6.97  ? 24  TRP A CZ2 1 
ATOM   206  C  CZ3 . TRP A 1 36  ? -3.219  6.624   3.895   1.00 5.55  ? 24  TRP A CZ3 1 
ATOM   207  C  CH2 . TRP A 1 36  ? -3.502  7.902   4.410   1.00 7.70  ? 24  TRP A CH2 1 
ATOM   208  N  N   . VAL A 1 37  ? 0.504   3.262   5.329   1.00 3.23  ? 25  VAL A N   1 
ATOM   209  C  CA  . VAL A 1 37  ? 1.233   3.816   4.223   1.00 2.95  ? 25  VAL A CA  1 
ATOM   210  C  C   . VAL A 1 37  ? 0.571   3.391   2.936   1.00 3.86  ? 25  VAL A C   1 
ATOM   211  O  O   . VAL A 1 37  ? 0.143   2.251   2.806   1.00 5.04  ? 25  VAL A O   1 
ATOM   212  C  CB  . VAL A 1 37  ? 2.731   3.386   4.276   1.00 6.70  ? 25  VAL A CB  1 
ATOM   213  C  CG1 . VAL A 1 37  ? 2.904   1.903   4.125   1.00 6.60  ? 25  VAL A CG1 1 
ATOM   214  C  CG2 . VAL A 1 37  ? 3.525   4.107   3.259   1.00 9.27  ? 25  VAL A CG2 1 
ATOM   215  N  N   . VAL A 1 38  ? 0.516   4.294   1.967   1.00 3.22  ? 26  VAL A N   1 
ATOM   216  C  CA  . VAL A 1 38  ? 0.065   3.950   0.657   1.00 3.28  ? 26  VAL A CA  1 
ATOM   217  C  C   . VAL A 1 38  ? 1.240   3.292   -0.096  1.00 3.40  ? 26  VAL A C   1 
ATOM   218  O  O   . VAL A 1 38  ? 2.366   3.746   -0.005  1.00 3.86  ? 26  VAL A O   1 
ATOM   219  C  CB  . VAL A 1 38  ? -0.415  5.191   -0.094  1.00 5.60  ? 26  VAL A CB  1 
ATOM   220  C  CG1 . VAL A 1 38  ? -0.859  4.865   -1.498  1.00 4.60  ? 26  VAL A CG1 1 
ATOM   221  C  CG2 . VAL A 1 38  ? -1.524  5.872   0.700   1.00 5.37  ? 26  VAL A CG2 1 
ATOM   222  N  N   . THR A 1 39  ? 0.967   2.184   -0.782  1.00 3.13  ? 27  THR A N   1 
ATOM   223  C  CA  . THR A 1 39  ? 1.958   1.449   -1.542  1.00 3.18  ? 27  THR A CA  1 
ATOM   224  C  C   . THR A 1 39  ? 1.503   1.190   -2.970  1.00 4.10  ? 27  THR A C   1 
ATOM   225  O  O   . THR A 1 39  ? 0.368   1.488   -3.344  1.00 4.04  ? 27  THR A O   1 
ATOM   226  C  CB  . THR A 1 39  ? 2.295   0.087   -0.873  1.00 4.17  ? 27  THR A CB  1 
ATOM   227  O  OG1 . THR A 1 39  ? 1.235   -0.868  -1.112  1.00 6.22  ? 27  THR A OG1 1 
ATOM   228  C  CG2 . THR A 1 39  ? 2.480   0.274   0.656   1.00 6.10  ? 27  THR A CG2 1 
ATOM   229  N  N   . GLY A 1 40  ? 2.399   0.659   -3.787  1.00 2.48  ? 28  GLY A N   1 
ATOM   230  C  CA  . GLY A 1 40  ? 1.988   0.261   -5.096  1.00 3.26  ? 28  GLY A CA  1 
ATOM   231  C  C   . GLY A 1 40  ? 1.682   1.453   -5.968  1.00 3.51  ? 28  GLY A C   1 
ATOM   232  O  O   . GLY A 1 40  ? 2.227   2.530   -5.808  1.00 3.37  ? 28  GLY A O   1 
ATOM   233  N  N   . SER A 1 41  ? 0.858   1.217   -6.967  1.00 3.75  ? 29  SER A N   1 
ATOM   234  C  CA  A SER A 1 41  ? 0.703   2.169   -8.048  0.50 2.21  ? 29  SER A CA  1 
ATOM   235  C  CA  B SER A 1 41  ? 0.707   2.168   -8.049  0.50 3.23  ? 29  SER A CA  1 
ATOM   236  C  C   . SER A 1 41  ? 0.354   3.577   -7.601  1.00 3.59  ? 29  SER A C   1 
ATOM   237  O  O   . SER A 1 41  ? 0.876   4.540   -8.130  1.00 4.82  ? 29  SER A O   1 
ATOM   238  C  CB  A SER A 1 41  ? -0.324  1.667   -9.074  0.50 4.00  ? 29  SER A CB  1 
ATOM   239  C  CB  B SER A 1 41  ? -0.314  1.654   -9.071  0.50 5.06  ? 29  SER A CB  1 
ATOM   240  O  OG  A SER A 1 41  ? -1.627  1.597   -8.522  0.50 2.19  ? 29  SER A OG  1 
ATOM   241  O  OG  B SER A 1 41  ? 0.161   0.478   -9.710  0.50 10.01 ? 29  SER A OG  1 
ATOM   242  N  N   . LEU A 1 42  ? -0.566  3.709   -6.645  1.00 2.98  ? 30  LEU A N   1 
ATOM   243  C  CA  . LEU A 1 42  ? -0.911  5.052   -6.193  1.00 4.68  ? 30  LEU A CA  1 
ATOM   244  C  C   . LEU A 1 42  ? 0.273   5.750   -5.527  1.00 3.82  ? 30  LEU A C   1 
ATOM   245  O  O   . LEU A 1 42  ? 0.471   6.968   -5.734  1.00 4.75  ? 30  LEU A O   1 
ATOM   246  C  CB  . LEU A 1 42  ? -2.124  5.082   -5.251  1.00 5.08  ? 30  LEU A CB  1 
ATOM   247  C  CG  . LEU A 1 42  ? -2.533  6.479   -4.777  1.00 6.40  ? 30  LEU A CG  1 
ATOM   248  C  CD1 . LEU A 1 42  ? -2.896  7.379   -5.953  1.00 8.18  ? 30  LEU A CD1 1 
ATOM   249  C  CD2 . LEU A 1 42  ? -3.734  6.361   -3.829  1.00 8.41  ? 30  LEU A CD2 1 
ATOM   250  N  N   . SER A 1 43  ? 1.053   5.014   -4.727  1.00 2.00  ? 31  SER A N   1 
ATOM   251  C  CA  . SER A 1 43  ? 2.238   5.582   -4.112  1.00 3.23  ? 31  SER A CA  1 
ATOM   252  C  C   . SER A 1 43  ? 3.244   6.022   -5.192  1.00 3.67  ? 31  SER A C   1 
ATOM   253  O  O   . SER A 1 43  ? 3.824   7.101   -5.126  1.00 4.03  ? 31  SER A O   1 
ATOM   254  C  CB  . SER A 1 43  ? 2.886   4.563   -3.198  1.00 4.74  ? 31  SER A CB  1 
ATOM   255  O  OG  . SER A 1 43  ? 4.124   5.009   -2.730  1.00 4.80  ? 31  SER A OG  1 
ATOM   256  N  N   . PHE A 1 44  ? 3.471   5.171   -6.167  1.00 2.81  ? 32  PHE A N   1 
ATOM   257  C  CA  . PHE A 1 44  ? 4.392   5.502   -7.247  1.00 2.00  ? 32  PHE A CA  1 
ATOM   258  C  C   . PHE A 1 44  ? 3.954   6.793   -7.932  1.00 3.48  ? 32  PHE A C   1 
ATOM   259  O  O   . PHE A 1 44  ? 4.723   7.732   -8.115  1.00 4.26  ? 32  PHE A O   1 
ATOM   260  C  CB  . PHE A 1 44  ? 4.431   4.371   -8.297  1.00 2.00  ? 32  PHE A CB  1 
ATOM   261  C  CG  . PHE A 1 44  ? 4.818   3.000   -7.753  1.00 5.61  ? 32  PHE A CG  1 
ATOM   262  C  CD1 . PHE A 1 44  ? 5.505   2.851   -6.583  1.00 2.00  ? 32  PHE A CD1 1 
ATOM   263  C  CD2 . PHE A 1 44  ? 4.476   1.855   -8.456  1.00 10.15 ? 32  PHE A CD2 1 
ATOM   264  C  CE1 . PHE A 1 44  ? 5.889   1.629   -6.131  1.00 5.27  ? 32  PHE A CE1 1 
ATOM   265  C  CE2 . PHE A 1 44  ? 4.833   0.592   -7.993  1.00 15.07 ? 32  PHE A CE2 1 
ATOM   266  C  CZ  . PHE A 1 44  ? 5.555   0.485   -6.823  1.00 7.26  ? 32  PHE A CZ  1 
ATOM   267  N  N   . ALA A 1 45  ? 2.678   6.849   -8.289  1.00 2.99  ? 33  ALA A N   1 
ATOM   268  C  CA  . ALA A 1 45  ? 2.100   8.028   -8.948  1.00 2.30  ? 33  ALA A CA  1 
ATOM   269  C  C   . ALA A 1 45  ? 2.211   9.292   -8.096  1.00 4.15  ? 33  ALA A C   1 
ATOM   270  O  O   . ALA A 1 45  ? 2.634   10.332  -8.611  1.00 4.49  ? 33  ALA A O   1 
ATOM   271  C  CB  . ALA A 1 45  ? 0.678   7.780   -9.304  1.00 5.96  ? 33  ALA A CB  1 
ATOM   272  N  N   . LEU A 1 46  ? 1.885   9.197   -6.808  1.00 4.73  ? 34  LEU A N   1 
ATOM   273  C  CA  . LEU A 1 46  ? 2.050   10.337  -5.903  1.00 4.28  ? 34  LEU A CA  1 
ATOM   274  C  C   . LEU A 1 46  ? 3.475   10.849  -5.840  1.00 2.91  ? 34  LEU A C   1 
ATOM   275  O  O   . LEU A 1 46  ? 3.714   12.047  -5.615  1.00 6.49  ? 34  LEU A O   1 
ATOM   276  C  CB  . LEU A 1 46  ? 1.560   9.986   -4.500  1.00 4.46  ? 34  LEU A CB  1 
ATOM   277  C  CG  . LEU A 1 46  ? 0.045   9.819   -4.355  1.00 6.60  ? 34  LEU A CG  1 
ATOM   278  C  CD1 . LEU A 1 46  ? -0.260  9.245   -3.013  1.00 7.36  ? 34  LEU A CD1 1 
ATOM   279  C  CD2 . LEU A 1 46  ? -0.652  11.185  -4.514  1.00 9.59  ? 34  LEU A CD2 1 
ATOM   280  N  N   . GLN A 1 47  ? 4.443   9.958   -6.032  1.00 2.96  ? 35  GLN A N   1 
ATOM   281  C  CA  . GLN A 1 47  ? 5.842   10.304  -5.969  1.00 4.04  ? 35  GLN A CA  1 
ATOM   282  C  C   . GLN A 1 47  ? 6.440   10.672  -7.315  1.00 5.56  ? 35  GLN A C   1 
ATOM   283  O  O   . GLN A 1 47  ? 7.654   10.919  -7.405  1.00 6.67  ? 35  GLN A O   1 
ATOM   284  C  CB  . GLN A 1 47  ? 6.594   9.139   -5.320  1.00 3.40  ? 35  GLN A CB  1 
ATOM   285  C  CG  . GLN A 1 47  ? 6.179   8.915   -3.891  1.00 3.97  ? 35  GLN A CG  1 
ATOM   286  C  CD  . GLN A 1 47  ? 7.054   7.907   -3.186  1.00 5.27  ? 35  GLN A CD  1 
ATOM   287  O  OE1 . GLN A 1 47  ? 8.182   8.224   -2.835  1.00 6.44  ? 35  GLN A OE1 1 
ATOM   288  N  NE2 . GLN A 1 47  ? 6.546   6.688   -2.996  1.00 4.73  ? 35  GLN A NE2 1 
ATOM   289  N  N   . GLY A 1 48  ? 5.583   10.748  -8.335  1.00 5.33  ? 36  GLY A N   1 
ATOM   290  C  CA  . GLY A 1 48  ? 5.995   11.241  -9.640  1.00 5.88  ? 36  GLY A CA  1 
ATOM   291  C  C   . GLY A 1 48  ? 6.214   10.230  -10.740 1.00 5.82  ? 36  GLY A C   1 
ATOM   292  O  O   . GLY A 1 48  ? 6.549   10.608  -11.850 1.00 4.23  ? 36  GLY A O   1 
ATOM   293  N  N   . VAL A 1 49  ? 6.028   8.953   -10.456 1.00 4.05  ? 37  VAL A N   1 
ATOM   294  C  CA  . VAL A 1 49  ? 6.223   7.927   -11.472 1.00 5.23  ? 37  VAL A CA  1 
ATOM   295  C  C   . VAL A 1 49  ? 4.951   7.847   -12.312 1.00 5.68  ? 37  VAL A C   1 
ATOM   296  O  O   . VAL A 1 49  ? 3.901   7.562   -11.772 1.00 7.49  ? 37  VAL A O   1 
ATOM   297  C  CB  . VAL A 1 49  ? 6.523   6.528   -10.853 1.00 4.72  ? 37  VAL A CB  1 
ATOM   298  C  CG1 . VAL A 1 49  ? 6.988   5.569   -11.946 1.00 7.59  ? 37  VAL A CG1 1 
ATOM   299  C  CG2 . VAL A 1 49  ? 7.543   6.613   -9.737  1.00 6.16  ? 37  VAL A CG2 1 
ATOM   300  N  N   . PRO A 1 50  ? 5.048   8.050   -13.637 1.00 9.41  ? 38  PRO A N   1 
ATOM   301  C  CA  . PRO A 1 50  ? 3.804   8.039   -14.437 1.00 11.42 ? 38  PRO A CA  1 
ATOM   302  C  C   . PRO A 1 50  ? 3.266   6.621   -14.743 1.00 12.16 ? 38  PRO A C   1 
ATOM   303  O  O   . PRO A 1 50  ? 3.450   6.099   -15.852 1.00 15.22 ? 38  PRO A O   1 
ATOM   304  C  CB  . PRO A 1 50  ? 4.217   8.770   -15.709 1.00 13.06 ? 38  PRO A CB  1 
ATOM   305  C  CG  . PRO A 1 50  ? 5.629   8.427   -15.864 1.00 8.27  ? 38  PRO A CG  1 
ATOM   306  C  CD  . PRO A 1 50  ? 6.225   8.327   -14.467 1.00 10.14 ? 38  PRO A CD  1 
ATOM   307  N  N   . VAL A 1 51  ? 2.599   6.018   -13.759 1.00 11.33 ? 39  VAL A N   1 
ATOM   308  C  CA  . VAL A 1 51  ? 2.018   4.699   -13.910 1.00 9.07  ? 39  VAL A CA  1 
ATOM   309  C  C   . VAL A 1 51  ? 0.500   4.829   -13.789 1.00 11.32 ? 39  VAL A C   1 
ATOM   310  O  O   . VAL A 1 51  ? -0.009  5.731   -13.116 1.00 14.21 ? 39  VAL A O   1 
ATOM   311  C  CB  . VAL A 1 51  ? 2.542   3.701   -12.837 1.00 11.00 ? 39  VAL A CB  1 
ATOM   312  C  CG1 . VAL A 1 51  ? 4.033   3.437   -13.011 1.00 16.13 ? 39  VAL A CG1 1 
ATOM   313  C  CG2 . VAL A 1 51  ? 2.268   4.209   -11.439 1.00 9.89  ? 39  VAL A CG2 1 
ATOM   314  N  N   . GLU A 1 52  ? -0.204  3.883   -14.397 1.00 12.37 ? 40  GLU A N   1 
ATOM   315  C  CA  . GLU A 1 52  ? -1.637  3.754   -14.247 1.00 15.20 ? 40  GLU A CA  1 
ATOM   316  C  C   . GLU A 1 52  ? -1.965  3.235   -12.851 1.00 11.64 ? 40  GLU A C   1 
ATOM   317  O  O   . GLU A 1 52  ? -1.303  2.321   -12.364 1.00 14.23 ? 40  GLU A O   1 
ATOM   318  C  CB  . GLU A 1 52  ? -2.171  2.757   -15.280 1.00 16.23 ? 40  GLU A CB  1 
ATOM   319  C  CG  . GLU A 1 52  ? -3.697  2.620   -15.285 1.00 24.51 ? 40  GLU A CG  1 
ATOM   320  N  N   . VAL A 1 53  ? -3.021  3.767   -12.242 1.00 14.16 ? 41  VAL A N   1 
ATOM   321  C  CA  . VAL A 1 53  ? -3.482  3.311   -10.920 1.00 15.57 ? 41  VAL A CA  1 
ATOM   322  C  C   . VAL A 1 53  ? -4.809  2.598   -11.122 1.00 14.41 ? 41  VAL A C   1 
ATOM   323  O  O   . VAL A 1 53  ? -5.662  3.183   -11.743 1.00 13.66 ? 41  VAL A O   1 
ATOM   324  C  CB  . VAL A 1 53  ? -3.681  4.549   -10.006 1.00 15.22 ? 41  VAL A CB  1 
ATOM   325  C  CG1 . VAL A 1 53  ? -4.195  4.168   -8.647  1.00 14.82 ? 41  VAL A CG1 1 
ATOM   326  C  CG2 . VAL A 1 53  ? -2.354  5.347   -9.905  1.00 23.38 ? 41  VAL A CG2 1 
ATOM   327  N  N   . HIS A 1 54  ? -5.003  1.356   -10.651 1.00 16.98 ? 42  HIS A N   1 
ATOM   328  C  CA  A HIS A 1 54  ? -6.323  0.720   -10.843 0.50 19.25 ? 42  HIS A CA  1 
ATOM   329  C  CA  B HIS A 1 54  ? -6.279  0.620   -10.830 0.50 18.96 ? 42  HIS A CA  1 
ATOM   330  C  C   . HIS A 1 54  ? -7.037  0.424   -9.512  1.00 21.60 ? 42  HIS A C   1 
ATOM   331  O  O   . HIS A 1 54  ? -8.280  0.352   -9.469  1.00 24.15 ? 42  HIS A O   1 
ATOM   332  C  CB  A HIS A 1 54  ? -6.271  -0.488  -11.815 0.50 21.81 ? 42  HIS A CB  1 
ATOM   333  C  CB  B HIS A 1 54  ? -6.028  -0.756  -11.459 0.50 21.34 ? 42  HIS A CB  1 
ATOM   334  C  CG  A HIS A 1 54  ? -5.959  -1.800  -11.169 0.50 22.95 ? 42  HIS A CG  1 
ATOM   335  C  CG  B HIS A 1 54  ? -5.228  -0.705  -12.718 0.50 21.49 ? 42  HIS A CG  1 
ATOM   336  N  ND1 A HIS A 1 54  ? -4.669  -2.245  -10.972 0.50 33.05 ? 42  HIS A ND1 1 
ATOM   337  N  ND1 B HIS A 1 54  ? -5.661  -0.048  -13.850 0.50 27.61 ? 42  HIS A ND1 1 
ATOM   338  C  CD2 A HIS A 1 54  ? -6.769  -2.780  -10.707 0.50 28.54 ? 42  HIS A CD2 1 
ATOM   339  C  CD2 B HIS A 1 54  ? -4.018  -1.228  -13.025 0.50 27.93 ? 42  HIS A CD2 1 
ATOM   340  C  CE1 A HIS A 1 54  ? -4.698  -3.431  -10.393 0.50 33.00 ? 42  HIS A CE1 1 
ATOM   341  C  CE1 B HIS A 1 54  ? -4.752  -0.168  -14.799 0.50 21.64 ? 42  HIS A CE1 1 
ATOM   342  N  NE2 A HIS A 1 54  ? -5.960  -3.778  -10.221 0.50 32.70 ? 42  HIS A NE2 1 
ATOM   343  N  NE2 B HIS A 1 54  ? -3.744  -0.877  -14.325 0.50 29.74 ? 42  HIS A NE2 1 
ATOM   344  N  N   . ASP A 1 55  ? -6.275  0.299   -8.450  1.00 18.04 ? 43  ASP A N   1 
ATOM   345  C  CA  . ASP A 1 55  ? -6.806  0.135   -7.108  1.00 16.88 ? 43  ASP A CA  1 
ATOM   346  C  C   . ASP A 1 55  ? -5.961  1.009   -6.183  1.00 13.08 ? 43  ASP A C   1 
ATOM   347  O  O   . ASP A 1 55  ? -5.047  1.755   -6.600  1.00 12.88 ? 43  ASP A O   1 
ATOM   348  C  CB  . ASP A 1 55  ? -6.678  -1.298  -6.558  1.00 13.72 ? 43  ASP A CB  1 
ATOM   349  C  CG  . ASP A 1 55  ? -7.137  -2.396  -7.481  1.00 30.30 ? 43  ASP A CG  1 
ATOM   350  O  OD1 . ASP A 1 55  ? -8.290  -2.420  -8.010  1.00 23.02 ? 43  ASP A OD1 1 
ATOM   351  O  OD2 . ASP A 1 55  ? -6.319  -3.335  -7.591  1.00 36.29 ? 43  ASP A OD2 1 
ATOM   352  N  N   . ILE A 1 56  ? -6.235  0.901   -4.897  1.00 9.46  ? 44  ILE A N   1 
ATOM   353  C  CA  . ILE A 1 56  ? -5.446  1.593   -3.878  1.00 7.42  ? 44  ILE A CA  1 
ATOM   354  C  C   . ILE A 1 56  ? -4.993  0.565   -2.878  1.00 7.46  ? 44  ILE A C   1 
ATOM   355  O  O   . ILE A 1 56  ? -5.816  -0.184  -2.371  1.00 11.58 ? 44  ILE A O   1 
ATOM   356  C  CB  . ILE A 1 56  ? -6.235  2.644   -3.175  1.00 7.34  ? 44  ILE A CB  1 
ATOM   357  C  CG1 . ILE A 1 56  ? -6.673  3.717   -4.193  1.00 8.37  ? 44  ILE A CG1 1 
ATOM   358  C  CG2 . ILE A 1 56  ? -5.416  3.296   -2.060  1.00 8.37  ? 44  ILE A CG2 1 
ATOM   359  C  CD1 . ILE A 1 56  ? -7.509  4.823   -3.656  1.00 10.37 ? 44  ILE A CD1 1 
ATOM   360  N  N   . ASP A 1 57  ? -3.691  0.527   -2.625  1.00 5.42  ? 45  ASP A N   1 
ATOM   361  C  CA  . ASP A 1 57  ? -3.106  -0.438  -1.688  1.00 4.44  ? 45  ASP A CA  1 
ATOM   362  C  C   . ASP A 1 57  ? -2.638  0.311   -0.464  1.00 6.60  ? 45  ASP A C   1 
ATOM   363  O  O   . ASP A 1 57  ? -1.846  1.246   -0.585  1.00 6.71  ? 45  ASP A O   1 
ATOM   364  C  CB  . ASP A 1 57  ? -1.912  -1.122  -2.320  1.00 5.17  ? 45  ASP A CB  1 
ATOM   365  C  CG  . ASP A 1 57  ? -2.278  -1.973  -3.534  1.00 16.88 ? 45  ASP A CG  1 
ATOM   366  O  OD1 . ASP A 1 57  ? -3.385  -2.527  -3.605  1.00 17.27 ? 45  ASP A OD1 1 
ATOM   367  O  OD2 . ASP A 1 57  ? -1.446  -2.028  -4.454  1.00 23.88 ? 45  ASP A OD2 1 
ATOM   368  N  N   . ILE A 1 58  ? -3.127  -0.127  0.700   1.00 5.75  ? 46  ILE A N   1 
ATOM   369  C  CA  . ILE A 1 58  ? -2.720  0.406   1.978   1.00 4.88  ? 46  ILE A CA  1 
ATOM   370  C  C   . ILE A 1 58  ? -2.063  -0.703  2.789   1.00 5.64  ? 46  ILE A C   1 
ATOM   371  O  O   . ILE A 1 58  ? -2.649  -1.769  3.020   1.00 8.58  ? 46  ILE A O   1 
ATOM   372  C  CB  A ILE A 1 58  ? -3.934  0.898   2.819   0.50 6.63  ? 46  ILE A CB  1 
ATOM   373  C  CB  B ILE A 1 58  ? -3.889  1.032   2.743   0.50 6.38  ? 46  ILE A CB  1 
ATOM   374  C  CG1 A ILE A 1 58  ? -4.804  1.889   2.051   0.50 5.40  ? 46  ILE A CG1 1 
ATOM   375  C  CG1 B ILE A 1 58  ? -4.365  2.265   1.991   0.50 6.48  ? 46  ILE A CG1 1 
ATOM   376  C  CG2 . ILE A 1 58  ? -3.440  1.468   4.156   1.00 7.66  ? 46  ILE A CG2 1 
ATOM   377  C  CD1 A ILE A 1 58  ? -4.065  3.094   1.550   0.50 7.20  ? 46  ILE A CD1 1 
ATOM   378  C  CD1 B ILE A 1 58  ? -5.552  2.893   2.588   0.50 8.37  ? 46  ILE A CD1 1 
ATOM   379  N  N   . GLN A 1 59  ? -0.835  -0.444  3.218   1.00 4.15  ? 47  GLN A N   1 
ATOM   380  C  CA  . GLN A 1 59  ? -0.098  -1.326  4.093   1.00 4.42  ? 47  GLN A CA  1 
ATOM   381  C  C   . GLN A 1 59  ? -0.125  -0.756  5.510   1.00 5.17  ? 47  GLN A C   1 
ATOM   382  O  O   . GLN A 1 59  ? -0.032  0.430   5.699   1.00 4.81  ? 47  GLN A O   1 
ATOM   383  C  CB  . GLN A 1 59  ? 1.325   -1.563  3.573   1.00 4.82  ? 47  GLN A CB  1 
ATOM   384  C  CG  . GLN A 1 59  ? 2.161   -2.478  4.408   1.00 8.49  ? 47  GLN A CG  1 
ATOM   385  C  CD  . GLN A 1 59  ? 3.520   -2.787  3.811   1.00 7.68  ? 47  GLN A CD  1 
ATOM   386  O  OE1 . GLN A 1 59  ? 3.901   -2.190  2.815   1.00 10.98 ? 47  GLN A OE1 1 
ATOM   387  N  NE2 . GLN A 1 59  ? 4.256   -3.706  4.436   1.00 8.51  ? 47  GLN A NE2 1 
ATOM   388  N  N   . THR A 1 60  ? -0.222  -1.645  6.490   1.00 4.21  ? 48  THR A N   1 
ATOM   389  C  CA  . THR A 1 60  ? -0.351  -1.253  7.865   1.00 2.78  ? 48  THR A CA  1 
ATOM   390  C  C   . THR A 1 60  ? 0.213   -2.374  8.743   1.00 4.87  ? 48  THR A C   1 
ATOM   391  O  O   . THR A 1 60  ? 0.820   -3.335  8.233   1.00 4.73  ? 48  THR A O   1 
ATOM   392  C  CB  . THR A 1 60  ? -1.826  -0.921  8.201   1.00 6.59  ? 48  THR A CB  1 
ATOM   393  O  OG1 . THR A 1 60  ? -1.943  -0.424  9.546   1.00 5.97  ? 48  THR A OG1 1 
ATOM   394  C  CG2 . THR A 1 60  ? -2.709  -2.107  8.013   1.00 6.68  ? 48  THR A CG2 1 
ATOM   395  N  N   . ASP A 1 61  ? 0.082   -2.248  10.055  1.00 4.08  ? 49  ASP A N   1 
ATOM   396  C  CA  . ASP A 1 61  ? 0.492   -3.306  10.954  1.00 5.23  ? 49  ASP A CA  1 
ATOM   397  C  C   . ASP A 1 61  ? -0.733  -4.169  11.275  1.00 6.46  ? 49  ASP A C   1 
ATOM   398  O  O   . ASP A 1 61  ? -1.841  -3.919  10.753  1.00 6.53  ? 49  ASP A O   1 
ATOM   399  C  CB  . ASP A 1 61  ? 1.174   -2.765  12.192  1.00 6.94  ? 49  ASP A CB  1 
ATOM   400  C  CG  . ASP A 1 61  ? 0.417   -1.683  12.907  1.00 6.38  ? 49  ASP A CG  1 
ATOM   401  O  OD1 . ASP A 1 61  ? -0.798  -1.528  12.727  1.00 6.35  ? 49  ASP A OD1 1 
ATOM   402  O  OD2 . ASP A 1 61  ? 1.104   -0.950  13.709  1.00 10.10 ? 49  ASP A OD2 1 
ATOM   403  N  N   . GLU A 1 62  ? -0.537  -5.196  12.103  1.00 6.60  ? 50  GLU A N   1 
ATOM   404  C  CA  . GLU A 1 62  ? -1.662  -6.150  12.328  1.00 6.77  ? 50  GLU A CA  1 
ATOM   405  C  C   . GLU A 1 62  ? -2.877  -5.424  12.912  1.00 7.15  ? 50  GLU A C   1 
ATOM   406  O  O   . GLU A 1 62  ? -3.971  -5.484  12.364  1.00 8.38  ? 50  GLU A O   1 
ATOM   407  C  CB  . GLU A 1 62  ? -1.211  -7.328  13.212  1.00 7.76  ? 50  GLU A CB  1 
ATOM   408  C  CG  . GLU A 1 62  ? -2.326  -8.299  13.523  1.00 7.52  ? 50  GLU A CG  1 
ATOM   409  C  CD  . GLU A 1 62  ? -1.888  -9.427  14.444  1.00 11.13 ? 50  GLU A CD  1 
ATOM   410  O  OE1 . GLU A 1 62  ? -0.682  -9.581  14.663  1.00 14.05 ? 50  GLU A OE1 1 
ATOM   411  O  OE2 . GLU A 1 62  ? -2.789  -10.127 14.952  1.00 14.17 ? 50  GLU A OE2 1 
ATOM   412  N  N   . GLU A 1 63  ? -2.657  -4.669  14.003  1.00 5.70  ? 51  GLU A N   1 
ATOM   413  C  CA  . GLU A 1 63  ? -3.708  -3.924  14.656  1.00 7.81  ? 51  GLU A CA  1 
ATOM   414  C  C   . GLU A 1 63  ? -4.374  -2.905  13.714  1.00 6.84  ? 51  GLU A C   1 
ATOM   415  O  O   . GLU A 1 63  ? -5.581  -2.708  13.717  1.00 7.58  ? 51  GLU A O   1 
ATOM   416  C  CB  . GLU A 1 63  ? -3.124  -3.247  15.879  1.00 9.68  ? 51  GLU A CB  1 
ATOM   417  C  CG  . GLU A 1 63  ? -2.896  -4.268  16.965  1.00 18.91 ? 51  GLU A CG  1 
ATOM   418  N  N   . GLY A 1 64  ? -3.529  -2.270  12.904  1.00 6.19  ? 52  GLY A N   1 
ATOM   419  C  CA  . GLY A 1 64  ? -3.967  -1.253  11.995  1.00 5.42  ? 52  GLY A CA  1 
ATOM   420  C  C   . GLY A 1 64  ? -4.973  -1.768  10.988  1.00 5.09  ? 52  GLY A C   1 
ATOM   421  O  O   . GLY A 1 64  ? -5.902  -1.054  10.597  1.00 5.73  ? 52  GLY A O   1 
ATOM   422  N  N   . ALA A 1 65  ? -4.790  -3.007  10.552  1.00 4.30  ? 53  ALA A N   1 
ATOM   423  C  CA  . ALA A 1 65  ? -5.665  -3.537  9.524   1.00 5.26  ? 53  ALA A CA  1 
ATOM   424  C  C   . ALA A 1 65  ? -7.082  -3.650  10.066  1.00 5.07  ? 53  ALA A C   1 
ATOM   425  O  O   . ALA A 1 65  ? -8.030  -3.230  9.401   1.00 6.05  ? 53  ALA A O   1 
ATOM   426  C  CB  . ALA A 1 65  ? -5.115  -4.859  8.988   1.00 5.94  ? 53  ALA A CB  1 
ATOM   427  N  N   . TYR A 1 66  ? -7.206  -4.162  11.288  1.00 6.10  ? 54  TYR A N   1 
ATOM   428  C  CA  . TYR A 1 66  ? -8.518  -4.336  11.918  1.00 5.10  ? 54  TYR A CA  1 
ATOM   429  C  C   . TYR A 1 66  ? -9.114  -2.978  12.248  1.00 6.41  ? 54  TYR A C   1 
ATOM   430  O  O   . TYR A 1 66  ? -10.348 -2.784  12.139  1.00 6.05  ? 54  TYR A O   1 
ATOM   431  C  CB  . TYR A 1 66  ? -8.416  -5.276  13.120  1.00 5.49  ? 54  TYR A CB  1 
ATOM   432  C  CG  . TYR A 1 66  ? -8.012  -6.652  12.690  1.00 6.32  ? 54  TYR A CG  1 
ATOM   433  C  CD1 . TYR A 1 66  ? -8.964  -7.553  12.223  1.00 8.78  ? 54  TYR A CD1 1 
ATOM   434  C  CD2 . TYR A 1 66  ? -6.685  -7.032  12.669  1.00 5.48  ? 54  TYR A CD2 1 
ATOM   435  C  CE1 . TYR A 1 66  ? -8.598  -8.812  11.758  1.00 6.47  ? 54  TYR A CE1 1 
ATOM   436  C  CE2 . TYR A 1 66  ? -6.286  -8.286  12.195  1.00 5.65  ? 54  TYR A CE2 1 
ATOM   437  C  CZ  . TYR A 1 66  ? -7.259  -9.180  11.759  1.00 6.54  ? 54  TYR A CZ  1 
ATOM   438  O  OH  . TYR A 1 66  ? -6.838  -10.392 11.293  1.00 8.73  ? 54  TYR A OH  1 
ATOM   439  N  N   . GLU A 1 67  ? -8.268  -2.029  12.617  1.00 5.76  ? 55  GLU A N   1 
ATOM   440  C  CA  . GLU A 1 67  ? -8.750  -0.661  12.891  1.00 6.14  ? 55  GLU A CA  1 
ATOM   441  C  C   . GLU A 1 67  ? -9.259  0.021   11.645  1.00 5.20  ? 55  GLU A C   1 
ATOM   442  O  O   . GLU A 1 67  ? -10.286 0.734   11.679  1.00 6.25  ? 55  GLU A O   1 
ATOM   443  C  CB  . GLU A 1 67  ? -7.672  0.188   13.578  1.00 9.97  ? 55  GLU A CB  1 
ATOM   444  C  CG  . GLU A 1 67  ? -7.646  0.021   15.049  1.00 19.45 ? 55  GLU A CG  1 
ATOM   445  C  CD  . GLU A 1 67  ? -8.895  0.671   15.672  1.00 19.24 ? 55  GLU A CD  1 
ATOM   446  O  OE1 . GLU A 1 67  ? -8.935  1.903   15.796  1.00 30.45 ? 55  GLU A OE1 1 
ATOM   447  O  OE2 . GLU A 1 67  ? -9.856  -0.043  15.947  1.00 24.48 ? 55  GLU A OE2 1 
ATOM   448  N  N   . ILE A 1 68  ? -8.541  -0.142  10.528  1.00 4.95  ? 56  ILE A N   1 
ATOM   449  C  CA  . ILE A 1 68  ? -9.002  0.417   9.276   1.00 5.63  ? 56  ILE A CA  1 
ATOM   450  C  C   . ILE A 1 68  ? -10.360 -0.166  8.846   1.00 6.27  ? 56  ILE A C   1 
ATOM   451  O  O   . ILE A 1 68  ? -11.285 0.573   8.418   1.00 6.85  ? 56  ILE A O   1 
ATOM   452  C  CB  . ILE A 1 68  ? -7.926  0.233   8.161   1.00 6.00  ? 56  ILE A CB  1 
ATOM   453  C  CG1 . ILE A 1 68  ? -6.761  1.151   8.448   1.00 6.10  ? 56  ILE A CG1 1 
ATOM   454  C  CG2 . ILE A 1 68  ? -8.495  0.514   6.760   1.00 7.51  ? 56  ILE A CG2 1 
ATOM   455  C  CD1 . ILE A 1 68  ? -5.526  0.929   7.569   1.00 8.74  ? 56  ILE A CD1 1 
ATOM   456  N  N   . GLU A 1 69  ? -10.496 -1.474  9.013   1.00 6.82  ? 57  GLU A N   1 
ATOM   457  C  CA  . GLU A 1 69  ? -11.791 -2.108  8.746   1.00 8.49  ? 57  GLU A CA  1 
ATOM   458  C  C   . GLU A 1 69  ? -12.926 -1.450  9.539   1.00 7.96  ? 57  GLU A C   1 
ATOM   459  O  O   . GLU A 1 69  ? -13.973 -1.117  9.005   1.00 9.10  ? 57  GLU A O   1 
ATOM   460  C  CB  . GLU A 1 69  ? -11.761 -3.603  9.056   1.00 9.76  ? 57  GLU A CB  1 
ATOM   461  C  CG  . GLU A 1 69  ? -13.137 -4.238  8.772   1.00 13.08 ? 57  GLU A CG  1 
ATOM   462  C  CD  . GLU A 1 69  ? -13.307 -5.674  9.219   1.00 16.25 ? 57  GLU A CD  1 
ATOM   463  O  OE1 . GLU A 1 69  ? -12.328 -6.416  9.303   1.00 13.29 ? 57  GLU A OE1 1 
ATOM   464  O  OE2 . GLU A 1 69  ? -14.488 -6.057  9.477   1.00 23.53 ? 57  GLU A OE2 1 
ATOM   465  N  N   . ARG A 1 70  ? -12.691 -1.221  10.816  1.00 7.19  ? 58  ARG A N   1 
ATOM   466  C  CA  . ARG A 1 70  ? -13.690 -0.594  11.684  1.00 6.54  ? 58  ARG A CA  1 
ATOM   467  C  C   . ARG A 1 70  ? -14.001 0.830   11.203  1.00 7.68  ? 58  ARG A C   1 
ATOM   468  O  O   . ARG A 1 70  ? -15.179 1.268   11.126  1.00 7.47  ? 58  ARG A O   1 
ATOM   469  C  CB  . ARG A 1 70  ? -13.205 -0.595  13.132  1.00 7.10  ? 58  ARG A CB  1 
ATOM   470  C  CG  . ARG A 1 70  ? -14.194 0.033   14.087  1.00 13.08 ? 58  ARG A CG  1 
ATOM   471  C  CD  . ARG A 1 70  ? -13.601 0.241   15.471  1.00 13.36 ? 58  ARG A CD  1 
ATOM   472  N  NE  . ARG A 1 70  ? -12.480 1.185   15.530  1.00 13.77 ? 58  ARG A NE  1 
ATOM   473  C  CZ  . ARG A 1 70  ? -12.573 2.508   15.417  1.00 24.46 ? 58  ARG A CZ  1 
ATOM   474  N  NH1 . ARG A 1 70  ? -13.736 3.093   15.207  1.00 32.17 ? 58  ARG A NH1 1 
ATOM   475  N  NH2 . ARG A 1 70  ? -11.480 3.243   15.504  1.00 29.55 ? 58  ARG A NH2 1 
ATOM   476  N  N   . ILE A 1 71  ? -12.937 1.579   10.949  1.00 5.11  ? 59  ILE A N   1 
ATOM   477  C  CA  . ILE A 1 71  ? -13.080 2.994   10.558  1.00 5.11  ? 59  ILE A CA  1 
ATOM   478  C  C   . ILE A 1 71  ? -13.873 3.153   9.272   1.00 6.79  ? 59  ILE A C   1 
ATOM   479  O  O   . ILE A 1 71  ? -14.622 4.138   9.120   1.00 6.65  ? 59  ILE A O   1 
ATOM   480  C  CB  . ILE A 1 71  ? -11.692 3.702   10.480  1.00 4.82  ? 59  ILE A CB  1 
ATOM   481  C  CG1 . ILE A 1 71  ? -11.110 3.789   11.909  1.00 5.00  ? 59  ILE A CG1 1 
ATOM   482  C  CG2 . ILE A 1 71  ? -11.800 5.054   9.797   1.00 5.80  ? 59  ILE A CG2 1 
ATOM   483  C  CD1 . ILE A 1 71  ? -9.622  4.051   11.936  1.00 7.77  ? 59  ILE A CD1 1 
ATOM   484  N  N   . PHE A 1 72  ? -13.685 2.200   8.347   1.00 6.79  ? 60  PHE A N   1 
ATOM   485  C  CA  . PHE A 1 72  ? -14.343 2.214   7.043   1.00 5.76  ? 60  PHE A CA  1 
ATOM   486  C  C   . PHE A 1 72  ? -15.402 1.127   6.943   1.00 5.56  ? 60  PHE A C   1 
ATOM   487  O  O   . PHE A 1 72  ? -15.617 0.538   5.876   1.00 5.87  ? 60  PHE A O   1 
ATOM   488  C  CB  . PHE A 1 72  ? -13.298 2.031   5.948   1.00 4.50  ? 60  PHE A CB  1 
ATOM   489  C  CG  . PHE A 1 72  ? -12.357 3.183   5.843   1.00 4.87  ? 60  PHE A CG  1 
ATOM   490  C  CD1 . PHE A 1 72  ? -12.677 4.273   5.080   1.00 6.63  ? 60  PHE A CD1 1 
ATOM   491  C  CD2 . PHE A 1 72  ? -11.138 3.166   6.493   1.00 5.26  ? 60  PHE A CD2 1 
ATOM   492  C  CE1 . PHE A 1 72  ? -11.798 5.363   5.006   1.00 10.12 ? 60  PHE A CE1 1 
ATOM   493  C  CE2 . PHE A 1 72  ? -10.259 4.215   6.392   1.00 5.69  ? 60  PHE A CE2 1 
ATOM   494  C  CZ  . PHE A 1 72  ? -10.575 5.298   5.664   1.00 7.07  ? 60  PHE A CZ  1 
ATOM   495  N  N   . SER A 1 73  ? -16.064 0.862   8.068   1.00 6.57  ? 61  SER A N   1 
ATOM   496  C  CA  . SER A 1 73  ? -16.882 -0.327  8.159   1.00 6.98  ? 61  SER A CA  1 
ATOM   497  C  C   . SER A 1 73  ? -17.965 -0.426  7.076   1.00 6.55  ? 61  SER A C   1 
ATOM   498  O  O   . SER A 1 73  ? -18.225 -1.549  6.587   1.00 8.80  ? 61  SER A O   1 
ATOM   499  C  CB  . SER A 1 73  ? -17.473 -0.486  9.561   1.00 10.96 ? 61  SER A CB  1 
ATOM   500  O  OG  . SER A 1 73  ? -18.459 0.488   9.817   1.00 10.65 ? 61  SER A OG  1 
ATOM   501  N  N   . GLU A 1 74  ? -18.563 0.701   6.672   1.00 6.17  ? 62  GLU A N   1 
ATOM   502  C  CA  . GLU A 1 74  ? -19.639 0.658   5.670   1.00 6.98  ? 62  GLU A CA  1 
ATOM   503  C  C   . GLU A 1 74  ? -19.191 0.345   4.263   1.00 5.90  ? 62  GLU A C   1 
ATOM   504  O  O   . GLU A 1 74  ? -20.034 0.111   3.404   1.00 9.97  ? 62  GLU A O   1 
ATOM   505  C  CB  . GLU A 1 74  ? -20.496 1.932   5.643   1.00 7.84  ? 62  GLU A CB  1 
ATOM   506  C  CG  . GLU A 1 74  ? -19.848 3.179   5.097   1.00 7.87  ? 62  GLU A CG  1 
ATOM   507  C  CD  . GLU A 1 74  ? -19.187 4.066   6.149   1.00 8.97  ? 62  GLU A CD  1 
ATOM   508  O  OE1 . GLU A 1 74  ? -18.463 3.517   6.989   1.00 10.64 ? 62  GLU A OE1 1 
ATOM   509  O  OE2 . GLU A 1 74  ? -19.419 5.305   6.112   1.00 11.37 ? 62  GLU A OE2 1 
ATOM   510  N  N   . PHE A 1 75  ? -17.878 0.351   4.011   1.00 4.87  ? 63  PHE A N   1 
ATOM   511  C  CA  . PHE A 1 75  ? -17.270 0.141   2.717   1.00 5.15  ? 63  PHE A CA  1 
ATOM   512  C  C   . PHE A 1 75  ? -16.612 -1.241  2.560   1.00 6.24  ? 63  PHE A C   1 
ATOM   513  O  O   . PHE A 1 75  ? -15.994 -1.517  1.542   1.00 6.54  ? 63  PHE A O   1 
ATOM   514  C  CB  . PHE A 1 75  ? -16.176 1.169   2.478   1.00 5.20  ? 63  PHE A CB  1 
ATOM   515  C  CG  . PHE A 1 75  ? -16.664 2.606   2.554   1.00 5.87  ? 63  PHE A CG  1 
ATOM   516  C  CD1 . PHE A 1 75  ? -17.475 3.112   1.562   1.00 9.07  ? 63  PHE A CD1 1 
ATOM   517  C  CD2 . PHE A 1 75  ? -16.315 3.430   3.616   1.00 7.49  ? 63  PHE A CD2 1 
ATOM   518  C  CE1 . PHE A 1 75  ? -17.922 4.400   1.607   1.00 9.82  ? 63  PHE A CE1 1 
ATOM   519  C  CE2 . PHE A 1 75  ? -16.786 4.753   3.657   1.00 8.15  ? 63  PHE A CE2 1 
ATOM   520  C  CZ  . PHE A 1 75  ? -17.571 5.222   2.634   1.00 8.15  ? 63  PHE A CZ  1 
ATOM   521  N  N   . VAL A 1 76  ? -16.699 -2.072  3.584   1.00 5.81  ? 64  VAL A N   1 
ATOM   522  C  CA  . VAL A 1 76  ? -15.979 -3.352  3.597   1.00 4.80  ? 64  VAL A CA  1 
ATOM   523  C  C   . VAL A 1 76  ? -16.588 -4.345  2.629   1.00 6.57  ? 64  VAL A C   1 
ATOM   524  O  O   . VAL A 1 76  ? -17.796 -4.648  2.713   1.00 7.50  ? 64  VAL A O   1 
ATOM   525  C  CB  . VAL A 1 76  ? -15.979 -3.977  5.001   1.00 5.50  ? 64  VAL A CB  1 
ATOM   526  C  CG1 . VAL A 1 76  ? -15.409 -5.344  4.980   1.00 5.46  ? 64  VAL A CG1 1 
ATOM   527  C  CG2 . VAL A 1 76  ? -15.229 -3.074  5.949   1.00 8.03  ? 64  VAL A CG2 1 
ATOM   528  N  N   . SER A 1 77  ? -15.767 -4.836  1.708   1.00 3.91  ? 65  SER A N   1 
ATOM   529  C  CA  . SER A 1 77  ? -16.100 -5.904  0.808   1.00 3.27  ? 65  SER A CA  1 
ATOM   530  C  C   . SER A 1 77  ? -15.499 -7.255  1.189   1.00 3.38  ? 65  SER A C   1 
ATOM   531  O  O   . SER A 1 77  ? -16.030 -8.302  0.817   1.00 4.06  ? 65  SER A O   1 
ATOM   532  C  CB  . SER A 1 77  ? -15.689 -5.517  -0.606  1.00 4.99  ? 65  SER A CB  1 
ATOM   533  O  OG  . SER A 1 77  ? -14.306 -5.232  -0.646  1.00 7.05  ? 65  SER A OG  1 
ATOM   534  N  N   . LYS A 1 78  ? -14.389 -7.219  1.919   1.00 5.51  ? 66  LYS A N   1 
ATOM   535  C  CA  . LYS A 1 78  ? -13.784 -8.410  2.500   1.00 4.04  ? 66  LYS A CA  1 
ATOM   536  C  C   . LYS A 1 78  ? -13.293 -8.055  3.905   1.00 4.70  ? 66  LYS A C   1 
ATOM   537  O  O   . LYS A 1 78  ? -12.441 -7.152  4.077   1.00 3.97  ? 66  LYS A O   1 
ATOM   538  C  CB  . LYS A 1 78  ? -12.609 -8.940  1.649   1.00 4.42  ? 66  LYS A CB  1 
ATOM   539  C  CG  . LYS A 1 78  ? -11.959 -10.194 2.272   1.00 6.98  ? 66  LYS A CG  1 
ATOM   540  C  CD  . LYS A 1 78  ? -10.612 -10.554 1.631   1.00 8.66  ? 66  LYS A CD  1 
ATOM   541  C  CE  . LYS A 1 78  ? -9.988  -11.761 2.260   1.00 12.90 ? 66  LYS A CE  1 
ATOM   542  N  NZ  . LYS A 1 78  ? -9.784  -11.692 3.738   1.00 12.20 ? 66  LYS A NZ  1 
ATOM   543  N  N   . LYS A 1 79  ? -13.824 -8.731  4.919   1.00 6.05  ? 67  LYS A N   1 
ATOM   544  C  CA  . LYS A 1 79  ? -13.379 -8.463  6.278   1.00 5.04  ? 67  LYS A CA  1 
ATOM   545  C  C   . LYS A 1 79  ? -11.930 -8.907  6.387   1.00 5.80  ? 67  LYS A C   1 
ATOM   546  O  O   . LYS A 1 79  ? -11.491 -9.852  5.752   1.00 5.85  ? 67  LYS A O   1 
ATOM   547  C  CB  . LYS A 1 79  ? -14.231 -9.205  7.295   1.00 6.02  ? 67  LYS A CB  1 
ATOM   548  C  CG  . LYS A 1 79  ? -15.642 -8.704  7.319   1.00 7.32  ? 67  LYS A CG  1 
ATOM   549  C  CD  . LYS A 1 79  ? -16.517 -9.380  8.315   1.00 9.95  ? 67  LYS A CD  1 
ATOM   550  C  CE  . LYS A 1 79  ? -17.915 -8.789  8.263   1.00 13.94 ? 67  LYS A CE  1 
ATOM   551  N  NZ  . LYS A 1 79  ? -18.902 -9.566  9.109   1.00 19.97 ? 67  LYS A NZ  1 
ATOM   552  N  N   . VAL A 1 80  ? -11.182 -8.190  7.214   1.00 5.96  ? 68  VAL A N   1 
ATOM   553  C  CA  . VAL A 1 80  ? -9.788  -8.515  7.441   1.00 6.00  ? 68  VAL A CA  1 
ATOM   554  C  C   . VAL A 1 80  ? -9.643  -9.870  8.103   1.00 5.67  ? 68  VAL A C   1 
ATOM   555  O  O   . VAL A 1 80  ? -10.275 -10.180 9.128   1.00 5.40  ? 68  VAL A O   1 
ATOM   556  C  CB  . VAL A 1 80  ? -9.092  -7.428  8.298   1.00 3.99  ? 68  VAL A CB  1 
ATOM   557  C  CG1 . VAL A 1 80  ? -7.670  -7.833  8.592   1.00 5.36  ? 68  VAL A CG1 1 
ATOM   558  C  CG2 . VAL A 1 80  ? -9.119  -6.122  7.522   1.00 6.63  ? 68  VAL A CG2 1 
ATOM   559  N  N   . ARG A 1 81  ? -8.774  -10.681 7.533   1.00 6.18  ? 69  ARG A N   1 
ATOM   560  C  CA  . ARG A 1 81  ? -8.412  -11.955 8.112   1.00 6.50  ? 69  ARG A CA  1 
ATOM   561  C  C   . ARG A 1 81  ? -7.016  -12.342 7.678   1.00 5.92  ? 69  ARG A C   1 
ATOM   562  O  O   . ARG A 1 81  ? -6.601  -11.987 6.603   1.00 6.48  ? 69  ARG A O   1 
ATOM   563  C  CB  . ARG A 1 81  ? -9.395  -13.014 7.593   1.00 8.74  ? 69  ARG A CB  1 
ATOM   564  C  CG  . ARG A 1 81  ? -9.207  -14.403 8.026   1.00 17.96 ? 69  ARG A CG  1 
ATOM   565  C  CD  . ARG A 1 81  ? -10.277 -15.266 7.370   1.00 18.02 ? 69  ARG A CD  1 
ATOM   566  N  NE  . ARG A 1 81  ? -11.588 -14.948 7.909   1.00 20.95 ? 69  ARG A NE  1 
ATOM   567  C  CZ  . ARG A 1 81  ? -12.265 -15.687 8.796   1.00 21.18 ? 69  ARG A CZ  1 
ATOM   568  N  NH1 . ARG A 1 81  ? -11.782 -16.841 9.263   1.00 22.59 ? 69  ARG A NH1 1 
ATOM   569  N  NH2 . ARG A 1 81  ? -13.454 -15.268 9.198   1.00 25.61 ? 69  ARG A NH2 1 
ATOM   570  N  N   . PHE A 1 82  ? -6.324  -13.096 8.518   1.00 7.14  ? 70  PHE A N   1 
ATOM   571  C  CA  . PHE A 1 82  ? -5.024  -13.595 8.136   1.00 6.80  ? 70  PHE A CA  1 
ATOM   572  C  C   . PHE A 1 82  ? -5.179  -14.496 6.905   1.00 9.24  ? 70  PHE A C   1 
ATOM   573  O  O   . PHE A 1 82  ? -5.987  -15.452 6.934   1.00 10.92 ? 70  PHE A O   1 
ATOM   574  C  CB  . PHE A 1 82  ? -4.303  -14.333 9.283   1.00 8.82  ? 70  PHE A CB  1 
ATOM   575  C  CG  . PHE A 1 82  ? -2.962  -14.837 8.881   1.00 10.50 ? 70  PHE A CG  1 
ATOM   576  C  CD1 . PHE A 1 82  ? -1.890  -13.977 8.825   1.00 10.64 ? 70  PHE A CD1 1 
ATOM   577  C  CD2 . PHE A 1 82  ? -2.791  -16.151 8.483   1.00 12.60 ? 70  PHE A CD2 1 
ATOM   578  C  CE1 . PHE A 1 82  ? -0.647  -14.440 8.413   1.00 13.40 ? 70  PHE A CE1 1 
ATOM   579  C  CE2 . PHE A 1 82  ? -1.549  -16.620 8.070   1.00 14.37 ? 70  PHE A CE2 1 
ATOM   580  C  CZ  . PHE A 1 82  ? -0.486  -15.753 8.034   1.00 10.91 ? 70  PHE A CZ  1 
ATOM   581  N  N   . SER A 1 83  ? -4.370  -14.222 5.874   1.00 10.05 ? 71  SER A N   1 
ATOM   582  C  CA  A SER A 1 83  ? -4.443  -14.834 4.545   0.50 10.33 ? 71  SER A CA  1 
ATOM   583  C  CA  B SER A 1 83  ? -4.453  -14.885 4.581   0.50 11.42 ? 71  SER A CA  1 
ATOM   584  C  C   . SER A 1 83  ? -3.007  -15.125 4.107   1.00 11.19 ? 71  SER A C   1 
ATOM   585  O  O   . SER A 1 83  ? -2.150  -14.257 4.242   1.00 10.33 ? 71  SER A O   1 
ATOM   586  C  CB  A SER A 1 83  ? -5.071  -13.811 3.567   0.50 7.22  ? 71  SER A CB  1 
ATOM   587  C  CB  B SER A 1 83  ? -5.222  -14.004 3.553   0.50 8.51  ? 71  SER A CB  1 
ATOM   588  O  OG  A SER A 1 83  ? -5.265  -14.302 2.256   0.50 11.72 ? 71  SER A OG  1 
ATOM   589  O  OG  B SER A 1 83  ? -6.450  -13.423 4.073   0.50 15.23 ? 71  SER A OG  1 
ATOM   590  N  N   . SER A 1 84  ? -2.710  -16.327 3.610   1.00 13.73 ? 72  SER A N   1 
ATOM   591  C  CA  . SER A 1 84  ? -1.374  -16.575 3.031   1.00 12.86 ? 72  SER A CA  1 
ATOM   592  C  C   . SER A 1 84  ? -1.446  -17.205 1.647   1.00 13.08 ? 72  SER A C   1 
ATOM   593  O  O   . SER A 1 84  ? -2.395  -17.955 1.309   1.00 12.56 ? 72  SER A O   1 
ATOM   594  C  CB  . SER A 1 84  ? -0.474  -17.423 3.941   1.00 18.29 ? 72  SER A CB  1 
ATOM   595  O  OG  . SER A 1 84  ? -0.909  -18.767 3.979   1.00 22.84 ? 72  SER A OG  1 
ATOM   596  N  N   . THR A 1 85  ? -0.447  -16.875 0.836   1.00 10.45 ? 73  THR A N   1 
ATOM   597  C  CA  . THR A 1 85  ? -0.156  -17.605 -0.377  1.00 10.40 ? 73  THR A CA  1 
ATOM   598  C  C   . THR A 1 85  ? 1.236   -18.200 -0.231  1.00 10.20 ? 73  THR A C   1 
ATOM   599  O  O   . THR A 1 85  ? 1.845   -18.117 0.831   1.00 11.00 ? 73  THR A O   1 
ATOM   600  C  CB  . THR A 1 85  ? -0.154  -16.688 -1.583  1.00 11.26 ? 73  THR A CB  1 
ATOM   601  O  OG1 . THR A 1 85  ? 0.997   -15.840 -1.496  1.00 10.25 ? 73  THR A OG1 1 
ATOM   602  C  CG2 . THR A 1 85  ? -1.446  -15.903 -1.651  1.00 15.69 ? 73  THR A CG2 1 
ATOM   603  N  N   . GLU A 1 86  ? 1.751   -18.822 -1.288  1.00 10.17 ? 74  GLU A N   1 
ATOM   604  C  CA  . GLU A 1 86  ? 3.106   -19.332 -1.225  1.00 11.68 ? 74  GLU A CA  1 
ATOM   605  C  C   . GLU A 1 86  ? 4.150   -18.219 -1.061  1.00 9.68  ? 74  GLU A C   1 
ATOM   606  O  O   . GLU A 1 86  ? 5.230   -18.480 -0.537  1.00 9.96  ? 74  GLU A O   1 
ATOM   607  C  CB  . GLU A 1 86  ? 3.443   -20.134 -2.483  1.00 14.55 ? 74  GLU A CB  1 
ATOM   608  C  CG  . GLU A 1 86  ? 2.629   -21.422 -2.645  1.00 22.11 ? 74  GLU A CG  1 
ATOM   609  C  CD  . GLU A 1 86  ? 2.754   -22.376 -1.467  1.00 28.67 ? 74  GLU A CD  1 
ATOM   610  O  OE1 . GLU A 1 86  ? 3.884   -22.567 -0.958  1.00 37.71 ? 74  GLU A OE1 1 
ATOM   611  O  OE2 . GLU A 1 86  ? 1.729   -22.950 -1.052  1.00 42.12 ? 74  GLU A OE2 1 
ATOM   612  N  N   . LYS A 1 87  ? 3.838   -16.997 -1.521  1.00 9.41  ? 75  LYS A N   1 
ATOM   613  C  CA  . LYS A 1 87  ? 4.806   -15.900 -1.562  1.00 8.01  ? 75  LYS A CA  1 
ATOM   614  C  C   . LYS A 1 87  ? 4.636   -14.836 -0.477  1.00 5.78  ? 75  LYS A C   1 
ATOM   615  O  O   . LYS A 1 87  ? 5.603   -14.166 -0.144  1.00 7.25  ? 75  LYS A O   1 
ATOM   616  C  CB  . LYS A 1 87  ? 4.758   -15.161 -2.899  1.00 11.40 ? 75  LYS A CB  1 
ATOM   617  C  CG  . LYS A 1 87  ? 5.369   -15.862 -4.100  1.00 14.84 ? 75  LYS A CG  1 
ATOM   618  C  CD  . LYS A 1 87  ? 5.466   -14.851 -5.287  1.00 20.18 ? 75  LYS A CD  1 
ATOM   619  C  CE  . LYS A 1 87  ? 5.337   -15.568 -6.608  1.00 31.01 ? 75  LYS A CE  1 
ATOM   620  N  NZ  . LYS A 1 87  ? 3.906   -15.938 -6.853  1.00 27.43 ? 75  LYS A NZ  1 
ATOM   621  N  N   . ILE A 1 88  ? 3.409   -14.677 0.037   1.00 7.70  ? 76  ILE A N   1 
ATOM   622  C  CA  A ILE A 1 88  ? 3.048   -13.545 0.909   0.50 7.00  ? 76  ILE A CA  1 
ATOM   623  C  CA  B ILE A 1 88  ? 3.122   -13.586 0.949   0.50 8.53  ? 76  ILE A CA  1 
ATOM   624  C  C   . ILE A 1 88  ? 2.027   -13.956 1.945   1.00 8.37  ? 76  ILE A C   1 
ATOM   625  O  O   . ILE A 1 88  ? 1.148   -14.790 1.666   1.00 9.41  ? 76  ILE A O   1 
ATOM   626  C  CB  A ILE A 1 88  ? 2.343   -12.376 0.120   0.50 7.63  ? 76  ILE A CB  1 
ATOM   627  C  CB  B ILE A 1 88  ? 2.698   -12.304 0.169   0.50 9.48  ? 76  ILE A CB  1 
ATOM   628  C  CG1 A ILE A 1 88  ? 3.300   -11.712 -0.850  0.50 13.45 ? 76  ILE A CG1 1 
ATOM   629  C  CG1 B ILE A 1 88  ? 1.483   -12.587 -0.707  0.50 10.95 ? 76  ILE A CG1 1 
ATOM   630  C  CG2 A ILE A 1 88  ? 1.772   -11.283 1.110   0.50 7.46  ? 76  ILE A CG2 1 
ATOM   631  C  CG2 B ILE A 1 88  ? 3.857   -11.757 -0.668  0.50 12.64 ? 76  ILE A CG2 1 
ATOM   632  C  CD1 A ILE A 1 88  ? 4.209   -10.708 -0.186  0.50 15.18 ? 76  ILE A CD1 1 
ATOM   633  C  CD1 B ILE A 1 88  ? 0.848   -11.357 -1.255  0.50 15.16 ? 76  ILE A CD1 1 
ATOM   634  N  N   . CYS A 1 89  ? 2.087   -13.345 3.119   1.00 7.66  ? 77  CYS A N   1 
ATOM   635  C  CA  . CYS A 1 89  ? 0.961   -13.425 4.045   1.00 6.75  ? 77  CYS A CA  1 
ATOM   636  C  C   . CYS A 1 89  ? 0.734   -12.068 4.658   1.00 5.96  ? 77  CYS A C   1 
ATOM   637  O  O   . CYS A 1 89  ? 1.619   -11.209 4.657   1.00 7.47  ? 77  CYS A O   1 
ATOM   638  C  CB  . CYS A 1 89  ? 1.158   -14.498 5.108   1.00 9.89  ? 77  CYS A CB  1 
ATOM   639  S  SG  . CYS A 1 89  ? 2.454   -14.188 6.268   1.00 11.89 ? 77  CYS A SG  1 
ATOM   640  N  N   . SER A 1 90  ? -0.472  -11.878 5.161   1.00 6.54  ? 78  SER A N   1 
ATOM   641  C  CA  . SER A 1 90  ? -0.863  -10.630 5.799   1.00 6.57  ? 78  SER A CA  1 
ATOM   642  C  C   . SER A 1 90  ? -2.233  -10.787 6.424   1.00 8.01  ? 78  SER A C   1 
ATOM   643  O  O   . SER A 1 90  ? -2.938  -11.777 6.169   1.00 7.33  ? 78  SER A O   1 
ATOM   644  C  CB  . SER A 1 90  ? -0.938  -9.468  4.792   1.00 8.10  ? 78  SER A CB  1 
ATOM   645  O  OG  . SER A 1 90  ? -2.074  -9.599  3.936   1.00 8.63  ? 78  SER A OG  1 
ATOM   646  N  N   . HIS A 1 91  ? -2.614  -9.800  7.216   1.00 5.26  ? 79  HIS A N   1 
ATOM   647  C  CA  . HIS A 1 91  ? -3.997  -9.631  7.623   1.00 5.06  ? 79  HIS A CA  1 
ATOM   648  C  C   . HIS A 1 91  ? -4.650  -8.759  6.562   1.00 5.87  ? 79  HIS A C   1 
ATOM   649  O  O   . HIS A 1 91  ? -4.389  -7.555  6.500   1.00 5.63  ? 79  HIS A O   1 
ATOM   650  C  CB  . HIS A 1 91  ? -4.054  -8.991  9.001   1.00 5.97  ? 79  HIS A CB  1 
ATOM   651  C  CG  . HIS A 1 91  ? -3.405  -9.845  10.025  1.00 7.63  ? 79  HIS A CG  1 
ATOM   652  N  ND1 . HIS A 1 91  ? -4.131  -10.618 10.904  1.00 7.84  ? 79  HIS A ND1 1 
ATOM   653  C  CD2 . HIS A 1 91  ? -2.102  -10.075 10.298  1.00 8.33  ? 79  HIS A CD2 1 
ATOM   654  C  CE1 . HIS A 1 91  ? -3.298  -11.313 11.657  1.00 10.17 ? 79  HIS A CE1 1 
ATOM   655  N  NE2 . HIS A 1 91  ? -2.063  -11.006 11.316  1.00 8.72  ? 79  HIS A NE2 1 
ATOM   656  N  N   . PHE A 1 92  ? -5.481  -9.405  5.761   1.00 4.07  ? 80  PHE A N   1 
ATOM   657  C  CA  . PHE A 1 92  ? -5.900  -8.888  4.458   1.00 4.99  ? 80  PHE A CA  1 
ATOM   658  C  C   . PHE A 1 92  ? -7.416  -8.647  4.447   1.00 4.81  ? 80  PHE A C   1 
ATOM   659  O  O   . PHE A 1 92  ? -8.188  -9.574  4.705   1.00 5.55  ? 80  PHE A O   1 
ATOM   660  C  CB  . PHE A 1 92  ? -5.532  -9.888  3.374   1.00 6.83  ? 80  PHE A CB  1 
ATOM   661  C  CG  . PHE A 1 92  ? -6.117  -9.583  2.023   1.00 9.23  ? 80  PHE A CG  1 
ATOM   662  C  CD1 . PHE A 1 92  ? -6.115  -8.316  1.520   1.00 12.12 ? 80  PHE A CD1 1 
ATOM   663  C  CD2 . PHE A 1 92  ? -6.706  -10.602 1.281   1.00 14.30 ? 80  PHE A CD2 1 
ATOM   664  C  CE1 . PHE A 1 92  ? -6.647  -8.049  0.274   1.00 13.13 ? 80  PHE A CE1 1 
ATOM   665  C  CE2 . PHE A 1 92  ? -7.267  -10.334 0.058   1.00 16.64 ? 80  PHE A CE2 1 
ATOM   666  C  CZ  . PHE A 1 92  ? -7.225  -9.057  -0.446  1.00 13.78 ? 80  PHE A CZ  1 
ATOM   667  N  N   . GLY A 1 93  ? -7.824  -7.421  4.134   1.00 5.13  ? 81  GLY A N   1 
ATOM   668  C  CA  . GLY A 1 93  ? -9.224  -7.103  3.895   1.00 5.04  ? 81  GLY A CA  1 
ATOM   669  C  C   . GLY A 1 93  ? -9.331  -6.158  2.734   1.00 5.10  ? 81  GLY A C   1 
ATOM   670  O  O   . GLY A 1 93  ? -8.319  -5.754  2.144   1.00 5.11  ? 81  GLY A O   1 
ATOM   671  N  N   . GLU A 1 94  ? -10.555 -5.838  2.369   1.00 4.40  ? 82  GLU A N   1 
ATOM   672  C  CA  A GLU A 1 94  ? -10.802 -4.989  1.203   0.70 3.58  ? 82  GLU A CA  1 
ATOM   673  C  CA  B GLU A 1 94  ? -10.796 -5.005  1.202   0.30 4.71  ? 82  GLU A CA  1 
ATOM   674  C  C   . GLU A 1 94  ? -11.973 -4.081  1.459   1.00 5.21  ? 82  GLU A C   1 
ATOM   675  O  O   . GLU A 1 94  ? -12.966 -4.481  2.101   1.00 5.57  ? 82  GLU A O   1 
ATOM   676  C  CB  A GLU A 1 94  ? -11.067 -5.848  -0.024  0.70 5.14  ? 82  GLU A CB  1 
ATOM   677  C  CB  B GLU A 1 94  ? -11.041 -5.880  -0.035  0.30 5.34  ? 82  GLU A CB  1 
ATOM   678  C  CG  A GLU A 1 94  ? -11.117 -5.078  -1.312  0.70 3.86  ? 82  GLU A CG  1 
ATOM   679  C  CG  B GLU A 1 94  ? -9.889  -6.851  -0.363  0.30 5.30  ? 82  GLU A CG  1 
ATOM   680  C  CD  A GLU A 1 94  ? -11.547 -5.967  -2.462  0.70 12.07 ? 82  GLU A CD  1 
ATOM   681  C  CD  B GLU A 1 94  ? -10.184 -7.719  -1.572  0.30 9.19  ? 82  GLU A CD  1 
ATOM   682  O  OE1 A GLU A 1 94  ? -12.751 -6.262  -2.592  0.70 12.32 ? 82  GLU A OE1 1 
ATOM   683  O  OE1 B GLU A 1 94  ? -11.261 -8.339  -1.596  0.30 14.56 ? 82  GLU A OE1 1 
ATOM   684  O  OE2 A GLU A 1 94  ? -10.664 -6.354  -3.228  0.70 13.21 ? 82  GLU A OE2 1 
ATOM   685  O  OE2 B GLU A 1 94  ? -9.335  -7.799  -2.494  0.30 10.83 ? 82  GLU A OE2 1 
ATOM   686  N  N   . LEU A 1 95  ? -11.827 -2.850  0.983   1.00 4.45  ? 83  LEU A N   1 
ATOM   687  C  CA  . LEU A 1 95  ? -12.889 -1.876  0.877   1.00 3.91  ? 83  LEU A CA  1 
ATOM   688  C  C   . LEU A 1 95  ? -13.217 -1.611  -0.577  1.00 4.74  ? 83  LEU A C   1 
ATOM   689  O  O   . LEU A 1 95  ? -12.394 -1.802  -1.481  1.00 5.73  ? 83  LEU A O   1 
ATOM   690  C  CB  . LEU A 1 95  ? -12.517 -0.546  1.550   1.00 5.20  ? 83  LEU A CB  1 
ATOM   691  C  CG  . LEU A 1 95  ? -11.721 -0.583  2.826   1.00 6.31  ? 83  LEU A CG  1 
ATOM   692  C  CD1 . LEU A 1 95  ? -11.275 0.824   3.246   1.00 7.50  ? 83  LEU A CD1 1 
ATOM   693  C  CD2 . LEU A 1 95  ? -12.569 -1.235  3.905   1.00 8.37  ? 83  LEU A CD2 1 
ATOM   694  N  N   . ILE A 1 96  ? -14.453 -1.149  -0.780  1.00 5.05  ? 84  ILE A N   1 
ATOM   695  C  CA  . ILE A 1 96  ? -14.817 -0.537  -2.050  1.00 4.74  ? 84  ILE A CA  1 
ATOM   696  C  C   . ILE A 1 96  ? -15.405 0.816   -1.743  1.00 6.11  ? 84  ILE A C   1 
ATOM   697  O  O   . ILE A 1 96  ? -16.391 0.909   -1.004  1.00 6.41  ? 84  ILE A O   1 
ATOM   698  C  CB  . ILE A 1 96  ? -15.769 -1.417  -2.899  1.00 6.78  ? 84  ILE A CB  1 
ATOM   699  C  CG1 . ILE A 1 96  ? -15.101 -2.764  -3.191  1.00 9.07  ? 84  ILE A CG1 1 
ATOM   700  C  CG2 . ILE A 1 96  ? -16.151 -0.663  -4.173  1.00 7.87  ? 84  ILE A CG2 1 
ATOM   701  C  CD1 . ILE A 1 96  ? -15.951 -3.767  -3.915  1.00 12.98 ? 84  ILE A CD1 1 
ATOM   702  N  N   . ILE A 1 97  ? -14.765 1.871   -2.260  1.00 5.75  ? 85  ILE A N   1 
ATOM   703  C  CA  . ILE A 1 97  ? -15.225 3.262   -2.061  1.00 7.19  ? 85  ILE A CA  1 
ATOM   704  C  C   . ILE A 1 97  ? -15.445 3.890   -3.428  1.00 6.44  ? 85  ILE A C   1 
ATOM   705  O  O   . ILE A 1 97  ? -14.531 4.014   -4.216  1.00 6.24  ? 85  ILE A O   1 
ATOM   706  C  CB  . ILE A 1 97  ? -14.220 4.100   -1.255  1.00 6.88  ? 85  ILE A CB  1 
ATOM   707  C  CG1 . ILE A 1 97  ? -13.891 3.423   0.076   1.00 6.90  ? 85  ILE A CG1 1 
ATOM   708  C  CG2 . ILE A 1 97  ? -14.768 5.476   -0.998  1.00 8.35  ? 85  ILE A CG2 1 
ATOM   709  C  CD1 . ILE A 1 97  ? -12.750 4.085   0.861   1.00 8.07  ? 85  ILE A CD1 1 
ATOM   710  N  N   . ASP A 1 98  ? -16.681 4.269   -3.703  1.00 9.07  ? 86  ASP A N   1 
ATOM   711  C  CA  . ASP A 1 98  ? -17.025 4.836   -4.996  1.00 8.72  ? 86  ASP A CA  1 
ATOM   712  C  C   . ASP A 1 98  ? -16.482 4.006   -6.159  1.00 8.65  ? 86  ASP A C   1 
ATOM   713  O  O   . ASP A 1 98  ? -15.930 4.517   -7.117  1.00 10.42 ? 86  ASP A O   1 
ATOM   714  C  CB  . ASP A 1 98  ? -16.628 6.285   -5.039  1.00 10.05 ? 86  ASP A CB  1 
ATOM   715  C  CG  . ASP A 1 98  ? -17.363 7.100   -3.965  1.00 13.09 ? 86  ASP A CG  1 
ATOM   716  O  OD1 . ASP A 1 98  ? -18.626 6.943   -3.819  1.00 14.89 ? 86  ASP A OD1 1 
ATOM   717  O  OD2 . ASP A 1 98  ? -16.682 7.858   -3.237  1.00 15.16 ? 86  ASP A OD2 1 
ATOM   718  N  N   . GLY A 1 99  ? -16.664 2.694   -6.054  1.00 8.29  ? 87  GLY A N   1 
ATOM   719  C  CA  . GLY A 1 99  ? -16.254 1.801   -7.119  1.00 10.18 ? 87  GLY A CA  1 
ATOM   720  C  C   . GLY A 1 99  ? -14.786 1.470   -7.235  1.00 10.03 ? 87  GLY A C   1 
ATOM   721  O  O   . GLY A 1 99  ? -14.378 0.727   -8.148  1.00 10.25 ? 87  GLY A O   1 
ATOM   722  N  N   . ILE A 1 100 ? -13.978 2.042   -6.338  1.00 6.53  ? 88  ILE A N   1 
ATOM   723  C  CA  . ILE A 1 100 ? -12.547 1.805   -6.296  1.00 5.98  ? 88  ILE A CA  1 
ATOM   724  C  C   . ILE A 1 100 ? -12.202 0.842   -5.166  1.00 6.02  ? 88  ILE A C   1 
ATOM   725  O  O   . ILE A 1 100 ? -12.598 1.047   -4.020  1.00 5.05  ? 88  ILE A O   1 
ATOM   726  C  CB  . ILE A 1 100 ? -11.784 3.117   -6.172  1.00 6.40  ? 88  ILE A CB  1 
ATOM   727  C  CG1 . ILE A 1 100 ? -11.972 3.918   -7.476  1.00 10.03 ? 88  ILE A CG1 1 
ATOM   728  C  CG2 . ILE A 1 100 ? -10.297 2.862   -5.893  1.00 9.92  ? 88  ILE A CG2 1 
ATOM   729  C  CD1 . ILE A 1 100 ? -11.382 5.326   -7.414  1.00 11.22 ? 88  ILE A CD1 1 
ATOM   730  N  N   . LYS A 1 101 ? -11.489 -0.226  -5.502  1.00 6.10  ? 89  LYS A N   1 
ATOM   731  C  CA  . LYS A 1 101 ? -11.047 -1.177  -4.524  1.00 4.48  ? 89  LYS A CA  1 
ATOM   732  C  C   . LYS A 1 101 ? -9.857  -0.658  -3.711  1.00 5.92  ? 89  LYS A C   1 
ATOM   733  O  O   . LYS A 1 101 ? -8.928  -0.097  -4.276  1.00 8.51  ? 89  LYS A O   1 
ATOM   734  C  CB  . LYS A 1 101 ? -10.657 -2.468  -5.200  1.00 8.05  ? 89  LYS A CB  1 
ATOM   735  C  CG  . LYS A 1 101 ? -11.833 -3.209  -5.739  1.00 14.76 ? 89  LYS A CG  1 
ATOM   736  C  CD  . LYS A 1 101 ? -11.365 -4.486  -6.406  1.00 23.63 ? 89  LYS A CD  1 
ATOM   737  N  N   . VAL A 1 102 ? -9.927  -0.822  -2.401  1.00 4.30  ? 90  VAL A N   1 
ATOM   738  C  CA  . VAL A 1 102 ? -8.849  -0.455  -1.486  1.00 6.03  ? 90  VAL A CA  1 
ATOM   739  C  C   . VAL A 1 102 ? -8.428  -1.747  -0.769  1.00 5.77  ? 90  VAL A C   1 
ATOM   740  O  O   . VAL A 1 102 ? -9.234  -2.354  -0.041  1.00 6.24  ? 90  VAL A O   1 
ATOM   741  C  CB  . VAL A 1 102 ? -9.315  0.576   -0.492  1.00 7.28  ? 90  VAL A CB  1 
ATOM   742  C  CG1 . VAL A 1 102 ? -8.127  1.080   0.343   1.00 7.45  ? 90  VAL A CG1 1 
ATOM   743  C  CG2 . VAL A 1 102 ? -10.008 1.744   -1.200  1.00 7.08  ? 90  VAL A CG2 1 
ATOM   744  N  N   . GLU A 1 103 ? -7.200  -2.160  -1.019  1.00 4.66  ? 91  GLU A N   1 
ATOM   745  C  CA  . GLU A 1 103 ? -6.663  -3.389  -0.430  1.00 5.46  ? 91  GLU A CA  1 
ATOM   746  C  C   . GLU A 1 103 ? -5.941  -3.039  0.851   1.00 6.16  ? 91  GLU A C   1 
ATOM   747  O  O   . GLU A 1 103 ? -4.987  -2.238  0.827   1.00 7.73  ? 91  GLU A O   1 
ATOM   748  C  CB  . GLU A 1 103 ? -5.721  -4.078  -1.411  1.00 6.36  ? 91  GLU A CB  1 
ATOM   749  C  CG  . GLU A 1 103 ? -6.314  -4.260  -2.816  1.00 7.70  ? 91  GLU A CG  1 
ATOM   750  C  CD  . GLU A 1 103 ? -7.542  -5.114  -2.824  1.00 16.68 ? 91  GLU A CD  1 
ATOM   751  O  OE1 . GLU A 1 103 ? -7.542  -6.119  -2.112  1.00 20.89 ? 91  GLU A OE1 1 
ATOM   752  O  OE2 . GLU A 1 103 ? -8.502  -4.785  -3.542  1.00 23.28 ? 91  GLU A OE2 1 
ATOM   753  N  N   . ILE A 1 104 ? -6.356  -3.649  1.956   1.00 4.44  ? 92  ILE A N   1 
ATOM   754  C  CA  . ILE A 1 104 ? -5.793  -3.406  3.280   1.00 5.63  ? 92  ILE A CA  1 
ATOM   755  C  C   . ILE A 1 104 ? -4.944  -4.608  3.654   1.00 5.79  ? 92  ILE A C   1 
ATOM   756  O  O   . ILE A 1 104 ? -5.478  -5.718  3.752   1.00 4.90  ? 92  ILE A O   1 
ATOM   757  C  CB  A ILE A 1 104 ? -6.875  -3.220  4.327   0.50 5.80  ? 92  ILE A CB  1 
ATOM   758  C  CB  B ILE A 1 104 ? -6.868  -3.252  4.338   0.50 5.86  ? 92  ILE A CB  1 
ATOM   759  C  CG1 A ILE A 1 104 ? -7.849  -2.107  3.900   0.50 6.80  ? 92  ILE A CG1 1 
ATOM   760  C  CG1 B ILE A 1 104 ? -7.870  -2.165  3.957   0.50 7.16  ? 92  ILE A CG1 1 
ATOM   761  C  CG2 . ILE A 1 104 ? -6.256  -2.945  5.705   1.00 9.16  ? 92  ILE A CG2 1 
ATOM   762  C  CD1 A ILE A 1 104 ? -7.189  -0.802  3.532   0.50 8.74  ? 92  ILE A CD1 1 
ATOM   763  C  CD1 B ILE A 1 104 ? -9.051  -2.158  4.883   0.50 8.92  ? 92  ILE A CD1 1 
HETATM 764  N  N   . MSE A 1 105 ? -3.647  -4.405  3.857   1.00 6.67  ? 93  MSE A N   1 
HETATM 765  C  CA  . MSE A 1 105 ? -2.754  -5.538  4.213   1.00 4.33  ? 93  MSE A CA  1 
HETATM 766  C  C   . MSE A 1 105 ? -1.907  -5.191  5.420   1.00 4.59  ? 93  MSE A C   1 
HETATM 767  O  O   . MSE A 1 105 ? -1.086  -4.271  5.358   1.00 5.34  ? 93  MSE A O   1 
HETATM 768  C  CB  . MSE A 1 105 ? -1.924  -5.991  3.008   1.00 8.49  ? 93  MSE A CB  1 
HETATM 769  C  CG  . MSE A 1 105 ? -2.789  -6.515  1.879   1.00 7.51  ? 93  MSE A CG  1 
HETATM 770  SE SE  . MSE A 1 105 ? -1.633  -7.097  0.400   0.75 17.06 ? 93  MSE A SE  1 
HETATM 771  C  CE  . MSE A 1 105 ? -1.205  -8.521  1.097   1.00 15.51 ? 93  MSE A CE  1 
ATOM   772  N  N   . GLY A 1 106 ? -2.168  -5.875  6.527   1.00 5.65  ? 94  GLY A N   1 
ATOM   773  C  CA  . GLY A 1 106 ? -1.476  -5.639  7.798   1.00 5.04  ? 94  GLY A CA  1 
ATOM   774  C  C   . GLY A 1 106 ? -0.388  -6.666  8.075   1.00 6.33  ? 94  GLY A C   1 
ATOM   775  O  O   . GLY A 1 106 ? -0.584  -7.861  7.826   1.00 5.21  ? 94  GLY A O   1 
ATOM   776  N  N   . ASP A 1 107 ? 0.759   -6.192  8.538   1.00 5.55  ? 95  ASP A N   1 
ATOM   777  C  CA  . ASP A 1 107 ? 1.897   -7.077  8.884   1.00 5.50  ? 95  ASP A CA  1 
ATOM   778  C  C   . ASP A 1 107 ? 2.249   -8.007  7.713   1.00 7.39  ? 95  ASP A C   1 
ATOM   779  O  O   . ASP A 1 107 ? 2.335   -9.241  7.865   1.00 6.51  ? 95  ASP A O   1 
ATOM   780  C  CB  . ASP A 1 107 ? 1.631   -7.840  10.166  1.00 6.56  ? 95  ASP A CB  1 
ATOM   781  C  CG  . ASP A 1 107 ? 2.864   -8.549  10.698  1.00 12.24 ? 95  ASP A CG  1 
ATOM   782  O  OD1 . ASP A 1 107 ? 4.002   -8.146  10.362  1.00 12.37 ? 95  ASP A OD1 1 
ATOM   783  O  OD2 . ASP A 1 107 ? 2.689   -9.506  11.487  1.00 12.91 ? 95  ASP A OD2 1 
ATOM   784  N  N   . ILE A 1 108 ? 2.494   -7.410  6.557   1.00 6.22  ? 96  ILE A N   1 
ATOM   785  C  CA  . ILE A 1 108 ? 2.834   -8.161  5.338   1.00 6.71  ? 96  ILE A CA  1 
ATOM   786  C  C   . ILE A 1 108 ? 4.208   -8.824  5.521   1.00 7.15  ? 96  ILE A C   1 
ATOM   787  O  O   . ILE A 1 108 ? 5.177   -8.185  5.900   1.00 6.86  ? 96  ILE A O   1 
ATOM   788  C  CB  . ILE A 1 108 ? 2.872   -7.288  4.079   1.00 7.88  ? 96  ILE A CB  1 
ATOM   789  C  CG1 . ILE A 1 108 ? 1.602   -6.448  3.929   1.00 8.69  ? 96  ILE A CG1 1 
ATOM   790  C  CG2 . ILE A 1 108 ? 3.199   -8.148  2.862   1.00 10.81 ? 96  ILE A CG2 1 
ATOM   791  C  CD1 . ILE A 1 108 ? 1.569   -5.613  2.684   1.00 8.91  ? 96  ILE A CD1 1 
ATOM   792  N  N   . ARG A 1 109 ? 4.274   -10.107 5.222   1.00 5.65  ? 97  ARG A N   1 
ATOM   793  C  CA  . ARG A 1 109 ? 5.531   -10.777 5.178   1.00 7.45  ? 97  ARG A CA  1 
ATOM   794  C  C   . ARG A 1 109 ? 5.690   -11.492 3.857   1.00 7.40  ? 97  ARG A C   1 
ATOM   795  O  O   . ARG A 1 109 ? 4.761   -12.186 3.401   1.00 7.15  ? 97  ARG A O   1 
ATOM   796  C  CB  . ARG A 1 109 ? 5.635   -11.856 6.252   1.00 7.47  ? 97  ARG A CB  1 
ATOM   797  C  CG  . ARG A 1 109 ? 5.219   -11.474 7.650   1.00 7.49  ? 97  ARG A CG  1 
ATOM   798  C  CD  . ARG A 1 109 ? 6.071   -10.467 8.335   1.00 14.20 ? 97  ARG A CD  1 
ATOM   799  N  NE  . ARG A 1 109 ? 5.579   -10.404 9.700   1.00 13.23 ? 97  ARG A NE  1 
ATOM   800  C  CZ  . ARG A 1 109 ? 5.861   -11.266 10.674  1.00 18.74 ? 97  ARG A CZ  1 
ATOM   801  N  NH1 . ARG A 1 109 ? 6.782   -12.219 10.506  1.00 16.47 ? 97  ARG A NH1 1 
ATOM   802  N  NH2 . ARG A 1 109 ? 5.251   -11.133 11.862  1.00 16.10 ? 97  ARG A NH2 1 
ATOM   803  N  N   . LYS A 1 110 ? 6.890   -11.396 3.304   1.00 9.37  ? 98  LYS A N   1 
ATOM   804  C  CA  . LYS A 1 110 ? 7.306   -12.211 2.166   1.00 6.94  ? 98  LYS A CA  1 
ATOM   805  C  C   . LYS A 1 110 ? 7.922   -13.536 2.632   1.00 5.25  ? 98  LYS A C   1 
ATOM   806  O  O   . LYS A 1 110 ? 8.660   -13.570 3.636   1.00 5.91  ? 98  LYS A O   1 
ATOM   807  C  CB  . LYS A 1 110 ? 8.313   -11.463 1.302   1.00 7.97  ? 98  LYS A CB  1 
ATOM   808  C  CG  . LYS A 1 110 ? 7.773   -10.157 0.667   1.00 8.10  ? 98  LYS A CG  1 
ATOM   809  C  CD  . LYS A 1 110 ? 8.758   -9.517  -0.290  1.00 10.74 ? 98  LYS A CD  1 
ATOM   810  C  CE  . LYS A 1 110 ? 9.986   -8.902  0.408   1.00 14.61 ? 98  LYS A CE  1 
ATOM   811  N  NZ  . LYS A 1 110 ? 9.600   -7.866  1.444   1.00 12.45 ? 98  LYS A NZ  1 
ATOM   812  N  N   . ARG A 1 111 ? 7.591   -14.582 1.898   1.00 6.58  ? 99  ARG A N   1 
ATOM   813  C  CA  . ARG A 1 111 ? 8.187   -15.887 2.058   1.00 5.19  ? 99  ARG A CA  1 
ATOM   814  C  C   . ARG A 1 111 ? 9.632   -15.836 1.592   1.00 5.62  ? 99  ARG A C   1 
ATOM   815  O  O   . ARG A 1 111 ? 9.936   -15.263 0.553   1.00 7.14  ? 99  ARG A O   1 
ATOM   816  C  CB  . ARG A 1 111 ? 7.428   -16.926 1.233   1.00 4.02  ? 99  ARG A CB  1 
ATOM   817  C  CG  . ARG A 1 111 ? 7.734   -18.354 1.653   1.00 6.49  ? 99  ARG A CG  1 
ATOM   818  C  CD  . ARG A 1 111 ? 6.757   -18.831 2.678   1.00 11.43 ? 99  ARG A CD  1 
ATOM   819  N  NE  . ARG A 1 111 ? 6.945   -20.240 2.971   1.00 12.19 ? 99  ARG A NE  1 
ATOM   820  C  CZ  . ARG A 1 111 ? 6.434   -21.228 2.237   1.00 17.87 ? 99  ARG A CZ  1 
ATOM   821  N  NH1 . ARG A 1 111 ? 5.651   -20.960 1.190   1.00 19.37 ? 99  ARG A NH1 1 
ATOM   822  N  NH2 . ARG A 1 111 ? 6.683   -22.494 2.585   1.00 16.90 ? 99  ARG A NH2 1 
ATOM   823  N  N   . LEU A 1 112 ? 10.506  -16.405 2.396   1.00 4.27  ? 100 LEU A N   1 
ATOM   824  C  CA  . LEU A 1 112 ? 11.931  -16.497 2.075   1.00 5.12  ? 100 LEU A CA  1 
ATOM   825  C  C   . LEU A 1 112 ? 12.250  -17.821 1.396   1.00 2.75  ? 100 LEU A C   1 
ATOM   826  O  O   . LEU A 1 112 ? 11.423  -18.744 1.351   1.00 3.34  ? 100 LEU A O   1 
ATOM   827  C  CB  . LEU A 1 112 ? 12.750  -16.336 3.346   1.00 6.50  ? 100 LEU A CB  1 
ATOM   828  C  CG  . LEU A 1 112 ? 12.554  -15.024 4.091   1.00 8.40  ? 100 LEU A CG  1 
ATOM   829  C  CD1 . LEU A 1 112 ? 13.429  -14.928 5.296   1.00 11.31 ? 100 LEU A CD1 1 
ATOM   830  C  CD2 . LEU A 1 112 ? 12.768  -13.828 3.169   1.00 13.91 ? 100 LEU A CD2 1 
ATOM   831  N  N   . GLU A 1 113 ? 13.465  -17.925 0.834   1.00 6.23  ? 101 GLU A N   1 
ATOM   832  C  CA  . GLU A 1 113 ? 13.840  -19.075 0.011   1.00 6.43  ? 101 GLU A CA  1 
ATOM   833  C  C   . GLU A 1 113 ? 13.778  -20.398 0.787   1.00 4.87  ? 101 GLU A C   1 
ATOM   834  O  O   . GLU A 1 113 ? 13.523  -21.442 0.227   1.00 6.42  ? 101 GLU A O   1 
ATOM   835  C  CB  . GLU A 1 113 ? 15.277  -18.889 -0.560  1.00 7.28  ? 101 GLU A CB  1 
ATOM   836  C  CG  . GLU A 1 113 ? 15.397  -17.731 -1.544  1.00 12.59 ? 101 GLU A CG  1 
ATOM   837  C  CD  . GLU A 1 113 ? 16.836  -17.519 -2.059  1.00 17.18 ? 101 GLU A CD  1 
ATOM   838  O  OE1 . GLU A 1 113 ? 17.759  -18.287 -1.697  1.00 21.55 ? 101 GLU A OE1 1 
ATOM   839  O  OE2 . GLU A 1 113 ? 17.020  -16.553 -2.842  1.00 34.80 ? 101 GLU A OE2 1 
ATOM   840  N  N   . ASP A 1 114 ? 14.061  -20.332 2.082   1.00 3.13  ? 102 ASP A N   1 
ATOM   841  C  CA  . ASP A 1 114 ? 14.055  -21.527 2.917   1.00 4.09  ? 102 ASP A CA  1 
ATOM   842  C  C   . ASP A 1 114 ? 12.677  -21.834 3.479   1.00 5.84  ? 102 ASP A C   1 
ATOM   843  O  O   . ASP A 1 114 ? 12.579  -22.719 4.296   1.00 3.48  ? 102 ASP A O   1 
ATOM   844  C  CB  . ASP A 1 114 ? 15.068  -21.411 4.059   1.00 3.13  ? 102 ASP A CB  1 
ATOM   845  C  CG  . ASP A 1 114 ? 14.712  -20.339 5.053   1.00 6.41  ? 102 ASP A CG  1 
ATOM   846  O  OD1 . ASP A 1 114 ? 13.696  -19.627 4.877   1.00 7.62  ? 102 ASP A OD1 1 
ATOM   847  O  OD2 . ASP A 1 114 ? 15.487  -20.214 6.029   1.00 9.21  ? 102 ASP A OD2 1 
ATOM   848  N  N   . GLY A 1 115 ? 11.652  -21.100 3.058   1.00 5.01  ? 103 GLY A N   1 
ATOM   849  C  CA  . GLY A 1 115 ? 10.276  -21.393 3.400   1.00 4.44  ? 103 GLY A CA  1 
ATOM   850  C  C   . GLY A 1 115 ? 9.823   -20.671 4.656   1.00 5.47  ? 103 GLY A C   1 
ATOM   851  O  O   . GLY A 1 115 ? 8.664   -20.777 5.019   1.00 6.02  ? 103 GLY A O   1 
ATOM   852  N  N   . THR A 1 116 ? 10.725  -19.955 5.328   1.00 4.51  ? 104 THR A N   1 
ATOM   853  C  CA  . THR A 1 116 ? 10.311  -19.128 6.455   1.00 5.60  ? 104 THR A CA  1 
ATOM   854  C  C   . THR A 1 116 ? 9.692   -17.858 5.956   1.00 6.14  ? 104 THR A C   1 
ATOM   855  O  O   . THR A 1 116 ? 9.693   -17.578 4.760   1.00 5.84  ? 104 THR A O   1 
ATOM   856  C  CB  . THR A 1 116 ? 11.484  -18.797 7.378   1.00 4.69  ? 104 THR A CB  1 
ATOM   857  O  OG1 . THR A 1 116 ? 12.493  -18.073 6.676   1.00 6.41  ? 104 THR A OG1 1 
ATOM   858  C  CG2 . THR A 1 116 ? 12.080  -20.090 7.938   1.00 11.27 ? 104 THR A CG2 1 
ATOM   859  N  N   . TRP A 1 117 ? 9.085   -17.124 6.877   1.00 5.44  ? 105 TRP A N   1 
ATOM   860  C  CA  . TRP A 1 117 ? 8.570   -15.782 6.628   1.00 5.63  ? 105 TRP A CA  1 
ATOM   861  C  C   . TRP A 1 117 ? 9.530   -14.718 7.126   1.00 5.12  ? 105 TRP A C   1 
ATOM   862  O  O   . TRP A 1 117 ? 10.148  -14.863 8.199   1.00 7.34  ? 105 TRP A O   1 
ATOM   863  C  CB  . TRP A 1 117 ? 7.242   -15.581 7.320   1.00 7.64  ? 105 TRP A CB  1 
ATOM   864  C  CG  . TRP A 1 117 ? 6.197   -16.461 6.865   1.00 9.82  ? 105 TRP A CG  1 
ATOM   865  C  CD1 . TRP A 1 117 ? 5.676   -17.520 7.544   1.00 17.46 ? 105 TRP A CD1 1 
ATOM   866  C  CD2 . TRP A 1 117 ? 5.496   -16.404 5.604   1.00 6.47  ? 105 TRP A CD2 1 
ATOM   867  N  NE1 . TRP A 1 117 ? 4.686   -18.115 6.806   1.00 17.00 ? 105 TRP A NE1 1 
ATOM   868  C  CE2 . TRP A 1 117 ? 4.555   -17.456 5.608   1.00 13.02 ? 105 TRP A CE2 1 
ATOM   869  C  CE3 . TRP A 1 117 ? 5.546   -15.558 4.492   1.00 4.93  ? 105 TRP A CE3 1 
ATOM   870  C  CZ2 . TRP A 1 117 ? 3.687   -17.698 4.542   1.00 13.81 ? 105 TRP A CZ2 1 
ATOM   871  C  CZ3 . TRP A 1 117 ? 4.680   -15.789 3.443   1.00 6.96  ? 105 TRP A CZ3 1 
ATOM   872  C  CH2 . TRP A 1 117 ? 3.757   -16.851 3.466   1.00 8.61  ? 105 TRP A CH2 1 
ATOM   873  N  N   . GLU A 1 118 ? 9.701   -13.659 6.373   1.00 5.25  ? 106 GLU A N   1 
ATOM   874  C  CA  . GLU A 1 118 ? 10.565  -12.562 6.821   1.00 6.41  ? 106 GLU A CA  1 
ATOM   875  C  C   . GLU A 1 118 ? 10.017  -11.958 8.115   1.00 7.82  ? 106 GLU A C   1 
ATOM   876  O  O   . GLU A 1 118 ? 8.838   -12.105 8.423   1.00 10.39 ? 106 GLU A O   1 
ATOM   877  C  CB  . GLU A 1 118 ? 10.737  -11.468 5.756   1.00 9.29  ? 106 GLU A CB  1 
ATOM   878  C  CG  . GLU A 1 118 ? 9.518   -10.579 5.560   1.00 11.55 ? 106 GLU A CG  1 
ATOM   879  C  CD  . GLU A 1 118 ? 9.751   -9.483  4.570   1.00 13.49 ? 106 GLU A CD  1 
ATOM   880  O  OE1 . GLU A 1 118 ? 10.845  -8.821  4.624   1.00 14.82 ? 106 GLU A OE1 1 
ATOM   881  O  OE2 . GLU A 1 118 ? 8.848   -9.265  3.730   1.00 10.64 ? 106 GLU A OE2 1 
ATOM   882  N  N   . ASP A 1 119 ? 10.902  -11.295 8.859   1.00 9.17  ? 107 ASP A N   1 
ATOM   883  C  CA  . ASP A 1 119 ? 10.561  -10.607 10.105  1.00 11.71 ? 107 ASP A CA  1 
ATOM   884  C  C   . ASP A 1 119 ? 9.593   -9.493  9.827   1.00 10.28 ? 107 ASP A C   1 
ATOM   885  O  O   . ASP A 1 119 ? 9.464   -9.017  8.679   1.00 8.61  ? 107 ASP A O   1 
ATOM   886  C  CB  . ASP A 1 119 ? 11.825  -10.008 10.767  1.00 12.87 ? 107 ASP A CB  1 
ATOM   887  C  CG  . ASP A 1 119 ? 12.772  -11.077 11.366  1.00 18.03 ? 107 ASP A CG  1 
ATOM   888  O  OD1 . ASP A 1 119 ? 12.355  -12.227 11.576  1.00 19.15 ? 107 ASP A OD1 1 
ATOM   889  O  OD2 . ASP A 1 119 ? 13.960  -10.753 11.623  1.00 21.40 ? 107 ASP A OD2 1 
ATOM   890  N  N   . PRO A 1 120 ? 8.883   -9.054  10.881  1.00 10.46 ? 108 PRO A N   1 
ATOM   891  C  CA  . PRO A 1 120 ? 7.979   -7.927  10.685  1.00 11.03 ? 108 PRO A CA  1 
ATOM   892  C  C   . PRO A 1 120 ? 8.727   -6.688  10.140  1.00 8.08  ? 108 PRO A C   1 
ATOM   893  O  O   . PRO A 1 120 ? 9.824   -6.385  10.581  1.00 11.74 ? 108 PRO A O   1 
ATOM   894  C  CB  . PRO A 1 120 ? 7.385   -7.684  12.066  1.00 11.17 ? 108 PRO A CB  1 
ATOM   895  C  CG  . PRO A 1 120 ? 7.935   -8.706  12.967  1.00 14.56 ? 108 PRO A CG  1 
ATOM   896  C  CD  . PRO A 1 120 ? 8.850   -9.601  12.242  1.00 13.69 ? 108 PRO A CD  1 
ATOM   897  N  N   . VAL A 1 121 ? 8.128   -6.033  9.172   1.00 9.11  ? 109 VAL A N   1 
ATOM   898  C  CA  . VAL A 1 121 ? 8.704   -4.862  8.491   1.00 10.95 ? 109 VAL A CA  1 
ATOM   899  C  C   . VAL A 1 121 ? 8.389   -3.601  9.267   1.00 9.11  ? 109 VAL A C   1 
ATOM   900  O  O   . VAL A 1 121 ? 7.263   -3.357  9.595   1.00 7.94  ? 109 VAL A O   1 
ATOM   901  C  CB  . VAL A 1 121 ? 8.132   -4.767  7.126   1.00 14.30 ? 109 VAL A CB  1 
ATOM   902  C  CG1 . VAL A 1 121 ? 8.681   -3.568  6.387   1.00 12.67 ? 109 VAL A CG1 1 
ATOM   903  C  CG2 . VAL A 1 121 ? 8.412   -6.036  6.369   1.00 14.19 ? 109 VAL A CG2 1 
ATOM   904  N  N   . ASP A 1 122 ? 9.405   -2.798  9.546   1.00 8.04  ? 110 ASP A N   1 
ATOM   905  C  CA  . ASP A 1 122 ? 9.256   -1.553  10.285  1.00 10.39 ? 110 ASP A CA  1 
ATOM   906  C  C   . ASP A 1 122 ? 8.784   -0.490  9.331   1.00 9.23  ? 110 ASP A C   1 
ATOM   907  O  O   . ASP A 1 122 ? 9.598   0.077   8.578   1.00 7.75  ? 110 ASP A O   1 
ATOM   908  C  CB  . ASP A 1 122 ? 10.618  -1.177  10.885  1.00 11.52 ? 110 ASP A CB  1 
ATOM   909  C  CG  . ASP A 1 122 ? 10.594  0.090   11.697  1.00 17.54 ? 110 ASP A CG  1 
ATOM   910  O  OD1 . ASP A 1 122 ? 9.596   0.837   11.698  1.00 12.99 ? 110 ASP A OD1 1 
ATOM   911  O  OD2 . ASP A 1 122 ? 11.640  0.348   12.327  1.00 26.52 ? 110 ASP A OD2 1 
ATOM   912  N  N   . LEU A 1 123 ? 7.467   -0.229  9.294   1.00 8.97  ? 111 LEU A N   1 
ATOM   913  C  CA  . LEU A 1 123 ? 6.953   0.634   8.249   1.00 7.68  ? 111 LEU A CA  1 
ATOM   914  C  C   . LEU A 1 123 ? 7.523   2.027   8.381   1.00 6.42  ? 111 LEU A C   1 
ATOM   915  O  O   . LEU A 1 123 ? 7.749   2.719   7.380   1.00 6.49  ? 111 LEU A O   1 
ATOM   916  C  CB  . LEU A 1 123 ? 5.423   0.719   8.258   1.00 10.38 ? 111 LEU A CB  1 
ATOM   917  C  CG  . LEU A 1 123 ? 4.703   -0.574  7.857   1.00 15.40 ? 111 LEU A CG  1 
ATOM   918  C  CD1 . LEU A 1 123 ? 3.233   -0.344  7.883   1.00 12.73 ? 111 LEU A CD1 1 
ATOM   919  C  CD2 . LEU A 1 123 ? 5.121   -1.058  6.496   1.00 18.45 ? 111 LEU A CD2 1 
ATOM   920  N  N   . ASN A 1 124 ? 7.709   2.472   9.616   1.00 5.28  ? 112 ASN A N   1 
ATOM   921  C  CA  . ASN A 1 124 ? 8.246   3.831   9.800   1.00 6.04  ? 112 ASN A CA  1 
ATOM   922  C  C   . ASN A 1 124 ? 9.640   4.021   9.207   1.00 8.00  ? 112 ASN A C   1 
ATOM   923  O  O   . ASN A 1 124 ? 9.991   5.114   8.822   1.00 7.33  ? 112 ASN A O   1 
ATOM   924  C  CB  . ASN A 1 124 ? 8.172   4.222   11.254  1.00 6.60  ? 112 ASN A CB  1 
ATOM   925  C  CG  . ASN A 1 124 ? 6.733   4.465   11.710  1.00 9.52  ? 112 ASN A CG  1 
ATOM   926  O  OD1 . ASN A 1 124 ? 5.975   5.092   11.014  1.00 14.76 ? 112 ASN A OD1 1 
ATOM   927  N  ND2 . ASN A 1 124 ? 6.386   3.977   12.880  1.00 24.09 ? 112 ASN A ND2 1 
ATOM   928  N  N   . LYS A 1 125 ? 10.424  2.967   9.109   1.00 4.84  ? 113 LYS A N   1 
ATOM   929  C  CA  . LYS A 1 125 ? 11.768  3.038   8.557   1.00 6.10  ? 113 LYS A CA  1 
ATOM   930  C  C   . LYS A 1 125 ? 11.727  3.440   7.093   1.00 7.62  ? 113 LYS A C   1 
ATOM   931  O  O   . LYS A 1 125 ? 12.612  4.170   6.606   1.00 10.16 ? 113 LYS A O   1 
ATOM   932  C  CB  . LYS A 1 125 ? 12.450  1.705   8.744   1.00 6.54  ? 113 LYS A CB  1 
ATOM   933  C  CG  . LYS A 1 125 ? 13.835  1.614   8.181   1.00 11.14 ? 113 LYS A CG  1 
ATOM   934  C  CD  . LYS A 1 125 ? 14.471  0.297   8.612   1.00 13.21 ? 113 LYS A CD  1 
ATOM   935  C  CE  . LYS A 1 125 ? 15.908  0.207   8.098   1.00 24.93 ? 113 LYS A CE  1 
ATOM   936  N  NZ  . LYS A 1 125 ? 16.540  -1.072  8.524   1.00 25.71 ? 113 LYS A NZ  1 
ATOM   937  N  N   . TYR A 1 126 ? 10.697  2.998   6.398   1.00 5.11  ? 114 TYR A N   1 
ATOM   938  C  CA  . TYR A 1 126 ? 10.602  3.178   4.946   1.00 5.60  ? 114 TYR A CA  1 
ATOM   939  C  C   . TYR A 1 126 ? 9.533   4.158   4.475   1.00 6.07  ? 114 TYR A C   1 
ATOM   940  O  O   . TYR A 1 126 ? 9.307   4.367   3.265   1.00 6.82  ? 114 TYR A O   1 
ATOM   941  C  CB  . TYR A 1 126 ? 10.373  1.809   4.316   1.00 5.53  ? 114 TYR A CB  1 
ATOM   942  C  CG  . TYR A 1 126 ? 11.507  0.869   4.600   1.00 8.04  ? 114 TYR A CG  1 
ATOM   943  C  CD1 . TYR A 1 126 ? 12.742  1.062   4.015   1.00 11.55 ? 114 TYR A CD1 1 
ATOM   944  C  CD2 . TYR A 1 126 ? 11.350  -0.170  5.515   1.00 9.66  ? 114 TYR A CD2 1 
ATOM   945  C  CE1 . TYR A 1 126 ? 13.828  0.207   4.327   1.00 11.02 ? 114 TYR A CE1 1 
ATOM   946  C  CE2 . TYR A 1 126 ? 12.398  -0.995  5.815   1.00 11.08 ? 114 TYR A CE2 1 
ATOM   947  C  CZ  . TYR A 1 126 ? 13.627  -0.802  5.197   1.00 12.85 ? 114 TYR A CZ  1 
ATOM   948  O  OH  . TYR A 1 126 ? 14.706  -1.638  5.490   1.00 16.30 ? 114 TYR A OH  1 
ATOM   949  N  N   . LYS A 1 127 ? 8.885   4.813   5.427   1.00 5.69  ? 115 LYS A N   1 
ATOM   950  C  CA  . LYS A 1 127 ? 7.804   5.742   5.125   1.00 6.02  ? 115 LYS A CA  1 
ATOM   951  C  C   . LYS A 1 127 ? 8.378   7.079   4.652   1.00 6.21  ? 115 LYS A C   1 
ATOM   952  O  O   . LYS A 1 127 ? 9.413   7.562   5.178   1.00 7.29  ? 115 LYS A O   1 
ATOM   953  C  CB  . LYS A 1 127 ? 7.006   5.939   6.411   1.00 8.87  ? 115 LYS A CB  1 
ATOM   954  C  CG  . LYS A 1 127 ? 5.680   6.525   6.283   1.00 11.88 ? 115 LYS A CG  1 
ATOM   955  C  CD  . LYS A 1 127 ? 4.941   6.566   7.643   1.00 9.30  ? 115 LYS A CD  1 
ATOM   956  C  CE  . LYS A 1 127 ? 4.574   5.234   8.186   1.00 11.58 ? 115 LYS A CE  1 
ATOM   957  N  NZ  . LYS A 1 127 ? 3.755   5.308   9.464   1.00 15.44 ? 115 LYS A NZ  1 
ATOM   958  N  N   . ARG A 1 128 ? 7.714   7.672   3.668   1.00 5.68  ? 116 ARG A N   1 
ATOM   959  C  CA  . ARG A 1 128 ? 7.972   9.018   3.227   1.00 5.63  ? 116 ARG A CA  1 
ATOM   960  C  C   . ARG A 1 128 ? 6.622   9.733   3.206   1.00 3.56  ? 116 ARG A C   1 
ATOM   961  O  O   . ARG A 1 128 ? 5.560   9.092   3.338   1.00 5.03  ? 116 ARG A O   1 
ATOM   962  C  CB  . ARG A 1 128 ? 8.581   9.035   1.845   1.00 7.40  ? 116 ARG A CB  1 
ATOM   963  C  CG  . ARG A 1 128 ? 9.853   8.194   1.703   1.00 12.41 ? 116 ARG A CG  1 
ATOM   964  C  CD  A ARG A 1 128 ? 10.997  8.816   2.435   0.50 15.92 ? 116 ARG A CD  1 
ATOM   965  C  CD  B ARG A 1 128 ? 11.017  8.782   2.422   0.50 10.33 ? 116 ARG A CD  1 
ATOM   966  N  NE  A ARG A 1 128 ? 12.216  8.012   2.285   0.50 20.22 ? 116 ARG A NE  1 
ATOM   967  N  NE  B ARG A 1 128 ? 12.257  8.036   2.111   0.50 7.19  ? 116 ARG A NE  1 
ATOM   968  C  CZ  A ARG A 1 128 ? 13.216  8.254   1.434   0.50 22.02 ? 116 ARG A CZ  1 
ATOM   969  C  CZ  B ARG A 1 128 ? 12.670  6.935   2.739   0.50 8.37  ? 116 ARG A CZ  1 
ATOM   970  N  NH1 A ARG A 1 128 ? 13.225  9.307   0.612   0.50 16.78 ? 116 ARG A NH1 1 
ATOM   971  N  NH1 B ARG A 1 128 ? 12.007  6.405   3.750   0.50 10.27 ? 116 ARG A NH1 1 
ATOM   972  N  NH2 A ARG A 1 128 ? 14.251  7.427   1.426   0.50 17.18 ? 116 ARG A NH2 1 
ATOM   973  N  NH2 B ARG A 1 128 ? 13.806  6.376   2.359   0.50 14.09 ? 116 ARG A NH2 1 
ATOM   974  N  N   . PHE A 1 129 ? 6.642   11.050  2.998   1.00 3.31  ? 117 PHE A N   1 
ATOM   975  C  CA  . PHE A 1 129 ? 5.421   11.832  2.986   1.00 4.37  ? 117 PHE A CA  1 
ATOM   976  C  C   . PHE A 1 129 ? 5.383   12.727  1.770   1.00 5.48  ? 117 PHE A C   1 
ATOM   977  O  O   . PHE A 1 129 ? 6.383   13.389  1.459   1.00 6.63  ? 117 PHE A O   1 
ATOM   978  C  CB  . PHE A 1 129 ? 5.364   12.677  4.257   1.00 3.47  ? 117 PHE A CB  1 
ATOM   979  C  CG  . PHE A 1 129 ? 5.326   11.834  5.506   1.00 5.65  ? 117 PHE A CG  1 
ATOM   980  C  CD1 . PHE A 1 129 ? 4.115   11.360  6.016   1.00 5.36  ? 117 PHE A CD1 1 
ATOM   981  C  CD2 . PHE A 1 129 ? 6.504   11.400  6.088   1.00 9.14  ? 117 PHE A CD2 1 
ATOM   982  C  CE1 . PHE A 1 129 ? 4.124   10.526  7.115   1.00 6.78  ? 117 PHE A CE1 1 
ATOM   983  C  CE2 . PHE A 1 129 ? 6.497   10.582  7.172   1.00 8.87  ? 117 PHE A CE2 1 
ATOM   984  C  CZ  . PHE A 1 129 ? 5.293   10.133  7.672   1.00 8.44  ? 117 PHE A CZ  1 
ATOM   985  N  N   . VAL A 1 130 ? 4.214   12.800  1.161   1.00 5.18  ? 118 VAL A N   1 
ATOM   986  C  CA  A VAL A 1 130 ? 3.916   13.616  -0.033  0.50 5.40  ? 118 VAL A CA  1 
ATOM   987  C  CA  B VAL A 1 130 ? 4.013   13.729  0.056   0.50 6.88  ? 118 VAL A CA  1 
ATOM   988  C  C   . VAL A 1 130 ? 2.794   14.575  0.335   1.00 6.93  ? 118 VAL A C   1 
ATOM   989  O  O   . VAL A 1 130 ? 1.745   14.096  0.838   1.00 8.49  ? 118 VAL A O   1 
ATOM   990  C  CB  A VAL A 1 130 ? 3.396   12.699  -1.211  0.50 5.26  ? 118 VAL A CB  1 
ATOM   991  C  CB  B VAL A 1 130 ? 3.916   13.027  -1.312  0.50 8.28  ? 118 VAL A CB  1 
ATOM   992  C  CG1 A VAL A 1 130 ? 2.886   13.529  -2.385  0.50 5.23  ? 118 VAL A CG1 1 
ATOM   993  C  CG1 B VAL A 1 130 ? 5.220   12.309  -1.626  0.50 13.74 ? 118 VAL A CG1 1 
ATOM   994  C  CG2 A VAL A 1 130 ? 4.454   11.736  -1.642  0.50 6.11  ? 118 VAL A CG2 1 
ATOM   995  C  CG2 B VAL A 1 130 ? 2.750   12.091  -1.344  0.50 5.31  ? 118 VAL A CG2 1 
ATOM   996  N  N   . GLU A 1 131 ? 2.957   15.869  0.043   1.00 5.47  ? 119 GLU A N   1 
ATOM   997  C  CA  . GLU A 1 131 ? 1.876   16.787  0.166   1.00 6.15  ? 119 GLU A CA  1 
ATOM   998  C  C   . GLU A 1 131 ? 1.116   16.856  -1.150  1.00 6.89  ? 119 GLU A C   1 
ATOM   999  O  O   . GLU A 1 131 ? 1.671   17.092  -2.229  1.00 9.32  ? 119 GLU A O   1 
ATOM   1000 C  CB  . GLU A 1 131 ? 2.353   18.161  0.549   1.00 9.77  ? 119 GLU A CB  1 
ATOM   1001 C  CG  . GLU A 1 131 ? 1.220   18.974  1.126   1.00 17.85 ? 119 GLU A CG  1 
ATOM   1002 C  CD  . GLU A 1 131 ? 1.582   20.399  1.430   1.00 27.29 ? 119 GLU A CD  1 
ATOM   1003 O  OE1 . GLU A 1 131 ? 2.741   20.802  1.178   1.00 47.89 ? 119 GLU A OE1 1 
ATOM   1004 O  OE2 . GLU A 1 131 ? 0.677   21.123  1.915   1.00 42.99 ? 119 GLU A OE2 1 
ATOM   1005 N  N   . THR A 1 132 ? -0.188  16.660  -1.072  1.00 6.00  ? 120 THR A N   1 
ATOM   1006 C  CA  . THR A 1 132 ? -1.023  16.837  -2.231  1.00 7.45  ? 120 THR A CA  1 
ATOM   1007 C  C   . THR A 1 132 ? -2.379  17.352  -1.804  1.00 6.52  ? 120 THR A C   1 
ATOM   1008 O  O   . THR A 1 132 ? -3.007  16.790  -0.912  1.00 6.07  ? 120 THR A O   1 
ATOM   1009 C  CB  . THR A 1 132 ? -1.174  15.537  -3.053  1.00 8.87  ? 120 THR A CB  1 
ATOM   1010 O  OG1 . THR A 1 132 ? -2.005  15.795  -4.213  1.00 15.32 ? 120 THR A OG1 1 
ATOM   1011 C  CG2 . THR A 1 132 ? -1.730  14.363  -2.257  1.00 9.36  ? 120 THR A CG2 1 
ATOM   1012 N  N   . HIS A 1 133 ? -2.837  18.422  -2.442  1.00 6.32  ? 121 HIS A N   1 
ATOM   1013 C  CA  . HIS A 1 133 ? -4.154  18.975  -2.136  1.00 6.42  ? 121 HIS A CA  1 
ATOM   1014 C  C   . HIS A 1 133 ? -4.446  19.176  -0.650  1.00 9.87  ? 121 HIS A C   1 
ATOM   1015 O  O   . HIS A 1 133 ? -5.576  18.977  -0.180  1.00 11.29 ? 121 HIS A O   1 
ATOM   1016 C  CB  . HIS A 1 133 ? -5.198  18.102  -2.801  1.00 8.37  ? 121 HIS A CB  1 
ATOM   1017 C  CG  . HIS A 1 133 ? -5.126  18.145  -4.290  1.00 7.63  ? 121 HIS A CG  1 
ATOM   1018 N  ND1 . HIS A 1 133 ? -4.233  17.391  -5.025  1.00 11.49 ? 121 HIS A ND1 1 
ATOM   1019 C  CD2 . HIS A 1 133 ? -5.798  18.912  -5.183  1.00 9.59  ? 121 HIS A CD2 1 
ATOM   1020 C  CE1 . HIS A 1 133 ? -4.394  17.667  -6.310  1.00 12.70 ? 121 HIS A CE1 1 
ATOM   1021 N  NE2 . HIS A 1 133 ? -5.325  18.594  -6.430  1.00 13.59 ? 121 HIS A NE2 1 
ATOM   1022 N  N   . GLY A 1 134 ? -3.433  19.624  0.072   1.00 6.92  ? 122 GLY A N   1 
ATOM   1023 C  CA  . GLY A 1 134 ? -3.578  19.937  1.485   1.00 10.99 ? 122 GLY A CA  1 
ATOM   1024 C  C   . GLY A 1 134 ? -3.429  18.767  2.413   1.00 9.39  ? 122 GLY A C   1 
ATOM   1025 O  O   . GLY A 1 134 ? -3.531  18.934  3.649   1.00 13.37 ? 122 GLY A O   1 
HETATM 1026 N  N   . MSE A 1 135 ? -3.174  17.599  1.831   1.00 6.11  ? 123 MSE A N   1 
HETATM 1027 C  CA  . MSE A 1 135 ? -3.009  16.362  2.576   1.00 4.83  ? 123 MSE A CA  1 
HETATM 1028 C  C   . MSE A 1 135 ? -1.550  15.953  2.679   1.00 6.62  ? 123 MSE A C   1 
HETATM 1029 O  O   . MSE A 1 135 ? -0.801  16.094  1.728   1.00 8.91  ? 123 MSE A O   1 
HETATM 1030 C  CB  . MSE A 1 135 ? -3.756  15.229  1.889   1.00 5.23  ? 123 MSE A CB  1 
HETATM 1031 C  CG  . MSE A 1 135 ? -5.226  15.504  1.607   1.00 6.23  ? 123 MSE A CG  1 
HETATM 1032 SE SE  . MSE A 1 135 ? -6.028  13.957  0.782   0.75 8.33  ? 123 MSE A SE  1 
HETATM 1033 C  CE  . MSE A 1 135 ? -5.973  14.520  -1.052  1.00 11.45 ? 123 MSE A CE  1 
ATOM   1034 N  N   . LYS A 1 136 ? -1.173  15.373  3.791   1.00 8.10  ? 124 LYS A N   1 
ATOM   1035 C  CA  . LYS A 1 136 ? 0.169   14.830  3.953   1.00 6.84  ? 124 LYS A CA  1 
ATOM   1036 C  C   . LYS A 1 136 ? 0.011   13.297  3.901   1.00 7.61  ? 124 LYS A C   1 
ATOM   1037 O  O   . LYS A 1 136 ? -0.445  12.662  4.864   1.00 8.42  ? 124 LYS A O   1 
ATOM   1038 C  CB  . LYS A 1 136 ? 0.813   15.279  5.267   1.00 8.49  ? 124 LYS A CB  1 
ATOM   1039 C  CG  . LYS A 1 136 ? 2.221   14.837  5.409   1.00 14.38 ? 124 LYS A CG  1 
ATOM   1040 C  CD  . LYS A 1 136 ? 2.752   15.139  6.805   1.00 18.37 ? 124 LYS A CD  1 
ATOM   1041 N  N   . ILE A 1 137 ? 0.326   12.707  2.762   1.00 5.50  ? 125 ILE A N   1 
ATOM   1042 C  CA  . ILE A 1 137 ? 0.075   11.273  2.562   1.00 3.76  ? 125 ILE A CA  1 
ATOM   1043 C  C   . ILE A 1 137 ? 1.323   10.445  2.838   1.00 2.64  ? 125 ILE A C   1 
ATOM   1044 O  O   . ILE A 1 137 ? 2.384   10.718  2.246   1.00 3.98  ? 125 ILE A O   1 
ATOM   1045 C  CB  . ILE A 1 137 ? -0.393  11.022  1.111   1.00 5.49  ? 125 ILE A CB  1 
ATOM   1046 C  CG1 . ILE A 1 137 ? -1.631  11.874  0.752   1.00 6.52  ? 125 ILE A CG1 1 
ATOM   1047 C  CG2 . ILE A 1 137 ? -0.625  9.545   0.850   1.00 5.79  ? 125 ILE A CG2 1 
ATOM   1048 C  CD1 . ILE A 1 137 ? -2.850  11.590  1.601   1.00 7.25  ? 125 ILE A CD1 1 
ATOM   1049 N  N   . PRO A 1 138 ? 1.214   9.422   3.690   1.00 4.08  ? 126 PRO A N   1 
ATOM   1050 C  CA  . PRO A 1 138 ? 2.340   8.518   3.885   1.00 4.24  ? 126 PRO A CA  1 
ATOM   1051 C  C   . PRO A 1 138 ? 2.438   7.562   2.711   1.00 3.87  ? 126 PRO A C   1 
ATOM   1052 O  O   . PRO A 1 138 ? 1.434   6.926   2.324   1.00 3.91  ? 126 PRO A O   1 
ATOM   1053 C  CB  . PRO A 1 138 ? 2.004   7.823   5.198   1.00 5.50  ? 126 PRO A CB  1 
ATOM   1054 C  CG  . PRO A 1 138 ? 0.498   7.806   5.197   1.00 4.58  ? 126 PRO A CG  1 
ATOM   1055 C  CD  . PRO A 1 138 ? 0.046   9.029   4.514   1.00 4.91  ? 126 PRO A CD  1 
ATOM   1056 N  N   . VAL A 1 139 ? 3.642   7.479   2.135   1.00 5.22  ? 127 VAL A N   1 
ATOM   1057 C  CA  . VAL A 1 139 ? 3.915   6.594   1.014   1.00 5.91  ? 127 VAL A CA  1 
ATOM   1058 C  C   . VAL A 1 139 ? 5.196   5.810   1.287   1.00 6.47  ? 127 VAL A C   1 
ATOM   1059 O  O   . VAL A 1 139 ? 6.008   6.141   2.146   1.00 7.43  ? 127 VAL A O   1 
ATOM   1060 C  CB  . VAL A 1 139 ? 4.066   7.379   -0.300  1.00 5.95  ? 127 VAL A CB  1 
ATOM   1061 C  CG1 . VAL A 1 139 ? 2.774   8.130   -0.622  1.00 6.05  ? 127 VAL A CG1 1 
ATOM   1062 C  CG2 . VAL A 1 139 ? 5.272   8.384   -0.215  1.00 5.93  ? 127 VAL A CG2 1 
ATOM   1063 N  N   . LEU A 1 140 ? 5.335   4.700   0.572   1.00 6.19  ? 128 LEU A N   1 
ATOM   1064 C  CA  . LEU A 1 140 ? 6.454   3.813   0.842   1.00 6.52  ? 128 LEU A CA  1 
ATOM   1065 C  C   . LEU A 1 140 ? 7.641   4.149   -0.047  1.00 7.86  ? 128 LEU A C   1 
ATOM   1066 O  O   . LEU A 1 140 ? 7.498   4.441   -1.230  1.00 6.88  ? 128 LEU A O   1 
ATOM   1067 C  CB  . LEU A 1 140 ? 5.993   2.372   0.629   1.00 7.65  ? 128 LEU A CB  1 
ATOM   1068 C  CG  . LEU A 1 140 ? 6.894   1.244   1.102   1.00 8.31  ? 128 LEU A CG  1 
ATOM   1069 C  CD1 . LEU A 1 140 ? 7.228   1.344   2.567   1.00 10.51 ? 128 LEU A CD1 1 
ATOM   1070 C  CD2 . LEU A 1 140 ? 6.185   -0.082  0.817   1.00 9.44  ? 128 LEU A CD2 1 
ATOM   1071 N  N   . SER A 1 141 ? 8.825   4.069   0.535   1.00 6.18  ? 129 SER A N   1 
ATOM   1072 C  CA  . SER A 1 141 ? 10.071  4.244   -0.198  1.00 7.88  ? 129 SER A CA  1 
ATOM   1073 C  C   . SER A 1 141 ? 10.064  3.497   -1.544  1.00 6.33  ? 129 SER A C   1 
ATOM   1074 O  O   . SER A 1 141 ? 9.844   2.278   -1.613  1.00 6.79  ? 129 SER A O   1 
ATOM   1075 C  CB  . SER A 1 141 ? 11.217  3.722   0.673   1.00 8.06  ? 129 SER A CB  1 
ATOM   1076 O  OG  . SER A 1 141 ? 12.403  3.590   -0.075  1.00 7.58  ? 129 SER A OG  1 
ATOM   1077 N  N   . LEU A 1 142 ? 10.393  4.219   -2.621  1.00 7.33  ? 130 LEU A N   1 
ATOM   1078 C  CA  . LEU A 1 142 ? 10.456  3.586   -3.931  1.00 6.27  ? 130 LEU A CA  1 
ATOM   1079 C  C   . LEU A 1 142 ? 11.579  2.560   -4.013  1.00 7.04  ? 130 LEU A C   1 
ATOM   1080 O  O   . LEU A 1 142 ? 11.404  1.514   -4.646  1.00 7.06  ? 130 LEU A O   1 
ATOM   1081 C  CB  . LEU A 1 142 ? 10.637  4.637   -5.014  1.00 7.64  ? 130 LEU A CB  1 
ATOM   1082 C  CG  . LEU A 1 142 ? 9.474   5.617   -5.166  1.00 6.11  ? 130 LEU A CG  1 
ATOM   1083 C  CD1 . LEU A 1 142 ? 9.817   6.621   -6.292  1.00 9.24  ? 130 LEU A CD1 1 
ATOM   1084 C  CD2 . LEU A 1 142 ? 8.230   4.893   -5.526  1.00 9.04  ? 130 LEU A CD2 1 
ATOM   1085 N  N   . GLU A 1 143 ? 12.726  2.835   -3.379  1.00 5.35  ? 131 GLU A N   1 
ATOM   1086 C  CA  . GLU A 1 143 ? 13.803  1.851   -3.372  1.00 5.95  ? 131 GLU A CA  1 
ATOM   1087 C  C   . GLU A 1 143 ? 13.415  0.604   -2.606  1.00 5.57  ? 131 GLU A C   1 
ATOM   1088 O  O   . GLU A 1 143 ? 13.759  -0.526  -3.023  1.00 6.35  ? 131 GLU A O   1 
ATOM   1089 C  CB  . GLU A 1 143 ? 15.094  2.440   -2.799  1.00 8.71  ? 131 GLU A CB  1 
ATOM   1090 C  CG  . GLU A 1 143 ? 15.704  3.514   -3.666  1.00 9.17  ? 131 GLU A CG  1 
ATOM   1091 C  CD  . GLU A 1 143 ? 16.297  2.995   -4.996  1.00 16.16 ? 131 GLU A CD  1 
ATOM   1092 O  OE1 . GLU A 1 143 ? 16.318  1.758   -5.251  1.00 13.68 ? 131 GLU A OE1 1 
ATOM   1093 O  OE2 . GLU A 1 143 ? 16.755  3.853   -5.786  1.00 13.70 ? 131 GLU A OE2 1 
ATOM   1094 N  N   . TYR A 1 144 ? 12.671  0.781   -1.521  1.00 5.55  ? 132 TYR A N   1 
ATOM   1095 C  CA  . TYR A 1 144 ? 12.185  -0.388  -0.787  1.00 6.25  ? 132 TYR A CA  1 
ATOM   1096 C  C   . TYR A 1 144 ? 11.287  -1.241  -1.698  1.00 6.15  ? 132 TYR A C   1 
ATOM   1097 O  O   . TYR A 1 144 ? 11.441  -2.455  -1.779  1.00 6.26  ? 132 TYR A O   1 
ATOM   1098 C  CB  . TYR A 1 144 ? 11.396  0.026   0.457   1.00 5.66  ? 132 TYR A CB  1 
ATOM   1099 C  CG  . TYR A 1 144 ? 10.863  -1.184  1.178   1.00 7.04  ? 132 TYR A CG  1 
ATOM   1100 C  CD1 . TYR A 1 144 ? 11.609  -1.829  2.144   1.00 7.04  ? 132 TYR A CD1 1 
ATOM   1101 C  CD2 . TYR A 1 144 ? 9.620   -1.709  0.870   1.00 12.29 ? 132 TYR A CD2 1 
ATOM   1102 C  CE1 . TYR A 1 144 ? 11.115  -2.970  2.793   1.00 8.05  ? 132 TYR A CE1 1 
ATOM   1103 C  CE2 . TYR A 1 144 ? 9.154   -2.844  1.485   1.00 10.32 ? 132 TYR A CE2 1 
ATOM   1104 C  CZ  . TYR A 1 144 ? 9.899   -3.465  2.457   1.00 9.56  ? 132 TYR A CZ  1 
ATOM   1105 O  OH  . TYR A 1 144 ? 9.403   -4.617  3.069   1.00 10.98 ? 132 TYR A OH  1 
ATOM   1106 N  N   . GLU A 1 145 ? 10.321  -0.596  -2.353  1.00 4.67  ? 133 GLU A N   1 
ATOM   1107 C  CA  . GLU A 1 145 ? 9.385   -1.326  -3.213  1.00 5.54  ? 133 GLU A CA  1 
ATOM   1108 C  C   . GLU A 1 145 ? 10.118  -2.003  -4.355  1.00 4.56  ? 133 GLU A C   1 
ATOM   1109 O  O   . GLU A 1 145 ? 9.787   -3.139  -4.712  1.00 5.57  ? 133 GLU A O   1 
ATOM   1110 C  CB  . GLU A 1 145 ? 8.308   -0.417  -3.745  1.00 7.05  ? 133 GLU A CB  1 
ATOM   1111 C  CG  . GLU A 1 145 ? 7.415   0.145   -2.609  1.00 9.81  ? 133 GLU A CG  1 
ATOM   1112 C  CD  . GLU A 1 145 ? 5.948   -0.185  -2.801  1.00 7.92  ? 133 GLU A CD  1 
ATOM   1113 O  OE1 . GLU A 1 145 ? 5.595   -1.394  -2.890  1.00 7.75  ? 133 GLU A OE1 1 
ATOM   1114 O  OE2 . GLU A 1 145 ? 5.133   0.762   -2.837  1.00 6.09  ? 133 GLU A OE2 1 
ATOM   1115 N  N   . TYR A 1 146 ? 11.131  -1.329  -4.903  1.00 5.78  ? 134 TYR A N   1 
ATOM   1116 C  CA  . TYR A 1 146 ? 11.895  -1.916  -6.002  1.00 5.32  ? 134 TYR A CA  1 
ATOM   1117 C  C   . TYR A 1 146 ? 12.509  -3.257  -5.582  1.00 3.84  ? 134 TYR A C   1 
ATOM   1118 O  O   . TYR A 1 146 ? 12.376  -4.278  -6.247  1.00 4.58  ? 134 TYR A O   1 
ATOM   1119 C  CB  . TYR A 1 146 ? 13.010  -0.962  -6.456  1.00 5.16  ? 134 TYR A CB  1 
ATOM   1120 C  CG  . TYR A 1 146 ? 14.024  -1.607  -7.352  1.00 4.88  ? 134 TYR A CG  1 
ATOM   1121 C  CD1 . TYR A 1 146 ? 13.670  -1.958  -8.648  1.00 5.76  ? 134 TYR A CD1 1 
ATOM   1122 C  CD2 . TYR A 1 146 ? 15.304  -1.919  -6.915  1.00 7.43  ? 134 TYR A CD2 1 
ATOM   1123 C  CE1 . TYR A 1 146 ? 14.559  -2.563  -9.497  1.00 7.70  ? 134 TYR A CE1 1 
ATOM   1124 C  CE2 . TYR A 1 146 ? 16.214  -2.545  -7.771  1.00 7.59  ? 134 TYR A CE2 1 
ATOM   1125 C  CZ  . TYR A 1 146 ? 15.821  -2.866  -9.067  1.00 8.08  ? 134 TYR A CZ  1 
ATOM   1126 O  OH  . TYR A 1 146 ? 16.689  -3.494  -9.958  1.00 10.53 ? 134 TYR A OH  1 
ATOM   1127 N  N   . GLN A 1 147 ? 13.194  -3.233  -4.446  1.00 5.10  ? 135 GLN A N   1 
ATOM   1128 C  CA  . GLN A 1 147 ? 13.850  -4.442  -3.980  1.00 6.40  ? 135 GLN A CA  1 
ATOM   1129 C  C   . GLN A 1 147 ? 12.843  -5.546  -3.635  1.00 7.10  ? 135 GLN A C   1 
ATOM   1130 O  O   . GLN A 1 147 ? 13.089  -6.716  -3.931  1.00 7.30  ? 135 GLN A O   1 
ATOM   1131 C  CB  . GLN A 1 147 ? 14.722  -4.147  -2.770  1.00 8.56  ? 135 GLN A CB  1 
ATOM   1132 C  CG  . GLN A 1 147 ? 15.887  -3.219  -3.053  1.00 11.11 ? 135 GLN A CG  1 
ATOM   1133 C  CD  . GLN A 1 147 ? 16.942  -3.818  -3.995  1.00 14.90 ? 135 GLN A CD  1 
ATOM   1134 O  OE1 . GLN A 1 147 ? 17.015  -5.046  -4.198  1.00 20.70 ? 135 GLN A OE1 1 
ATOM   1135 N  NE2 . GLN A 1 147 ? 17.767  -2.939  -4.585  1.00 15.77 ? 135 GLN A NE2 1 
ATOM   1136 N  N   . ALA A 1 148 ? 11.715  -5.169  -3.022  1.00 5.74  ? 136 ALA A N   1 
ATOM   1137 C  CA  . ALA A 1 148 ? 10.696  -6.137  -2.656  1.00 7.56  ? 136 ALA A CA  1 
ATOM   1138 C  C   . ALA A 1 148 ? 10.078  -6.724  -3.902  1.00 6.13  ? 136 ALA A C   1 
ATOM   1139 O  O   . ALA A 1 148 ? 9.810   -7.921  -3.944  1.00 6.00  ? 136 ALA A O   1 
ATOM   1140 C  CB  . ALA A 1 148 ? 9.658   -5.509  -1.823  1.00 7.48  ? 136 ALA A CB  1 
ATOM   1141 N  N   . TYR A 1 149 ? 9.828   -5.875  -4.899  1.00 5.61  ? 137 TYR A N   1 
ATOM   1142 C  CA  . TYR A 1 149 ? 9.221   -6.392  -6.148  1.00 6.04  ? 137 TYR A CA  1 
ATOM   1143 C  C   . TYR A 1 149 ? 10.129  -7.400  -6.847  1.00 7.81  ? 137 TYR A C   1 
ATOM   1144 O  O   . TYR A 1 149 ? 9.654   -8.407  -7.348  1.00 9.06  ? 137 TYR A O   1 
ATOM   1145 C  CB  . TYR A 1 149 ? 8.880   -5.231  -7.075  1.00 6.15  ? 137 TYR A CB  1 
ATOM   1146 C  CG  . TYR A 1 149 ? 7.549   -4.543  -6.768  1.00 8.17  ? 137 TYR A CG  1 
ATOM   1147 C  CD1 . TYR A 1 149 ? 6.953   -4.573  -5.505  1.00 8.05  ? 137 TYR A CD1 1 
ATOM   1148 C  CD2 . TYR A 1 149 ? 6.882   -3.897  -7.776  1.00 12.38 ? 137 TYR A CD2 1 
ATOM   1149 C  CE1 . TYR A 1 149 ? 5.717   -3.938  -5.260  1.00 10.42 ? 137 TYR A CE1 1 
ATOM   1150 C  CE2 . TYR A 1 149 ? 5.654   -3.239  -7.527  1.00 11.49 ? 137 TYR A CE2 1 
ATOM   1151 C  CZ  . TYR A 1 149 ? 5.083   -3.290  -6.289  1.00 13.72 ? 137 TYR A CZ  1 
ATOM   1152 O  OH  . TYR A 1 149 ? 3.870   -2.634  -6.110  1.00 13.23 ? 137 TYR A OH  1 
ATOM   1153 N  N   . LEU A 1 150 ? 11.433  -7.132  -6.866  1.00 8.02  ? 138 LEU A N   1 
ATOM   1154 C  CA  . LEU A 1 150 ? 12.380  -8.092  -7.407  1.00 10.32 ? 138 LEU A CA  1 
ATOM   1155 C  C   . LEU A 1 150 ? 12.257  -9.427  -6.682  1.00 9.35  ? 138 LEU A C   1 
ATOM   1156 O  O   . LEU A 1 150 ? 12.189  -10.467 -7.316  1.00 9.32  ? 138 LEU A O   1 
ATOM   1157 C  CB  . LEU A 1 150 ? 13.807  -7.600  -7.291  1.00 12.37 ? 138 LEU A CB  1 
ATOM   1158 C  CG  . LEU A 1 150 ? 14.246  -6.493  -8.230  1.00 11.08 ? 138 LEU A CG  1 
ATOM   1159 C  CD1 . LEU A 1 150 ? 15.706  -6.216  -7.955  1.00 15.50 ? 138 LEU A CD1 1 
ATOM   1160 C  CD2 . LEU A 1 150 ? 13.987  -6.906  -9.727  1.00 13.77 ? 138 LEU A CD2 1 
ATOM   1161 N  N   . LYS A 1 151 ? 12.252  -9.399  -5.359  1.00 9.62  ? 139 LYS A N   1 
ATOM   1162 C  CA  . LYS A 1 151 ? 12.120  -10.641 -4.609  1.00 10.67 ? 139 LYS A CA  1 
ATOM   1163 C  C   . LYS A 1 151 ? 10.843  -11.412 -4.938  1.00 9.84  ? 139 LYS A C   1 
ATOM   1164 O  O   . LYS A 1 151 ? 10.856  -12.629 -4.964  1.00 10.71 ? 139 LYS A O   1 
ATOM   1165 C  CB  . LYS A 1 151 ? 12.200  -10.368 -3.106  1.00 10.82 ? 139 LYS A CB  1 
ATOM   1166 C  CG  . LYS A 1 151 ? 13.566  -9.897  -2.671  1.00 16.77 ? 139 LYS A CG  1 
ATOM   1167 C  CD  . LYS A 1 151 ? 13.583  -9.365  -1.246  1.00 21.70 ? 139 LYS A CD  1 
ATOM   1168 C  CE  . LYS A 1 151 ? 15.018  -9.002  -0.804  1.00 27.56 ? 139 LYS A CE  1 
ATOM   1169 N  NZ  . LYS A 1 151 ? 15.507  -7.652  -1.249  1.00 38.47 ? 139 LYS A NZ  1 
ATOM   1170 N  N   . LEU A 1 152 ? 9.750   -10.701 -5.193  1.00 7.95  ? 140 LEU A N   1 
ATOM   1171 C  CA  . LEU A 1 152 ? 8.472   -11.298 -5.551  1.00 6.41  ? 140 LEU A CA  1 
ATOM   1172 C  C   . LEU A 1 152 ? 8.351   -11.705 -7.018  1.00 5.91  ? 140 LEU A C   1 
ATOM   1173 O  O   . LEU A 1 152 ? 7.369   -12.356 -7.399  1.00 8.40  ? 140 LEU A O   1 
ATOM   1174 C  CB  . LEU A 1 152 ? 7.358   -10.299 -5.213  1.00 6.88  ? 140 LEU A CB  1 
ATOM   1175 C  CG  . LEU A 1 152 ? 7.164   -10.105 -3.726  1.00 5.79  ? 140 LEU A CG  1 
ATOM   1176 C  CD1 . LEU A 1 152 ? 6.226   -9.005  -3.490  1.00 9.39  ? 140 LEU A CD1 1 
ATOM   1177 C  CD2 . LEU A 1 152 ? 6.605   -11.389 -3.109  1.00 10.18 ? 140 LEU A CD2 1 
ATOM   1178 N  N   . GLY A 1 153 ? 9.322   -11.341 -7.840  1.00 8.29  ? 141 GLY A N   1 
ATOM   1179 C  CA  . GLY A 1 153 ? 9.240   -11.680 -9.266  1.00 9.18  ? 141 GLY A CA  1 
ATOM   1180 C  C   . GLY A 1 153 ? 8.393   -10.729 -10.074 1.00 9.54  ? 141 GLY A C   1 
ATOM   1181 O  O   . GLY A 1 153 ? 8.036   -11.009 -11.207 1.00 7.47  ? 141 GLY A O   1 
ATOM   1182 N  N   . ARG A 1 154 ? 8.115   -9.553  -9.519  1.00 6.64  ? 142 ARG A N   1 
ATOM   1183 C  CA  . ARG A 1 154 ? 7.387   -8.526  -10.248 1.00 6.67  ? 142 ARG A CA  1 
ATOM   1184 C  C   . ARG A 1 154 ? 8.377   -7.697  -11.067 1.00 4.89  ? 142 ARG A C   1 
ATOM   1185 O  O   . ARG A 1 154 ? 8.600   -6.529  -10.808 1.00 6.56  ? 142 ARG A O   1 
ATOM   1186 C  CB  . ARG A 1 154 ? 6.579   -7.663  -9.273  1.00 5.80  ? 142 ARG A CB  1 
ATOM   1187 C  CG  . ARG A 1 154 ? 5.528   -8.409  -8.522  1.00 10.49 ? 142 ARG A CG  1 
ATOM   1188 C  CD  . ARG A 1 154 ? 4.836   -7.510  -7.504  1.00 10.44 ? 142 ARG A CD  1 
ATOM   1189 N  NE  . ARG A 1 154 ? 3.906   -8.260  -6.678  1.00 12.44 ? 142 ARG A NE  1 
ATOM   1190 C  CZ  . ARG A 1 154 ? 3.358   -7.803  -5.550  1.00 12.82 ? 142 ARG A CZ  1 
ATOM   1191 N  NH1 . ARG A 1 154 ? 3.606   -6.575  -5.116  1.00 14.92 ? 142 ARG A NH1 1 
ATOM   1192 N  NH2 . ARG A 1 154 ? 2.556   -8.600  -4.870  1.00 17.94 ? 142 ARG A NH2 1 
ATOM   1193 N  N   . VAL A 1 155 ? 8.986   -8.322  -12.058 1.00 5.60  ? 143 VAL A N   1 
ATOM   1194 C  CA  . VAL A 1 155 ? 10.176  -7.812  -12.685 1.00 7.75  ? 143 VAL A CA  1 
ATOM   1195 C  C   . VAL A 1 155 ? 9.888   -6.577  -13.531 1.00 5.86  ? 143 VAL A C   1 
ATOM   1196 O  O   . VAL A 1 155 ? 10.646  -5.595  -13.477 1.00 7.24  ? 143 VAL A O   1 
ATOM   1197 C  CB  . VAL A 1 155 ? 10.853  -8.898  -13.543 1.00 13.70 ? 143 VAL A CB  1 
ATOM   1198 C  CG1 . VAL A 1 155 ? 12.020  -8.293  -14.337 1.00 13.14 ? 143 VAL A CG1 1 
ATOM   1199 C  CG2 . VAL A 1 155 ? 11.319  -10.040 -12.641 1.00 18.51 ? 143 VAL A CG2 1 
ATOM   1200 N  N   . GLU A 1 156 ? 8.810   -6.600  -14.305 1.00 5.11  ? 144 GLU A N   1 
ATOM   1201 C  CA  . GLU A 1 156 ? 8.499   -5.440  -15.150 1.00 3.09  ? 144 GLU A CA  1 
ATOM   1202 C  C   . GLU A 1 156 ? 8.190   -4.212  -14.297 1.00 2.78  ? 144 GLU A C   1 
ATOM   1203 O  O   . GLU A 1 156 ? 8.712   -3.114  -14.552 1.00 5.27  ? 144 GLU A O   1 
ATOM   1204 C  CB  . GLU A 1 156 ? 7.387   -5.739  -16.178 1.00 4.98  ? 144 GLU A CB  1 
ATOM   1205 C  CG  . GLU A 1 156 ? 6.902   -4.525  -16.920 1.00 6.73  ? 144 GLU A CG  1 
ATOM   1206 C  CD  . GLU A 1 156 ? 5.813   -3.701  -16.201 1.00 13.30 ? 144 GLU A CD  1 
ATOM   1207 O  OE1 . GLU A 1 156 ? 4.897   -4.228  -15.524 1.00 7.50  ? 144 GLU A OE1 1 
ATOM   1208 O  OE2 . GLU A 1 156 ? 5.878   -2.438  -16.303 1.00 23.89 ? 144 GLU A OE2 1 
ATOM   1209 N  N   . LYS A 1 157 ? 7.412   -4.400  -13.235 1.00 3.56  ? 145 LYS A N   1 
ATOM   1210 C  CA  . LYS A 1 157 ? 7.099   -3.249  -12.367 1.00 3.45  ? 145 LYS A CA  1 
ATOM   1211 C  C   . LYS A 1 157 ? 8.369   -2.752  -11.707 1.00 5.33  ? 145 LYS A C   1 
ATOM   1212 O  O   . LYS A 1 157 ? 8.575   -1.531  -11.593 1.00 6.42  ? 145 LYS A O   1 
ATOM   1213 C  CB  . LYS A 1 157 ? 6.042   -3.602  -11.329 1.00 5.39  ? 145 LYS A CB  1 
ATOM   1214 C  CG  . LYS A 1 157 ? 4.649   -3.784  -11.899 1.00 6.37  ? 145 LYS A CG  1 
ATOM   1215 C  CD  . LYS A 1 157 ? 3.704   -4.324  -10.876 1.00 9.26  ? 145 LYS A CD  1 
ATOM   1216 C  CE  . LYS A 1 157 ? 2.299   -4.529  -11.449 1.00 16.89 ? 145 LYS A CE  1 
ATOM   1217 N  NZ  . LYS A 1 157 ? 1.701   -3.307  -12.033 1.00 23.38 ? 145 LYS A NZ  1 
ATOM   1218 N  N   . ALA A 1 158 ? 9.210   -3.671  -11.244 1.00 4.82  ? 146 ALA A N   1 
ATOM   1219 C  CA  . ALA A 1 158 ? 10.497  -3.263  -10.656 1.00 4.70  ? 146 ALA A CA  1 
ATOM   1220 C  C   . ALA A 1 158 ? 11.337  -2.482  -11.666 1.00 6.56  ? 146 ALA A C   1 
ATOM   1221 O  O   . ALA A 1 158 ? 11.905  -1.441  -11.331 1.00 4.62  ? 146 ALA A O   1 
ATOM   1222 C  CB  . ALA A 1 158 ? 11.250  -4.450  -10.169 1.00 6.84  ? 146 ALA A CB  1 
ATOM   1223 N  N   . GLU A 1 159 ? 11.370  -2.969  -12.908 1.00 6.11  ? 147 GLU A N   1 
ATOM   1224 C  CA  . GLU A 1 159 ? 12.170  -2.352  -13.960 1.00 7.65  ? 147 GLU A CA  1 
ATOM   1225 C  C   . GLU A 1 159 ? 11.669  -0.964  -14.330 1.00 9.42  ? 147 GLU A C   1 
ATOM   1226 O  O   . GLU A 1 159 ? 12.424  -0.068  -14.633 1.00 8.80  ? 147 GLU A O   1 
ATOM   1227 C  CB  . GLU A 1 159 ? 12.176  -3.228  -15.210 1.00 9.23  ? 147 GLU A CB  1 
ATOM   1228 C  CG  . GLU A 1 159 ? 12.904  -4.478  -15.013 1.00 8.84  ? 147 GLU A CG  1 
ATOM   1229 C  CD  . GLU A 1 159 ? 12.887  -5.417  -16.225 1.00 16.97 ? 147 GLU A CD  1 
ATOM   1230 O  OE1 . GLU A 1 159 ? 11.873  -5.527  -17.047 1.00 13.85 ? 147 GLU A OE1 1 
ATOM   1231 O  OE2 . GLU A 1 159 ? 13.944  -6.067  -16.278 1.00 15.37 ? 147 GLU A OE2 1 
ATOM   1232 N  N   . THR A 1 160 ? 10.357  -0.801  -14.344 1.00 7.87  ? 148 THR A N   1 
ATOM   1233 C  CA  . THR A 1 160 ? 9.772   0.494   -14.576 1.00 9.54  ? 148 THR A CA  1 
ATOM   1234 C  C   . THR A 1 160 ? 10.212  1.493   -13.525 1.00 10.83 ? 148 THR A C   1 
ATOM   1235 O  O   . THR A 1 160 ? 10.616  2.611   -13.875 1.00 11.23 ? 148 THR A O   1 
ATOM   1236 C  CB  . THR A 1 160 ? 8.231   0.368   -14.624 1.00 12.67 ? 148 THR A CB  1 
ATOM   1237 O  OG1 . THR A 1 160 ? 7.898   -0.390  -15.784 1.00 13.44 ? 148 THR A OG1 1 
ATOM   1238 C  CG2 . THR A 1 160 ? 7.569   1.735   -14.706 1.00 14.35 ? 148 THR A CG2 1 
ATOM   1239 N  N   . LEU A 1 161 ? 10.174  1.096   -12.247 1.00 7.60  ? 149 LEU A N   1 
ATOM   1240 C  CA  . LEU A 1 161 ? 10.584  1.987   -11.157 1.00 7.15  ? 149 LEU A CA  1 
ATOM   1241 C  C   . LEU A 1 161 ? 12.067  2.303   -11.291 1.00 7.84  ? 149 LEU A C   1 
ATOM   1242 O  O   . LEU A 1 161 ? 12.502  3.451   -11.119 1.00 8.64  ? 149 LEU A O   1 
ATOM   1243 C  CB  . LEU A 1 161 ? 10.382  1.388   -9.770  1.00 8.71  ? 149 LEU A CB  1 
ATOM   1244 C  CG  . LEU A 1 161 ? 9.016   1.112   -9.181  1.00 15.37 ? 149 LEU A CG  1 
ATOM   1245 C  CD1 . LEU A 1 161 ? 9.228   0.558   -7.794  1.00 22.07 ? 149 LEU A CD1 1 
ATOM   1246 C  CD2 . LEU A 1 161 ? 8.176   2.364   -9.120  1.00 16.53 ? 149 LEU A CD2 1 
ATOM   1247 N  N   . ARG A 1 162 ? 12.852  1.265   -11.557 1.00 7.00  ? 150 ARG A N   1 
ATOM   1248 C  CA  . ARG A 1 162 ? 14.308  1.397   -11.653 1.00 7.15  ? 150 ARG A CA  1 
ATOM   1249 C  C   . ARG A 1 162 ? 14.701  2.348   -12.750 1.00 7.20  ? 150 ARG A C   1 
ATOM   1250 O  O   . ARG A 1 162 ? 15.565  3.218   -12.578 1.00 8.09  ? 150 ARG A O   1 
ATOM   1251 C  CB  . ARG A 1 162 ? 14.925  0.023   -11.931 1.00 9.32  ? 150 ARG A CB  1 
ATOM   1252 C  CG  . ARG A 1 162 ? 16.429  0.015   -12.001 1.00 10.74 ? 150 ARG A CG  1 
ATOM   1253 C  CD  . ARG A 1 162 ? 17.072  0.052   -10.642 1.00 9.85  ? 150 ARG A CD  1 
ATOM   1254 N  NE  . ARG A 1 162 ? 17.282  1.413   -10.144 1.00 7.86  ? 150 ARG A NE  1 
ATOM   1255 C  CZ  . ARG A 1 162 ? 17.097  1.790   -8.881  1.00 10.46 ? 150 ARG A CZ  1 
ATOM   1256 N  NH1 . ARG A 1 162 ? 16.612  0.949   -7.954  1.00 11.41 ? 150 ARG A NH1 1 
ATOM   1257 N  NH2 . ARG A 1 162 ? 17.398  3.036   -8.536  1.00 13.27 ? 150 ARG A NH2 1 
ATOM   1258 N  N   . LYS A 1 163 ? 14.075  2.181   -13.903 1.00 5.88  ? 151 LYS A N   1 
ATOM   1259 C  CA  . LYS A 1 163 ? 14.374  3.005   -15.052 1.00 5.45  ? 151 LYS A CA  1 
ATOM   1260 C  C   . LYS A 1 163 ? 14.038  4.468   -14.733 1.00 6.47  ? 151 LYS A C   1 
ATOM   1261 O  O   . LYS A 1 163 ? 14.862  5.347   -14.952 1.00 8.74  ? 151 LYS A O   1 
ATOM   1262 C  CB  . LYS A 1 163 ? 13.626  2.491   -16.261 1.00 9.42  ? 151 LYS A CB  1 
ATOM   1263 C  CG  . LYS A 1 163 ? 13.856  3.238   -17.517 1.00 10.84 ? 151 LYS A CG  1 
ATOM   1264 C  CD  . LYS A 1 163 ? 13.092  2.555   -18.622 1.00 18.25 ? 151 LYS A CD  1 
ATOM   1265 C  CE  . LYS A 1 163 ? 13.106  3.326   -19.903 1.00 27.10 ? 151 LYS A CE  1 
ATOM   1266 N  NZ  . LYS A 1 163 ? 12.520  2.456   -20.965 1.00 36.78 ? 151 LYS A NZ  1 
ATOM   1267 N  N   . TRP A 1 164 ? 12.859  4.708   -14.140 1.00 7.43  ? 152 TRP A N   1 
ATOM   1268 C  CA  . TRP A 1 164 ? 12.491  6.052   -13.717 1.00 8.30  ? 152 TRP A CA  1 
ATOM   1269 C  C   . TRP A 1 164 ? 13.469  6.630   -12.692 1.00 7.63  ? 152 TRP A C   1 
ATOM   1270 O  O   . TRP A 1 164 ? 13.899  7.781   -12.837 1.00 9.11  ? 152 TRP A O   1 
ATOM   1271 C  CB  . TRP A 1 164 ? 11.068  6.049   -13.155 1.00 9.88  ? 152 TRP A CB  1 
ATOM   1272 C  CG  . TRP A 1 164 ? 10.529  7.377   -12.835 1.00 10.68 ? 152 TRP A CG  1 
ATOM   1273 C  CD1 . TRP A 1 164 ? 9.872   8.208   -13.685 1.00 14.55 ? 152 TRP A CD1 1 
ATOM   1274 C  CD2 . TRP A 1 164 ? 10.575  8.045   -11.567 1.00 9.26  ? 152 TRP A CD2 1 
ATOM   1275 N  NE1 . TRP A 1 164 ? 9.506   9.353   -13.030 1.00 13.63 ? 152 TRP A NE1 1 
ATOM   1276 C  CE2 . TRP A 1 164 ? 9.921   9.274   -11.726 1.00 11.66 ? 152 TRP A CE2 1 
ATOM   1277 C  CE3 . TRP A 1 164 ? 11.108  7.721   -10.320 1.00 12.70 ? 152 TRP A CE3 1 
ATOM   1278 C  CZ2 . TRP A 1 164 ? 9.796   10.191  -10.689 1.00 12.41 ? 152 TRP A CZ2 1 
ATOM   1279 C  CZ3 . TRP A 1 164 ? 10.954  8.631   -9.265  1.00 13.97 ? 152 TRP A CZ3 1 
ATOM   1280 C  CH2 . TRP A 1 164 ? 10.305  9.849   -9.466  1.00 14.90 ? 152 TRP A CH2 1 
ATOM   1281 N  N   . LEU A 1 165 ? 13.859  5.850   -11.687 1.00 6.99  ? 153 LEU A N   1 
ATOM   1282 C  CA  . LEU A 1 165 ? 14.840  6.304   -10.711 1.00 8.13  ? 153 LEU A CA  1 
ATOM   1283 C  C   . LEU A 1 165 ? 16.202  6.530   -11.339 1.00 7.65  ? 153 LEU A C   1 
ATOM   1284 O  O   . LEU A 1 165 ? 16.902  7.527   -11.008 1.00 11.12 ? 153 LEU A O   1 
ATOM   1285 C  CB  . LEU A 1 165 ? 14.984  5.304   -9.559  1.00 9.27  ? 153 LEU A CB  1 
ATOM   1286 C  CG  . LEU A 1 165 ? 13.740  5.118   -8.677  1.00 9.64  ? 153 LEU A CG  1 
ATOM   1287 C  CD1 . LEU A 1 165 ? 13.822  3.837   -7.893  1.00 8.59  ? 153 LEU A CD1 1 
ATOM   1288 C  CD2 . LEU A 1 165 ? 13.621  6.312   -7.756  1.00 12.96 ? 153 LEU A CD2 1 
ATOM   1289 N  N   . ASN A 1 166 ? 16.639  5.623   -12.209 1.00 8.76  ? 154 ASN A N   1 
ATOM   1290 C  CA  . ASN A 1 166 ? 17.952  5.824   -12.894 1.00 7.43  ? 154 ASN A CA  1 
ATOM   1291 C  C   . ASN A 1 166 ? 17.970  7.099   -13.732 1.00 8.46  ? 154 ASN A C   1 
ATOM   1292 O  O   . ASN A 1 166 ? 19.001  7.780   -13.865 1.00 11.19 ? 154 ASN A O   1 
ATOM   1293 C  CB  . ASN A 1 166 ? 18.302  4.647   -13.810 1.00 6.80  ? 154 ASN A CB  1 
ATOM   1294 C  CG  . ASN A 1 166 ? 18.624  3.384   -13.045 1.00 9.37  ? 154 ASN A CG  1 
ATOM   1295 O  OD1 . ASN A 1 166 ? 18.680  3.369   -11.805 1.00 10.61 ? 154 ASN A OD1 1 
ATOM   1296 N  ND2 . ASN A 1 166 ? 18.817  2.318   -13.775 1.00 7.04  ? 154 ASN A ND2 1 
ATOM   1297 N  N   . GLU A 1 167 ? 16.835  7.410   -14.326 1.00 9.85  ? 155 GLU A N   1 
ATOM   1298 C  CA  . GLU A 1 167 ? 16.729  8.546   -15.203 1.00 12.23 ? 155 GLU A CA  1 
ATOM   1299 C  C   . GLU A 1 167 ? 16.757  9.848   -14.450 1.00 17.44 ? 155 GLU A C   1 
ATOM   1300 O  O   . GLU A 1 167 ? 17.059  10.880  -15.051 1.00 22.16 ? 155 GLU A O   1 
ATOM   1301 C  CB  . GLU A 1 167 ? 15.471  8.454   -16.059 1.00 13.69 ? 155 GLU A CB  1 
ATOM   1302 C  CG  . GLU A 1 167 ? 15.615  7.453   -17.198 1.00 10.43 ? 155 GLU A CG  1 
ATOM   1303 C  CD  . GLU A 1 167 ? 14.314  7.097   -17.852 1.00 11.65 ? 155 GLU A CD  1 
ATOM   1304 O  OE1 . GLU A 1 167 ? 13.231  7.474   -17.324 1.00 18.86 ? 155 GLU A OE1 1 
ATOM   1305 O  OE2 . GLU A 1 167 ? 14.347  6.406   -18.874 1.00 12.55 ? 155 GLU A OE2 1 
ATOM   1306 N  N   . ARG A 1 168 ? 16.487  9.805   -13.151 1.00 18.13 ? 156 ARG A N   1 
ATOM   1307 C  CA  . ARG A 1 168 ? 16.475  11.037  -12.333 1.00 22.22 ? 156 ARG A CA  1 
ATOM   1308 C  C   . ARG A 1 168 ? 17.662  11.197  -11.396 1.00 25.39 ? 156 ARG A C   1 
ATOM   1309 O  O   . ARG A 1 168 ? 17.699  12.160  -10.618 1.00 28.48 ? 156 ARG A O   1 
ATOM   1310 C  CB  . ARG A 1 168 ? 15.190  11.123  -11.503 1.00 22.63 ? 156 ARG A CB  1 
ATOM   1311 C  CG  . ARG A 1 168 ? 13.992  10.687  -12.276 1.00 31.51 ? 156 ARG A CG  1 
ATOM   1312 C  CD  . ARG A 1 168 ? 12.740  11.526  -12.119 1.00 38.30 ? 156 ARG A CD  1 
ATOM   1313 N  NE  . ARG A 1 168 ? 12.101  11.825  -13.413 1.00 39.78 ? 156 ARG A NE  1 
ATOM   1314 C  CZ  . ARG A 1 168 ? 12.044  11.018  -14.484 1.00 39.67 ? 156 ARG A CZ  1 
ATOM   1315 N  NH1 . ARG A 1 168 ? 12.543  9.779   -14.479 1.00 26.17 ? 156 ARG A NH1 1 
ATOM   1316 N  NH2 . ARG A 1 168 ? 11.446  11.453  -15.590 1.00 43.75 ? 156 ARG A NH2 1 
ATOM   1317 N  N   . LYS A 1 169 ? 18.641  10.304  -11.480 1.00 25.11 ? 157 LYS A N   1 
ATOM   1318 C  CA  . LYS A 1 169 ? 19.750  10.289  -10.541 1.00 26.13 ? 157 LYS A CA  1 
ATOM   1319 C  C   . LYS A 1 169 ? 20.706  11.477  -10.750 1.00 27.00 ? 157 LYS A C   1 
ATOM   1320 O  O   . LYS A 1 169 ? 20.918  11.933  -11.876 1.00 27.19 ? 157 LYS A O   1 
ATOM   1321 C  CB  . LYS A 1 169 ? 20.501  8.957   -10.657 1.00 25.49 ? 157 LYS A CB  1 
ATOM   1322 C  CG  . LYS A 1 169 ? 21.720  8.836   -9.760  1.00 27.95 ? 157 LYS A CG  1 
ATOM   1323 C  CD  . LYS A 1 169 ? 22.125  7.376   -9.554  1.00 27.80 ? 157 LYS A CD  1 
HETATM 1324 C  C1  . EDO B 2 .   ? -1.888  -12.197 1.131   1.00 27.89 ? 159 EDO A C1  1 
HETATM 1325 O  O1  . EDO B 2 .   ? -2.289  -11.958 2.479   1.00 20.06 ? 159 EDO A O1  1 
HETATM 1326 C  C2  . EDO B 2 .   ? -3.031  -12.870 0.365   1.00 27.99 ? 159 EDO A C2  1 
HETATM 1327 O  O2  . EDO B 2 .   ? -3.318  -14.175 0.880   1.00 26.87 ? 159 EDO A O2  1 
HETATM 1328 C  C1  . EDO C 2 .   ? 6.158   -6.888  1.533   1.00 15.70 ? 160 EDO A C1  1 
HETATM 1329 O  O1  . EDO C 2 .   ? 7.227   -6.646  0.602   1.00 13.43 ? 160 EDO A O1  1 
HETATM 1330 C  C2  . EDO C 2 .   ? 6.532   -6.516  2.946   1.00 16.44 ? 160 EDO A C2  1 
HETATM 1331 O  O2  . EDO C 2 .   ? 6.648   -5.093  3.104   1.00 12.08 ? 160 EDO A O2  1 
HETATM 1332 C  C1  . EDO D 2 .   ? 3.292   -7.409  -1.304  1.00 23.96 ? 161 EDO A C1  1 
HETATM 1333 O  O1  . EDO D 2 .   ? 3.693   -6.265  -2.070  1.00 20.34 ? 161 EDO A O1  1 
HETATM 1334 C  C2  . EDO D 2 .   ? 1.784   -7.412  -1.094  1.00 24.26 ? 161 EDO A C2  1 
HETATM 1335 O  O2  . EDO D 2 .   ? 1.089   -7.644  -2.338  1.00 21.42 ? 161 EDO A O2  1 
HETATM 1336 C  C1  . EDO E 2 .   ? -1.203  11.224  9.109   1.00 35.73 ? 162 EDO A C1  1 
HETATM 1337 O  O1  . EDO E 2 .   ? -2.254  12.105  9.536   1.00 30.60 ? 162 EDO A O1  1 
HETATM 1338 C  C2  . EDO E 2 .   ? -0.918  11.299  7.613   1.00 32.01 ? 162 EDO A C2  1 
HETATM 1339 O  O2  . EDO E 2 .   ? 0.395   11.859  7.383   1.00 24.64 ? 162 EDO A O2  1 
HETATM 1340 C  C1  . EDO F 2 .   ? 1.213   8.745   9.103   1.00 31.54 ? 163 EDO A C1  1 
HETATM 1341 O  O1  . EDO F 2 .   ? 1.358   8.870   10.501  1.00 29.66 ? 163 EDO A O1  1 
HETATM 1342 C  C2  . EDO F 2 .   ? 0.399   7.494   8.948   1.00 27.53 ? 163 EDO A C2  1 
HETATM 1343 O  O2  . EDO F 2 .   ? 1.299   6.427   8.977   1.00 14.18 ? 163 EDO A O2  1 
HETATM 1344 O  O   . HOH G 3 .   ? -2.143  -3.585  0.426   1.00 14.72 ? 164 HOH A O   1 
HETATM 1345 O  O   . HOH G 3 .   ? 0.902   -3.123  0.269   1.00 16.57 ? 165 HOH A O   1 
HETATM 1346 O  O   . HOH G 3 .   ? 3.096   -4.458  6.999   1.00 8.36  ? 166 HOH A O   1 
HETATM 1347 O  O   . HOH G 3 .   ? -1.741  0.901   13.464  1.00 9.58  ? 167 HOH A O   1 
HETATM 1348 O  O   . HOH G 3 .   ? 5.996   3.240   -3.224  1.00 9.59  ? 168 HOH A O   1 
HETATM 1349 O  O   . HOH G 3 .   ? -13.376 13.289  -1.683  1.00 9.80  ? 169 HOH A O   1 
HETATM 1350 O  O   . HOH G 3 .   ? -12.152 -8.802  10.601  1.00 11.70 ? 170 HOH A O   1 
HETATM 1351 O  O   . HOH G 3 .   ? -9.377  11.254  11.189  1.00 11.85 ? 171 HOH A O   1 
HETATM 1352 O  O   . HOH G 3 .   ? 6.618   7.838   10.772  1.00 12.07 ? 172 HOH A O   1 
HETATM 1353 O  O   . HOH G 3 .   ? 6.818   -3.296  -1.398  1.00 12.64 ? 173 HOH A O   1 
HETATM 1354 O  O   . HOH G 3 .   ? 8.224   -14.282 -1.339  1.00 12.17 ? 174 HOH A O   1 
HETATM 1355 O  O   . HOH G 3 .   ? 10.507  7.093   -2.122  1.00 12.78 ? 175 HOH A O   1 
HETATM 1356 O  O   . HOH G 3 .   ? 9.113   7.614   9.360   1.00 12.77 ? 176 HOH A O   1 
HETATM 1357 O  O   . HOH G 3 .   ? -14.092 10.621  4.470   1.00 12.91 ? 177 HOH A O   1 
HETATM 1358 O  O   . HOH G 3 .   ? 9.876   9.231   7.295   1.00 13.36 ? 178 HOH A O   1 
HETATM 1359 O  O   . HOH G 3 .   ? -14.020 8.983   -6.744  1.00 13.69 ? 179 HOH A O   1 
HETATM 1360 O  O   . HOH G 3 .   ? 5.472   16.845  -1.194  1.00 13.57 ? 180 HOH A O   1 
HETATM 1361 O  O   . HOH G 3 .   ? -0.014  -4.476  15.391  1.00 13.41 ? 181 HOH A O   1 
HETATM 1362 O  O   . HOH G 3 .   ? 5.500   -3.519  1.055   1.00 13.80 ? 182 HOH A O   1 
HETATM 1363 O  O   . HOH G 3 .   ? 5.439   -6.875  8.403   1.00 14.95 ? 183 HOH A O   1 
HETATM 1364 O  O   . HOH G 3 .   ? -14.731 13.835  0.736   1.00 14.54 ? 184 HOH A O   1 
HETATM 1365 O  O   . HOH G 3 .   ? -13.905 13.116  3.189   1.00 14.98 ? 185 HOH A O   1 
HETATM 1366 O  O   . HOH G 3 .   ? -6.729  9.561   17.556  1.00 15.78 ? 186 HOH A O   1 
HETATM 1367 O  O   . HOH G 3 .   ? 15.683  -15.696 1.063   1.00 15.78 ? 187 HOH A O   1 
HETATM 1368 O  O   . HOH G 3 .   ? -10.395 -0.487  -8.193  1.00 16.03 ? 188 HOH A O   1 
HETATM 1369 O  O   . HOH G 3 .   ? -20.789 -1.083  9.090   1.00 15.90 ? 189 HOH A O   1 
HETATM 1370 O  O   . HOH G 3 .   ? -12.070 8.298   11.677  1.00 16.43 ? 190 HOH A O   1 
HETATM 1371 O  O   . HOH G 3 .   ? 11.258  -6.126  4.267   1.00 16.38 ? 191 HOH A O   1 
HETATM 1372 O  O   . HOH G 3 .   ? 14.661  -1.077  -15.904 1.00 17.05 ? 192 HOH A O   1 
HETATM 1373 O  O   . HOH G 3 .   ? 1.913   -5.946  13.596  1.00 17.29 ? 193 HOH A O   1 
HETATM 1374 O  O   . HOH G 3 .   ? -15.053 6.858   -8.206  1.00 17.16 ? 194 HOH A O   1 
HETATM 1375 O  O   . HOH G 3 .   ? 8.775   -14.666 -4.031  1.00 16.41 ? 195 HOH A O   1 
HETATM 1376 O  O   . HOH G 3 .   ? 4.751   -4.178  9.147   1.00 17.05 ? 196 HOH A O   1 
HETATM 1377 O  O   . HOH G 3 .   ? 21.817  4.353   -12.510 1.00 17.10 ? 197 HOH A O   1 
HETATM 1378 O  O   . HOH G 3 .   ? -7.091  18.010  6.039   1.00 17.58 ? 198 HOH A O   1 
HETATM 1379 O  O   . HOH G 3 .   ? 16.508  5.111   -19.507 1.00 17.73 ? 199 HOH A O   1 
HETATM 1380 O  O   . HOH G 3 .   ? -10.462 14.360  11.716  1.00 17.79 ? 200 HOH A O   1 
HETATM 1381 O  O   . HOH G 3 .   ? -12.373 -12.386 4.988   1.00 19.06 ? 201 HOH A O   1 
HETATM 1382 O  O   . HOH G 3 .   ? 1.334   -11.544 8.581   1.00 18.33 ? 202 HOH A O   1 
HETATM 1383 O  O   . HOH G 3 .   ? 12.840  -4.268  0.065   1.00 18.71 ? 203 HOH A O   1 
HETATM 1384 O  O   . HOH G 3 .   ? 6.327   -5.960  -1.841  1.00 18.88 ? 204 HOH A O   1 
HETATM 1385 O  O   . HOH G 3 .   ? 12.200  -6.519  1.330   1.00 18.93 ? 205 HOH A O   1 
HETATM 1386 O  O   . HOH G 3 .   ? 3.254   -2.575  -3.127  1.00 18.48 ? 206 HOH A O   1 
HETATM 1387 O  O   . HOH G 3 .   ? -1.929  1.758   -4.741  1.00 19.25 ? 207 HOH A O   1 
HETATM 1388 O  O   . HOH G 3 .   ? -14.909 9.556   -4.201  1.00 18.85 ? 208 HOH A O   1 
HETATM 1389 O  O   . HOH G 3 .   ? 13.574  5.512   -2.083  1.00 19.00 ? 209 HOH A O   1 
HETATM 1390 O  O   . HOH G 3 .   ? 10.039  4.011   -16.281 1.00 19.05 ? 210 HOH A O   1 
HETATM 1391 O  O   . HOH G 3 .   ? -19.023 3.918   -1.931  1.00 19.21 ? 211 HOH A O   1 
HETATM 1392 O  O   . HOH G 3 .   ? 16.154  -17.517 5.987   1.00 19.65 ? 212 HOH A O   1 
HETATM 1393 O  O   . HOH G 3 .   ? 8.380   -24.398 4.195   1.00 19.36 ? 213 HOH A O   1 
HETATM 1394 O  O   . HOH G 3 .   ? 8.835   -18.190 9.604   1.00 19.32 ? 214 HOH A O   1 
HETATM 1395 O  O   . HOH G 3 .   ? -18.910 1.607   -4.550  1.00 19.67 ? 215 HOH A O   1 
HETATM 1396 O  O   . HOH G 3 .   ? -18.768 -4.030  -1.554  1.00 20.28 ? 216 HOH A O   1 
HETATM 1397 O  O   . HOH G 3 .   ? 1.116   -14.000 -3.784  1.00 19.96 ? 217 HOH A O   1 
HETATM 1398 O  O   . HOH G 3 .   ? 3.257   -4.330  -0.472  1.00 20.58 ? 218 HOH A O   1 
HETATM 1399 O  O   . HOH G 3 .   ? 15.919  -17.948 3.182   1.00 20.02 ? 219 HOH A O   1 
HETATM 1400 O  O   . HOH G 3 .   ? 11.699  -8.111  7.271   1.00 20.12 ? 220 HOH A O   1 
HETATM 1401 O  O   . HOH G 3 .   ? -1.460  19.762  -4.581  1.00 20.55 ? 221 HOH A O   1 
HETATM 1402 O  O   . HOH G 3 .   ? -0.124  -1.518  -7.391  1.00 20.82 ? 222 HOH A O   1 
HETATM 1403 O  O   . HOH G 3 .   ? 5.689   -0.936  11.572  1.00 21.47 ? 223 HOH A O   1 
HETATM 1404 O  O   . HOH G 3 .   ? 10.076  -7.389  -18.099 1.00 21.13 ? 224 HOH A O   1 
HETATM 1405 O  O   . HOH G 3 .   ? -1.134  7.993   11.841  1.00 20.89 ? 225 HOH A O   1 
HETATM 1406 O  O   . HOH G 3 .   ? -7.065  -3.302  16.009  1.00 20.53 ? 226 HOH A O   1 
HETATM 1407 O  O   . HOH G 3 .   ? 14.605  2.711   1.362   1.00 20.98 ? 227 HOH A O   1 
HETATM 1408 O  O   . HOH G 3 .   ? -2.824  9.096   10.108  1.00 21.77 ? 228 HOH A O   1 
HETATM 1409 O  O   . HOH G 3 .   ? -12.181 -4.883  12.709  1.00 22.02 ? 229 HOH A O   1 
HETATM 1410 O  O   . HOH G 3 .   ? -7.270  -14.191 11.057  1.00 22.44 ? 230 HOH A O   1 
HETATM 1411 O  O   . HOH G 3 .   ? 12.239  -3.592  8.768   1.00 22.96 ? 231 HOH A O   1 
HETATM 1412 O  O   . HOH G 3 .   ? 1.796   -8.622  14.023  1.00 22.58 ? 232 HOH A O   1 
HETATM 1413 O  O   . HOH G 3 .   ? -12.708 15.735  -8.613  1.00 22.62 ? 233 HOH A O   1 
HETATM 1414 O  O   . HOH G 3 .   ? 5.499   19.671  -0.578  1.00 23.61 ? 234 HOH A O   1 
HETATM 1415 O  O   . HOH G 3 .   ? 9.848   -20.630 -0.145  1.00 22.44 ? 235 HOH A O   1 
HETATM 1416 O  O   . HOH G 3 .   ? 0.910   -11.571 11.381  1.00 22.42 ? 236 HOH A O   1 
HETATM 1417 O  O   . HOH G 3 .   ? -16.517 11.444  -4.657  1.00 22.66 ? 237 HOH A O   1 
HETATM 1418 O  O   . HOH G 3 .   ? 15.615  -4.173  -12.374 1.00 23.26 ? 238 HOH A O   1 
HETATM 1419 O  O   . HOH G 3 .   ? 4.576   -15.427 -9.488  1.00 23.31 ? 239 HOH A O   1 
HETATM 1420 O  O   . HOH G 3 .   ? -12.234 17.273  4.457   1.00 24.01 ? 240 HOH A O   1 
HETATM 1421 O  O   . HOH G 3 .   ? 11.030  6.117   -17.371 1.00 24.38 ? 241 HOH A O   1 
HETATM 1422 O  O   . HOH G 3 .   ? -15.670 10.471  6.520   1.00 24.26 ? 242 HOH A O   1 
HETATM 1423 O  O   . HOH G 3 .   ? -19.311 -2.958  0.406   1.00 24.09 ? 243 HOH A O   1 
HETATM 1424 O  O   . HOH G 3 .   ? -16.660 2.873   12.723  1.00 24.34 ? 244 HOH A O   1 
HETATM 1425 O  O   . HOH G 3 .   ? -10.988 10.876  13.192  1.00 25.24 ? 245 HOH A O   1 
HETATM 1426 O  O   . HOH G 3 .   ? 14.105  -2.362  -18.221 1.00 24.33 ? 246 HOH A O   1 
HETATM 1427 O  O   . HOH G 3 .   ? -14.059 -10.876 10.735  1.00 24.54 ? 247 HOH A O   1 
HETATM 1428 O  O   . HOH G 3 .   ? 15.766  -7.414  -4.071  1.00 25.25 ? 248 HOH A O   1 
HETATM 1429 O  O   . HOH G 3 .   ? 1.974   -2.679  -7.833  1.00 25.24 ? 249 HOH A O   1 
HETATM 1430 O  O   . HOH G 3 .   ? 5.969   0.097   -11.808 1.00 24.85 ? 250 HOH A O   1 
HETATM 1431 O  O   . HOH G 3 .   ? 4.823   -0.575  -14.407 1.00 25.53 ? 251 HOH A O   1 
HETATM 1432 O  O   . HOH G 3 .   ? -18.777 -0.164  -0.766  1.00 24.67 ? 252 HOH A O   1 
HETATM 1433 O  O   . HOH G 3 .   ? -4.571  7.810   -11.789 1.00 25.20 ? 253 HOH A O   1 
HETATM 1434 O  O   . HOH G 3 .   ? -18.116 10.122  5.397   1.00 24.87 ? 254 HOH A O   1 
HETATM 1435 O  O   . HOH G 3 .   ? 0.924   -2.309  -3.268  1.00 24.88 ? 255 HOH A O   1 
HETATM 1436 O  O   . HOH G 3 .   ? 13.680  -11.427 7.890   1.00 24.64 ? 256 HOH A O   1 
HETATM 1437 O  O   . HOH G 3 .   ? -3.767  -4.021  -5.828  1.00 26.60 ? 257 HOH A O   1 
HETATM 1438 O  O   . HOH G 3 .   ? -0.875  20.798  -0.700  1.00 26.12 ? 258 HOH A O   1 
HETATM 1439 O  O   . HOH G 3 .   ? 0.265   0.621   15.604  1.00 26.14 ? 259 HOH A O   1 
HETATM 1440 O  O   . HOH G 3 .   ? 2.857   13.108  9.380   1.00 26.13 ? 260 HOH A O   1 
HETATM 1441 O  O   . HOH G 3 .   ? 2.649   -3.264  -14.852 1.00 26.86 ? 261 HOH A O   1 
HETATM 1442 O  O   . HOH G 3 .   ? -12.190 -9.131  13.286  1.00 28.52 ? 262 HOH A O   1 
HETATM 1443 O  O   . HOH G 3 .   ? 11.773  6.665   6.318   1.00 28.39 ? 263 HOH A O   1 
HETATM 1444 O  O   . HOH G 3 .   ? 15.802  3.568   -21.834 1.00 27.43 ? 264 HOH A O   1 
HETATM 1445 O  O   . HOH G 3 .   ? -15.782 8.384   10.412  1.00 27.08 ? 265 HOH A O   1 
HETATM 1446 O  O   . HOH G 3 .   ? 2.274   -7.385  -10.025 1.00 26.64 ? 266 HOH A O   1 
HETATM 1447 O  O   . HOH G 3 .   ? -4.171  1.045   14.904  1.00 27.88 ? 267 HOH A O   1 
HETATM 1448 O  O   . HOH G 3 .   ? -4.451  17.869  5.869   1.00 27.49 ? 268 HOH A O   1 
HETATM 1449 O  O   . HOH G 3 .   ? 3.384   -11.009 -7.249  1.00 27.94 ? 269 HOH A O   1 
HETATM 1450 O  O   . HOH G 3 .   ? -17.289 12.247  1.769   1.00 28.31 ? 270 HOH A O   1 
HETATM 1451 O  O   . HOH G 3 .   ? 19.361  -2.989  -9.723  1.00 28.33 ? 271 HOH A O   1 
HETATM 1452 O  O   . HOH G 3 .   ? 10.841  -3.289  -18.651 1.00 28.87 ? 272 HOH A O   1 
HETATM 1453 O  O   . HOH G 3 .   ? 15.874  0.829   -21.848 1.00 29.80 ? 273 HOH A O   1 
HETATM 1454 O  O   . HOH G 3 .   ? 17.423  -0.236  -4.091  1.00 29.56 ? 274 HOH A O   1 
HETATM 1455 O  O   . HOH G 3 .   ? -19.639 -3.753  4.535   1.00 29.72 ? 275 HOH A O   1 
HETATM 1456 O  O   . HOH G 3 .   ? 7.612   5.532   -15.865 1.00 29.20 ? 276 HOH A O   1 
HETATM 1457 O  O   . HOH G 3 .   ? -18.593 8.393   0.773   1.00 29.90 ? 277 HOH A O   1 
HETATM 1458 O  O   . HOH G 3 .   ? 19.143  5.058   -9.690  1.00 30.90 ? 278 HOH A O   1 
HETATM 1459 O  O   . HOH G 3 .   ? 23.804  5.023   -10.677 1.00 29.62 ? 279 HOH A O   1 
HETATM 1460 O  O   . HOH G 3 .   ? -14.427 -4.051  13.523  1.00 31.28 ? 280 HOH A O   1 
HETATM 1461 O  O   . HOH G 3 .   ? 16.871  6.311   -5.277  1.00 31.31 ? 281 HOH A O   1 
HETATM 1462 O  O   . HOH G 3 .   ? 2.606   10.660  -11.496 1.00 30.17 ? 282 HOH A O   1 
HETATM 1463 O  O   . HOH G 3 .   ? 2.803   5.525   12.697  1.00 30.72 ? 283 HOH A O   1 
HETATM 1464 O  O   . HOH G 3 .   ? 1.105   1.982   -15.920 1.00 31.80 ? 284 HOH A O   1 
HETATM 1465 O  O   . HOH G 3 .   ? -9.768  -2.611  15.955  1.00 31.11 ? 285 HOH A O   1 
HETATM 1466 O  O   . HOH G 3 .   ? 23.454  8.706   -12.889 1.00 32.12 ? 286 HOH A O   1 
HETATM 1467 O  O   . HOH G 3 .   ? 3.322   -5.211  11.166  1.00 30.80 ? 287 HOH A O   1 
HETATM 1468 O  O   . HOH G 3 .   ? 1.644   14.061  -5.623  1.00 30.38 ? 288 HOH A O   1 
HETATM 1469 O  O   . HOH G 3 .   ? -14.455 -12.658 8.991   1.00 30.72 ? 289 HOH A O   1 
HETATM 1470 O  O   . HOH G 3 .   ? -1.651  14.229  -6.209  1.00 31.68 ? 290 HOH A O   1 
HETATM 1471 O  O   . HOH G 3 .   ? 3.462   -1.714  14.554  1.00 30.33 ? 291 HOH A O   1 
HETATM 1472 O  O   . HOH G 3 .   ? 16.201  5.496   -0.781  1.00 31.72 ? 292 HOH A O   1 
HETATM 1473 O  O   . HOH G 3 .   ? -3.282  15.256  -8.499  1.00 31.48 ? 293 HOH A O   1 
HETATM 1474 O  O   . HOH G 3 .   ? 7.189   -1.640  -18.995 1.00 33.02 ? 294 HOH A O   1 
HETATM 1475 O  O   . HOH G 3 .   ? -6.680  19.761  3.706   1.00 32.39 ? 295 HOH A O   1 
HETATM 1476 O  O   . HOH G 3 .   ? 8.864   2.594   -18.599 1.00 31.55 ? 296 HOH A O   1 
HETATM 1477 O  O   . HOH G 3 .   ? 14.073  -16.787 8.382   1.00 32.00 ? 297 HOH A O   1 
HETATM 1478 O  O   . HOH G 3 .   ? 1.728   -5.665  -8.049  1.00 31.67 ? 298 HOH A O   1 
HETATM 1479 O  O   . HOH G 3 .   ? -14.570 -17.349 10.718  1.00 32.13 ? 299 HOH A O   1 
HETATM 1480 O  O   . HOH G 3 .   ? 8.111   -21.712 7.953   1.00 32.22 ? 300 HOH A O   1 
HETATM 1481 O  O   . HOH G 3 .   ? -16.480 -2.903  12.300  1.00 31.81 ? 301 HOH A O   1 
HETATM 1482 O  O   . HOH G 3 .   ? 8.372   11.282  -14.942 1.00 32.22 ? 302 HOH A O   1 
HETATM 1483 O  O   . HOH G 3 .   ? -5.958  14.617  -9.541  1.00 32.85 ? 303 HOH A O   1 
HETATM 1484 O  O   . HOH G 3 .   ? 5.715   -18.209 -9.449  1.00 31.90 ? 304 HOH A O   1 
HETATM 1485 O  O   . HOH G 3 .   ? -16.460 9.835   3.112   1.00 32.47 ? 305 HOH A O   1 
HETATM 1486 O  O   . HOH G 3 .   ? -2.541  -4.548  -2.158  1.00 32.55 ? 306 HOH A O   1 
HETATM 1487 O  O   . HOH G 3 .   ? 14.642  4.443   4.058   1.00 31.86 ? 307 HOH A O   1 
HETATM 1488 O  O   . HOH G 3 .   ? -0.904  8.233   14.756  1.00 32.57 ? 308 HOH A O   1 
HETATM 1489 O  O   . HOH G 3 .   ? 11.463  -13.020 -0.163  1.00 31.51 ? 309 HOH A O   1 
HETATM 1490 O  O   . HOH G 3 .   ? 5.788   13.817  -5.509  1.00 33.06 ? 310 HOH A O   1 
HETATM 1491 O  O   . HOH G 3 .   ? 12.375  -5.324  6.251   1.00 33.46 ? 311 HOH A O   1 
HETATM 1492 O  O   . HOH G 3 .   ? -9.262  -18.304 8.423   1.00 32.67 ? 312 HOH A O   1 
HETATM 1493 O  O   . HOH G 3 .   ? 9.677   -1.570  -17.545 1.00 34.09 ? 313 HOH A O   1 
HETATM 1494 O  O   . HOH G 3 .   ? -12.134 17.111  -11.010 1.00 33.11 ? 314 HOH A O   1 
HETATM 1495 O  O   . HOH G 3 .   ? 0.715   5.330   14.834  1.00 33.73 ? 315 HOH A O   1 
HETATM 1496 O  O   . HOH G 3 .   ? 5.290   4.022   -16.642 1.00 32.80 ? 316 HOH A O   1 
HETATM 1497 O  O   . HOH G 3 .   ? -16.758 -4.809  9.725   1.00 33.47 ? 317 HOH A O   1 
HETATM 1498 O  O   . HOH G 3 .   ? -8.820  -14.421 4.241   1.00 33.20 ? 318 HOH A O   1 
HETATM 1499 O  O   . HOH G 3 .   ? 7.286   13.106  -12.320 1.00 34.31 ? 319 HOH A O   1 
HETATM 1500 O  O   . HOH G 3 .   ? 2.588   -11.811 -4.680  1.00 34.89 ? 320 HOH A O   1 
HETATM 1501 O  O   . HOH G 3 .   ? 7.337   1.071   12.262  1.00 34.25 ? 321 HOH A O   1 
HETATM 1502 O  O   . HOH G 3 .   ? -5.023  -18.250 3.775   1.00 34.79 ? 322 HOH A O   1 
HETATM 1503 O  O   . HOH G 3 .   ? 3.177   16.335  -4.171  1.00 35.61 ? 323 HOH A O   1 
HETATM 1504 O  O   . HOH G 3 .   ? -13.883 -8.294  -2.109  1.00 35.96 ? 324 HOH A O   1 
HETATM 1505 O  O   . HOH G 3 .   ? -0.725  -9.576  -2.947  1.00 33.94 ? 325 HOH A O   1 
HETATM 1506 O  O   . HOH G 3 .   ? 15.006  -3.145  1.258   1.00 34.59 ? 326 HOH A O   1 
HETATM 1507 O  O   . HOH G 3 .   ? -18.169 -4.071  8.008   1.00 34.62 ? 327 HOH A O   1 
HETATM 1508 O  O   . HOH G 3 .   ? 3.356   11.204  11.071  1.00 36.34 ? 328 HOH A O   1 
HETATM 1509 O  O   . HOH G 3 .   ? -7.780  -13.896 0.332   1.00 35.72 ? 329 HOH A O   1 
HETATM 1510 O  O   . HOH G 3 .   ? 9.048   -17.392 -4.077  1.00 36.91 ? 330 HOH A O   1 
HETATM 1511 O  O   . HOH G 3 .   ? 9.053   9.851   -17.151 1.00 36.03 ? 331 HOH A O   1 
HETATM 1512 O  O   . HOH G 3 .   ? -20.485 5.990   -5.268  1.00 37.19 ? 332 HOH A O   1 
HETATM 1513 O  O   . HOH G 3 .   ? -15.227 -7.817  11.222  1.00 35.95 ? 333 HOH A O   1 
HETATM 1514 O  O   . HOH G 3 .   ? 13.234  -9.671  3.382   1.00 35.20 ? 334 HOH A O   1 
HETATM 1515 O  O   . HOH G 3 .   ? 16.728  -4.554  -16.542 1.00 35.62 ? 335 HOH A O   1 
HETATM 1516 O  O   . HOH G 3 .   ? -7.855  4.302   15.376  1.00 35.97 ? 336 HOH A O   1 
HETATM 1517 O  O   . HOH G 3 .   ? 15.409  -0.257  0.733   1.00 37.81 ? 337 HOH A O   1 
HETATM 1518 O  O   . HOH G 3 .   ? 17.553  0.020   -1.377  1.00 36.10 ? 338 HOH A O   1 
HETATM 1519 O  O   . HOH G 3 .   ? -15.673 5.440   13.553  1.00 35.03 ? 339 HOH A O   1 
HETATM 1520 O  O   . HOH G 3 .   ? -10.576 -8.149  -5.187  1.00 35.87 ? 340 HOH A O   1 
HETATM 1521 O  O   . HOH G 3 .   ? 16.466  -9.955  -5.349  1.00 36.83 ? 341 HOH A O   1 
HETATM 1522 O  O   . HOH G 3 .   ? -0.989  -4.836  -12.191 1.00 38.27 ? 342 HOH A O   1 
HETATM 1523 O  O   . HOH G 3 .   ? -2.482  9.648   12.843  1.00 38.73 ? 343 HOH A O   1 
HETATM 1524 O  O   . HOH G 3 .   ? -2.332  -0.155  -6.494  1.00 39.00 ? 344 HOH A O   1 
HETATM 1525 O  O   . HOH G 3 .   ? 11.587  -7.202  12.658  1.00 39.40 ? 345 HOH A O   1 
HETATM 1526 O  O   . HOH G 3 .   ? -0.304  -4.719  -5.373  1.00 39.34 ? 346 HOH A O   1 
HETATM 1527 O  O   . HOH G 3 .   ? -11.976 13.816  9.581   1.00 37.19 ? 347 HOH A O   1 
HETATM 1528 O  O   . HOH G 3 .   ? -10.104 19.825  3.658   1.00 39.06 ? 348 HOH A O   1 
HETATM 1529 O  O   . HOH G 3 .   ? -11.010 6.032   16.953  1.00 40.34 ? 349 HOH A O   1 
HETATM 1530 O  O   . HOH G 3 .   ? -4.955  -14.478 -1.378  1.00 38.56 ? 350 HOH A O   1 
HETATM 1531 O  O   . HOH G 3 .   ? 5.447   -24.289 0.398   1.00 42.29 ? 351 HOH A O   1 
HETATM 1532 O  O   . HOH G 3 .   ? -17.296 0.921   15.131  1.00 38.62 ? 352 HOH A O   1 
HETATM 1533 O  O   . HOH G 3 .   ? -9.842  11.651  16.058  1.00 38.84 ? 353 HOH A O   1 
HETATM 1534 O  O   . HOH G 3 .   ? 8.535   7.453   -17.545 1.00 37.93 ? 354 HOH A O   1 
HETATM 1535 O  O   . HOH G 3 .   ? 13.943  -13.256 -0.555  1.00 41.70 ? 355 HOH A O   1 
HETATM 1536 O  O   . HOH G 3 .   ? 16.842  -21.055 -3.012  1.00 40.29 ? 356 HOH A O   1 
HETATM 1537 O  O   . HOH G 3 .   ? 0.344   0.403   -13.126 1.00 39.60 ? 357 HOH A O   1 
HETATM 1538 O  O   . HOH G 3 .   ? 0.048   -5.030  -2.836  1.00 40.71 ? 358 HOH A O   1 
HETATM 1539 O  O   . HOH G 3 .   ? 15.424  3.993   6.441   1.00 41.46 ? 359 HOH A O   1 
HETATM 1540 O  O   . HOH G 3 .   ? 1.115   -18.869 -4.149  1.00 40.51 ? 360 HOH A O   1 
HETATM 1541 O  O   . HOH G 3 .   ? -0.228  17.785  -6.255  1.00 41.04 ? 361 HOH A O   1 
HETATM 1542 O  O   . HOH G 3 .   ? -16.306 3.141   15.184  1.00 42.28 ? 362 HOH A O   1 
HETATM 1543 O  O   . HOH G 3 .   ? -19.829 6.517   -0.581  1.00 41.41 ? 363 HOH A O   1 
HETATM 1544 O  O   . HOH G 3 .   ? -12.986 6.363   15.218  1.00 40.82 ? 364 HOH A O   1 
HETATM 1545 O  O   . HOH G 3 .   ? -1.235  -13.610 12.945  1.00 42.51 ? 365 HOH A O   1 
HETATM 1546 O  O   . HOH G 3 .   ? -2.841  -20.669 2.288   1.00 44.17 ? 366 HOH A O   1 
HETATM 1547 O  O   . HOH G 3 .   ? 2.759   9.693   13.070  1.00 42.09 ? 367 HOH A O   1 
HETATM 1548 O  O   . HOH G 3 .   ? 9.232   -4.297  13.264  1.00 45.31 ? 368 HOH A O   1 
HETATM 1549 O  O   . HOH G 3 .   ? 14.442  -13.636 8.590   1.00 42.97 ? 369 HOH A O   1 
HETATM 1550 O  O   . HOH G 3 .   ? -1.472  -0.669  -11.517 1.00 44.24 ? 370 HOH A O   1 
HETATM 1551 O  O   . HOH G 3 .   ? -10.866 8.459   -15.665 1.00 45.00 ? 371 HOH A O   1 
HETATM 1552 O  O   . HOH G 3 .   ? -1.793  8.089   -12.119 1.00 43.44 ? 372 HOH A O   1 
HETATM 1553 O  O   . HOH G 3 .   ? -0.713  -21.180 -0.219  1.00 45.48 ? 373 HOH A O   1 
HETATM 1554 O  O   . HOH G 3 .   ? 12.238  -5.908  10.269  1.00 41.82 ? 374 HOH A O   1 
HETATM 1555 O  O   . HOH G 3 .   ? -19.128 11.635  -2.198  1.00 46.05 ? 375 HOH A O   1 
HETATM 1556 O  O   . HOH G 3 .   ? 9.729   11.350  -5.455  1.00 45.10 ? 376 HOH A O   1 
HETATM 1557 O  O   . HOH G 3 .   ? 2.789   19.840  -2.736  1.00 45.56 ? 377 HOH A O   1 
HETATM 1558 O  O   . HOH G 3 .   ? 3.240   2.141   15.358  1.00 47.17 ? 378 HOH A O   1 
HETATM 1559 O  O   . HOH G 3 .   ? 0.429   20.516  -2.808  1.00 46.11 ? 379 HOH A O   1 
HETATM 1560 O  O   . HOH G 3 .   ? -10.295 1.421   18.591  1.00 49.89 ? 380 HOH A O   1 
HETATM 1561 O  O   . HOH G 3 .   ? 5.458   -11.547 14.901  1.00 53.28 ? 381 HOH A O   1 
HETATM 1562 O  O   . HOH G 3 .   ? -14.183 14.562  -11.968 1.00 52.56 ? 382 HOH A O   1 
HETATM 1563 O  O   . HOH G 3 .   ? 20.933  9.356   -14.549 1.00 57.71 ? 383 HOH A O   1 
# 
